data_5BRJ
# 
_entry.id   5BRJ 
# 
_audit_conform.dict_name       mmcif_pdbx.dic 
_audit_conform.dict_version    5.387 
_audit_conform.dict_location   http://mmcif.pdb.org/dictionaries/ascii/mmcif_pdbx.dic 
# 
loop_
_database_2.database_id 
_database_2.database_code 
_database_2.pdbx_database_accession 
_database_2.pdbx_DOI 
PDB   5BRJ         pdb_00005brj 10.2210/pdb5brj/pdb 
WWPDB D_1000209181 ?            ?                   
# 
loop_
_pdbx_audit_revision_history.ordinal 
_pdbx_audit_revision_history.data_content_type 
_pdbx_audit_revision_history.major_revision 
_pdbx_audit_revision_history.minor_revision 
_pdbx_audit_revision_history.revision_date 
1 'Structure model' 1 0 2016-02-24 
2 'Structure model' 1 1 2016-04-13 
3 'Structure model' 1 2 2017-09-06 
4 'Structure model' 1 3 2017-11-01 
5 'Structure model' 1 4 2019-11-27 
6 'Structure model' 1 5 2024-03-06 
# 
_pdbx_audit_revision_details.ordinal             1 
_pdbx_audit_revision_details.revision_ordinal    1 
_pdbx_audit_revision_details.data_content_type   'Structure model' 
_pdbx_audit_revision_details.provider            repository 
_pdbx_audit_revision_details.type                'Initial release' 
_pdbx_audit_revision_details.description         ? 
_pdbx_audit_revision_details.details             ? 
# 
loop_
_pdbx_audit_revision_group.ordinal 
_pdbx_audit_revision_group.revision_ordinal 
_pdbx_audit_revision_group.data_content_type 
_pdbx_audit_revision_group.group 
1 2 'Structure model' 'Database references'        
2 3 'Structure model' 'Author supporting evidence' 
3 3 'Structure model' 'Database references'        
4 3 'Structure model' 'Derived calculations'       
5 4 'Structure model' 'Author supporting evidence' 
6 5 'Structure model' 'Author supporting evidence' 
7 6 'Structure model' 'Data collection'            
8 6 'Structure model' 'Database references'        
# 
loop_
_pdbx_audit_revision_category.ordinal 
_pdbx_audit_revision_category.revision_ordinal 
_pdbx_audit_revision_category.data_content_type 
_pdbx_audit_revision_category.category 
1 3 'Structure model' citation                           
2 3 'Structure model' pdbx_audit_support                 
3 3 'Structure model' pdbx_struct_oper_list              
4 4 'Structure model' pdbx_struct_assembly_auth_evidence 
5 5 'Structure model' pdbx_audit_support                 
6 6 'Structure model' chem_comp_atom                     
7 6 'Structure model' chem_comp_bond                     
8 6 'Structure model' database_2                         
# 
loop_
_pdbx_audit_revision_item.ordinal 
_pdbx_audit_revision_item.revision_ordinal 
_pdbx_audit_revision_item.data_content_type 
_pdbx_audit_revision_item.item 
1 3 'Structure model' '_citation.journal_id_CSD'                  
2 3 'Structure model' '_pdbx_audit_support.funding_organization'  
3 3 'Structure model' '_pdbx_struct_oper_list.symmetry_operation' 
4 5 'Structure model' '_pdbx_audit_support.funding_organization'  
5 6 'Structure model' '_database_2.pdbx_DOI'                      
6 6 'Structure model' '_database_2.pdbx_database_accession'       
# 
_pdbx_database_status.status_code                     REL 
_pdbx_database_status.status_code_sf                  REL 
_pdbx_database_status.status_code_mr                  ? 
_pdbx_database_status.entry_id                        5BRJ 
_pdbx_database_status.recvd_initial_deposition_date   2015-05-31 
_pdbx_database_status.SG_entry                        N 
_pdbx_database_status.deposit_site                    RCSB 
_pdbx_database_status.process_site                    RCSB 
_pdbx_database_status.status_code_cs                  ? 
_pdbx_database_status.methods_development_category    ? 
_pdbx_database_status.pdb_format_compatible           Y 
_pdbx_database_status.status_code_nmr_data            ? 
# 
loop_
_audit_author.name 
_audit_author.pdbx_ordinal 
'Baker, A.W.'    1 
'Satyshur, K.A.' 2 
'Forest, K.T.'   3 
# 
_citation.abstract                  ? 
_citation.abstract_id_CAS           ? 
_citation.book_id_ISBN              ? 
_citation.book_publisher            ? 
_citation.book_publisher_city       ? 
_citation.book_title                ? 
_citation.coordinate_linkage        ? 
_citation.country                   US 
_citation.database_id_Medline       ? 
_citation.details                   ? 
_citation.id                        primary 
_citation.journal_abbrev            J.Bacteriol. 
_citation.journal_id_ASTM           JOBAAY 
_citation.journal_id_CSD            0767 
_citation.journal_id_ISSN           1098-5530 
_citation.journal_full              ? 
_citation.journal_issue             ? 
_citation.journal_volume            198 
_citation.language                  ? 
_citation.page_first                1218 
_citation.page_last                 1229 
_citation.title                     'Arm-in-Arm Response Regulator Dimers Promote Intermolecular Signal Transduction.' 
_citation.year                      2016 
_citation.database_id_CSD           ? 
_citation.pdbx_database_id_DOI      10.1128/JB.00872-15 
_citation.pdbx_database_id_PubMed   26833410 
_citation.unpublished_flag          ? 
# 
loop_
_citation_author.citation_id 
_citation_author.name 
_citation_author.ordinal 
_citation_author.identifier_ORCID 
primary 'Baker, A.W.'        1 ? 
primary 'Satyshur, K.A.'     2 ? 
primary 'Moreno Morales, N.' 3 ? 
primary 'Forest, K.T.'       4 ? 
# 
loop_
_entity.id 
_entity.type 
_entity.src_method 
_entity.pdbx_description 
_entity.formula_weight 
_entity.pdbx_number_of_molecules 
_entity.pdbx_ec 
_entity.pdbx_mutation 
_entity.pdbx_fragment 
_entity.details 
1 polymer     man 'Two component response regulator' 15795.063 1   ? ? ? ? 
2 non-polymer syn 'MAGNESIUM ION'                    24.305    1   ? ? ? ? 
3 water       nat water                              18.015    135 ? ? ? ? 
# 
_entity_poly.entity_id                      1 
_entity_poly.type                           'polypeptide(L)' 
_entity_poly.nstd_linkage                   no 
_entity_poly.nstd_monomer                   no 
_entity_poly.pdbx_seq_one_letter_code       
;MPELRPILLVEDNPRDLELTLTALEKCQLANEVVVARDGTEALDYLNVTGSYHNRPGGDPAVVLLDLKLPKVDGLEVLQT
VKGSDHLRHIPVVMLTSSREEQDLVRSYELGVNAFVVKPVEFNQFFKAIQDLGVFWALLNE
;
_entity_poly.pdbx_seq_one_letter_code_can   
;MPELRPILLVEDNPRDLELTLTALEKCQLANEVVVARDGTEALDYLNVTGSYHNRPGGDPAVVLLDLKLPKVDGLEVLQT
VKGSDHLRHIPVVMLTSSREEQDLVRSYELGVNAFVVKPVEFNQFFKAIQDLGVFWALLNE
;
_entity_poly.pdbx_strand_id                 A 
_entity_poly.pdbx_target_identifier         ? 
# 
loop_
_pdbx_entity_nonpoly.entity_id 
_pdbx_entity_nonpoly.name 
_pdbx_entity_nonpoly.comp_id 
2 'MAGNESIUM ION' MG  
3 water           HOH 
# 
loop_
_entity_poly_seq.entity_id 
_entity_poly_seq.num 
_entity_poly_seq.mon_id 
_entity_poly_seq.hetero 
1 1   MET n 
1 2   PRO n 
1 3   GLU n 
1 4   LEU n 
1 5   ARG n 
1 6   PRO n 
1 7   ILE n 
1 8   LEU n 
1 9   LEU n 
1 10  VAL n 
1 11  GLU n 
1 12  ASP n 
1 13  ASN n 
1 14  PRO n 
1 15  ARG n 
1 16  ASP n 
1 17  LEU n 
1 18  GLU n 
1 19  LEU n 
1 20  THR n 
1 21  LEU n 
1 22  THR n 
1 23  ALA n 
1 24  LEU n 
1 25  GLU n 
1 26  LYS n 
1 27  CYS n 
1 28  GLN n 
1 29  LEU n 
1 30  ALA n 
1 31  ASN n 
1 32  GLU n 
1 33  VAL n 
1 34  VAL n 
1 35  VAL n 
1 36  ALA n 
1 37  ARG n 
1 38  ASP n 
1 39  GLY n 
1 40  THR n 
1 41  GLU n 
1 42  ALA n 
1 43  LEU n 
1 44  ASP n 
1 45  TYR n 
1 46  LEU n 
1 47  ASN n 
1 48  VAL n 
1 49  THR n 
1 50  GLY n 
1 51  SER n 
1 52  TYR n 
1 53  HIS n 
1 54  ASN n 
1 55  ARG n 
1 56  PRO n 
1 57  GLY n 
1 58  GLY n 
1 59  ASP n 
1 60  PRO n 
1 61  ALA n 
1 62  VAL n 
1 63  VAL n 
1 64  LEU n 
1 65  LEU n 
1 66  ASP n 
1 67  LEU n 
1 68  LYS n 
1 69  LEU n 
1 70  PRO n 
1 71  LYS n 
1 72  VAL n 
1 73  ASP n 
1 74  GLY n 
1 75  LEU n 
1 76  GLU n 
1 77  VAL n 
1 78  LEU n 
1 79  GLN n 
1 80  THR n 
1 81  VAL n 
1 82  LYS n 
1 83  GLY n 
1 84  SER n 
1 85  ASP n 
1 86  HIS n 
1 87  LEU n 
1 88  ARG n 
1 89  HIS n 
1 90  ILE n 
1 91  PRO n 
1 92  VAL n 
1 93  VAL n 
1 94  MET n 
1 95  LEU n 
1 96  THR n 
1 97  SER n 
1 98  SER n 
1 99  ARG n 
1 100 GLU n 
1 101 GLU n 
1 102 GLN n 
1 103 ASP n 
1 104 LEU n 
1 105 VAL n 
1 106 ARG n 
1 107 SER n 
1 108 TYR n 
1 109 GLU n 
1 110 LEU n 
1 111 GLY n 
1 112 VAL n 
1 113 ASN n 
1 114 ALA n 
1 115 PHE n 
1 116 VAL n 
1 117 VAL n 
1 118 LYS n 
1 119 PRO n 
1 120 VAL n 
1 121 GLU n 
1 122 PHE n 
1 123 ASN n 
1 124 GLN n 
1 125 PHE n 
1 126 PHE n 
1 127 LYS n 
1 128 ALA n 
1 129 ILE n 
1 130 GLN n 
1 131 ASP n 
1 132 LEU n 
1 133 GLY n 
1 134 VAL n 
1 135 PHE n 
1 136 TRP n 
1 137 ALA n 
1 138 LEU n 
1 139 LEU n 
1 140 ASN n 
1 141 GLU n 
# 
_entity_src_gen.entity_id                          1 
_entity_src_gen.pdbx_src_id                        1 
_entity_src_gen.pdbx_alt_source_flag               sample 
_entity_src_gen.pdbx_seq_type                      'Biological sequence' 
_entity_src_gen.pdbx_beg_seq_num                   1 
_entity_src_gen.pdbx_end_seq_num                   141 
_entity_src_gen.gene_src_common_name               ? 
_entity_src_gen.gene_src_genus                     ? 
_entity_src_gen.pdbx_gene_src_gene                 ATCR1_17512 
_entity_src_gen.gene_src_species                   ? 
_entity_src_gen.gene_src_strain                    ? 
_entity_src_gen.gene_src_tissue                    ? 
_entity_src_gen.gene_src_tissue_fraction           ? 
_entity_src_gen.gene_src_details                   ? 
_entity_src_gen.pdbx_gene_src_fragment             ? 
_entity_src_gen.pdbx_gene_src_scientific_name      'Agrobacterium tumefaciens CCNWGS0286' 
_entity_src_gen.pdbx_gene_src_ncbi_taxonomy_id     1082932 
_entity_src_gen.pdbx_gene_src_variant              ? 
_entity_src_gen.pdbx_gene_src_cell_line            ? 
_entity_src_gen.pdbx_gene_src_atcc                 ? 
_entity_src_gen.pdbx_gene_src_organ                ? 
_entity_src_gen.pdbx_gene_src_organelle            ? 
_entity_src_gen.pdbx_gene_src_cell                 ? 
_entity_src_gen.pdbx_gene_src_cellular_location    ? 
_entity_src_gen.host_org_common_name               ? 
_entity_src_gen.pdbx_host_org_scientific_name      'Escherichia coli' 
_entity_src_gen.pdbx_host_org_ncbi_taxonomy_id     469008 
_entity_src_gen.host_org_genus                     ? 
_entity_src_gen.pdbx_host_org_gene                 ? 
_entity_src_gen.pdbx_host_org_organ                ? 
_entity_src_gen.host_org_species                   ? 
_entity_src_gen.pdbx_host_org_tissue               ? 
_entity_src_gen.pdbx_host_org_tissue_fraction      ? 
_entity_src_gen.pdbx_host_org_strain               'BL21(DE3)' 
_entity_src_gen.pdbx_host_org_variant              ? 
_entity_src_gen.pdbx_host_org_cell_line            ? 
_entity_src_gen.pdbx_host_org_atcc                 ? 
_entity_src_gen.pdbx_host_org_culture_collection   ? 
_entity_src_gen.pdbx_host_org_cell                 ? 
_entity_src_gen.pdbx_host_org_organelle            ? 
_entity_src_gen.pdbx_host_org_cellular_location    ? 
_entity_src_gen.pdbx_host_org_vector_type          ? 
_entity_src_gen.pdbx_host_org_vector               ? 
_entity_src_gen.host_org_details                   ? 
_entity_src_gen.expression_system_id               ? 
_entity_src_gen.plasmid_name                       ? 
_entity_src_gen.plasmid_details                    ? 
_entity_src_gen.pdbx_description                   ? 
# 
loop_
_chem_comp.id 
_chem_comp.type 
_chem_comp.mon_nstd_flag 
_chem_comp.name 
_chem_comp.pdbx_synonyms 
_chem_comp.formula 
_chem_comp.formula_weight 
ALA 'L-peptide linking' y ALANINE         ? 'C3 H7 N O2'     89.093  
ARG 'L-peptide linking' y ARGININE        ? 'C6 H15 N4 O2 1' 175.209 
ASN 'L-peptide linking' y ASPARAGINE      ? 'C4 H8 N2 O3'    132.118 
ASP 'L-peptide linking' y 'ASPARTIC ACID' ? 'C4 H7 N O4'     133.103 
CYS 'L-peptide linking' y CYSTEINE        ? 'C3 H7 N O2 S'   121.158 
GLN 'L-peptide linking' y GLUTAMINE       ? 'C5 H10 N2 O3'   146.144 
GLU 'L-peptide linking' y 'GLUTAMIC ACID' ? 'C5 H9 N O4'     147.129 
GLY 'peptide linking'   y GLYCINE         ? 'C2 H5 N O2'     75.067  
HIS 'L-peptide linking' y HISTIDINE       ? 'C6 H10 N3 O2 1' 156.162 
HOH non-polymer         . WATER           ? 'H2 O'           18.015  
ILE 'L-peptide linking' y ISOLEUCINE      ? 'C6 H13 N O2'    131.173 
LEU 'L-peptide linking' y LEUCINE         ? 'C6 H13 N O2'    131.173 
LYS 'L-peptide linking' y LYSINE          ? 'C6 H15 N2 O2 1' 147.195 
MET 'L-peptide linking' y METHIONINE      ? 'C5 H11 N O2 S'  149.211 
MG  non-polymer         . 'MAGNESIUM ION' ? 'Mg 2'           24.305  
PHE 'L-peptide linking' y PHENYLALANINE   ? 'C9 H11 N O2'    165.189 
PRO 'L-peptide linking' y PROLINE         ? 'C5 H9 N O2'     115.130 
SER 'L-peptide linking' y SERINE          ? 'C3 H7 N O3'     105.093 
THR 'L-peptide linking' y THREONINE       ? 'C4 H9 N O3'     119.119 
TRP 'L-peptide linking' y TRYPTOPHAN      ? 'C11 H12 N2 O2'  204.225 
TYR 'L-peptide linking' y TYROSINE        ? 'C9 H11 N O3'    181.189 
VAL 'L-peptide linking' y VALINE          ? 'C5 H11 N O2'    117.146 
# 
loop_
_pdbx_poly_seq_scheme.asym_id 
_pdbx_poly_seq_scheme.entity_id 
_pdbx_poly_seq_scheme.seq_id 
_pdbx_poly_seq_scheme.mon_id 
_pdbx_poly_seq_scheme.ndb_seq_num 
_pdbx_poly_seq_scheme.pdb_seq_num 
_pdbx_poly_seq_scheme.auth_seq_num 
_pdbx_poly_seq_scheme.pdb_mon_id 
_pdbx_poly_seq_scheme.auth_mon_id 
_pdbx_poly_seq_scheme.pdb_strand_id 
_pdbx_poly_seq_scheme.pdb_ins_code 
_pdbx_poly_seq_scheme.hetero 
A 1 1   MET 1   0   ?   ?   ?   A . n 
A 1 2   PRO 2   1   1   PRO PRO A . n 
A 1 3   GLU 3   2   2   GLU GLU A . n 
A 1 4   LEU 4   3   3   LEU LEU A . n 
A 1 5   ARG 5   4   4   ARG ARG A . n 
A 1 6   PRO 6   5   5   PRO PRO A . n 
A 1 7   ILE 7   6   6   ILE ILE A . n 
A 1 8   LEU 8   7   7   LEU LEU A . n 
A 1 9   LEU 9   8   8   LEU LEU A . n 
A 1 10  VAL 10  9   9   VAL VAL A . n 
A 1 11  GLU 11  10  10  GLU GLU A . n 
A 1 12  ASP 12  11  11  ASP ASP A . n 
A 1 13  ASN 13  12  12  ASN ASN A . n 
A 1 14  PRO 14  13  13  PRO PRO A . n 
A 1 15  ARG 15  14  14  ARG ARG A . n 
A 1 16  ASP 16  15  15  ASP ASP A . n 
A 1 17  LEU 17  16  16  LEU LEU A . n 
A 1 18  GLU 18  17  17  GLU GLU A . n 
A 1 19  LEU 19  18  18  LEU LEU A . n 
A 1 20  THR 20  19  19  THR THR A . n 
A 1 21  LEU 21  20  20  LEU LEU A . n 
A 1 22  THR 22  21  21  THR THR A . n 
A 1 23  ALA 23  22  22  ALA ALA A . n 
A 1 24  LEU 24  23  23  LEU LEU A . n 
A 1 25  GLU 25  24  24  GLU GLU A . n 
A 1 26  LYS 26  25  25  LYS LYS A . n 
A 1 27  CYS 27  26  26  CYS CYS A . n 
A 1 28  GLN 28  27  27  GLN GLN A . n 
A 1 29  LEU 29  28  28  LEU LEU A . n 
A 1 30  ALA 30  29  29  ALA ALA A . n 
A 1 31  ASN 31  30  30  ASN ASN A . n 
A 1 32  GLU 32  31  31  GLU GLU A . n 
A 1 33  VAL 33  32  32  VAL VAL A . n 
A 1 34  VAL 34  33  33  VAL VAL A . n 
A 1 35  VAL 35  34  34  VAL VAL A . n 
A 1 36  ALA 36  35  35  ALA ALA A . n 
A 1 37  ARG 37  36  36  ARG ARG A . n 
A 1 38  ASP 38  37  37  ASP ASP A . n 
A 1 39  GLY 39  38  38  GLY GLY A . n 
A 1 40  THR 40  39  39  THR THR A . n 
A 1 41  GLU 41  40  40  GLU GLU A . n 
A 1 42  ALA 42  41  41  ALA ALA A . n 
A 1 43  LEU 43  42  42  LEU LEU A . n 
A 1 44  ASP 44  43  43  ASP ASP A . n 
A 1 45  TYR 45  44  44  TYR TYR A . n 
A 1 46  LEU 46  45  45  LEU LEU A . n 
A 1 47  ASN 47  46  46  ASN ASN A . n 
A 1 48  VAL 48  47  47  VAL VAL A . n 
A 1 49  THR 49  48  48  THR THR A . n 
A 1 50  GLY 50  49  49  GLY GLY A . n 
A 1 51  SER 51  50  50  SER SER A . n 
A 1 52  TYR 52  51  51  TYR TYR A . n 
A 1 53  HIS 53  52  52  HIS HIS A . n 
A 1 54  ASN 54  53  53  ASN ALA A . n 
A 1 55  ARG 55  54  54  ARG ARG A . n 
A 1 56  PRO 56  55  55  PRO PRO A . n 
A 1 57  GLY 57  56  56  GLY GLY A . n 
A 1 58  GLY 58  57  57  GLY GLY A . n 
A 1 59  ASP 59  58  58  ASP ASP A . n 
A 1 60  PRO 60  59  59  PRO PRO A . n 
A 1 61  ALA 61  60  60  ALA ALA A . n 
A 1 62  VAL 62  61  61  VAL VAL A . n 
A 1 63  VAL 63  62  62  VAL VAL A . n 
A 1 64  LEU 64  63  63  LEU LEU A . n 
A 1 65  LEU 65  64  64  LEU LEU A . n 
A 1 66  ASP 66  65  65  ASP ASP A . n 
A 1 67  LEU 67  66  66  LEU LEU A . n 
A 1 68  LYS 68  67  67  LYS LYS A . n 
A 1 69  LEU 69  68  68  LEU LEU A . n 
A 1 70  PRO 70  69  69  PRO PRO A . n 
A 1 71  LYS 71  70  70  LYS LYS A . n 
A 1 72  VAL 72  71  71  VAL VAL A . n 
A 1 73  ASP 73  72  72  ASP ASP A . n 
A 1 74  GLY 74  73  73  GLY GLY A . n 
A 1 75  LEU 75  74  74  LEU LEU A . n 
A 1 76  GLU 76  75  75  GLU GLU A . n 
A 1 77  VAL 77  76  76  VAL VAL A . n 
A 1 78  LEU 78  77  77  LEU LEU A . n 
A 1 79  GLN 79  78  78  GLN GLN A . n 
A 1 80  THR 80  79  79  THR THR A . n 
A 1 81  VAL 81  80  80  VAL VAL A . n 
A 1 82  LYS 82  81  81  LYS LYS A . n 
A 1 83  GLY 83  82  82  GLY GLY A . n 
A 1 84  SER 84  83  83  SER SER A . n 
A 1 85  ASP 85  84  84  ASP ASP A . n 
A 1 86  HIS 86  85  85  HIS HIS A . n 
A 1 87  LEU 87  86  86  LEU LEU A . n 
A 1 88  ARG 88  87  87  ARG ARG A . n 
A 1 89  HIS 89  88  88  HIS HIS A . n 
A 1 90  ILE 90  89  88  ILE ILE A . n 
A 1 91  PRO 91  90  89  PRO PRO A . n 
A 1 92  VAL 92  91  90  VAL VAL A . n 
A 1 93  VAL 93  92  91  VAL VAL A . n 
A 1 94  MET 94  93  92  MET MET A . n 
A 1 95  LEU 95  94  93  LEU LEU A . n 
A 1 96  THR 96  95  94  THR THR A . n 
A 1 97  SER 97  96  95  SER SER A . n 
A 1 98  SER 98  97  96  SER SER A . n 
A 1 99  ARG 99  98  97  ARG ALA A . n 
A 1 100 GLU 100 99  98  GLU GLU A . n 
A 1 101 GLU 101 100 99  GLU GLU A . n 
A 1 102 GLN 102 101 100 GLN GLN A . n 
A 1 103 ASP 103 102 101 ASP ASP A . n 
A 1 104 LEU 104 103 102 LEU LEU A . n 
A 1 105 VAL 105 104 103 VAL VAL A . n 
A 1 106 ARG 106 105 104 ARG ARG A . n 
A 1 107 SER 107 106 105 SER SER A . n 
A 1 108 TYR 108 107 106 TYR TYR A . n 
A 1 109 GLU 109 108 107 GLU GLU A . n 
A 1 110 LEU 110 109 108 LEU LEU A . n 
A 1 111 GLY 111 110 109 GLY GLY A . n 
A 1 112 VAL 112 111 110 VAL VAL A . n 
A 1 113 ASN 113 112 111 ASN ASN A . n 
A 1 114 ALA 114 113 112 ALA ALA A . n 
A 1 115 PHE 115 114 113 PHE PHE A . n 
A 1 116 VAL 116 115 114 VAL VAL A . n 
A 1 117 VAL 117 116 115 VAL VAL A . n 
A 1 118 LYS 118 117 116 LYS LYS A . n 
A 1 119 PRO 119 118 117 PRO PRO A . n 
A 1 120 VAL 120 119 118 VAL VAL A . n 
A 1 121 GLU 121 120 119 GLU GLU A . n 
A 1 122 PHE 122 121 120 PHE PHE A . n 
A 1 123 ASN 123 122 120 ASN ASN A . n 
A 1 124 GLN 124 123 121 GLN GLN A . n 
A 1 125 PHE 125 124 122 PHE PHE A . n 
A 1 126 PHE 126 125 123 PHE PHE A . n 
A 1 127 LYS 127 126 124 LYS LYS A . n 
A 1 128 ALA 128 127 125 ALA ALA A . n 
A 1 129 ILE 129 128 126 ILE ILE A . n 
A 1 130 GLN 130 129 127 GLN GLN A . n 
A 1 131 ASP 131 130 128 ASP ASP A . n 
A 1 132 LEU 132 131 129 LEU LEU A . n 
A 1 133 GLY 133 132 130 GLY GLY A . n 
A 1 134 VAL 134 133 131 VAL VAL A . n 
A 1 135 PHE 135 134 132 PHE PHE A . n 
A 1 136 TRP 136 135 133 TRP TRP A . n 
A 1 137 ALA 137 136 134 ALA ALA A . n 
A 1 138 LEU 138 137 135 LEU LEU A . n 
A 1 139 LEU 139 138 136 LEU LEU A . n 
A 1 140 ASN 140 139 137 ASN ASN A . n 
A 1 141 GLU 141 140 138 GLU GLU A . n 
# 
loop_
_pdbx_nonpoly_scheme.asym_id 
_pdbx_nonpoly_scheme.entity_id 
_pdbx_nonpoly_scheme.mon_id 
_pdbx_nonpoly_scheme.ndb_seq_num 
_pdbx_nonpoly_scheme.pdb_seq_num 
_pdbx_nonpoly_scheme.auth_seq_num 
_pdbx_nonpoly_scheme.pdb_mon_id 
_pdbx_nonpoly_scheme.auth_mon_id 
_pdbx_nonpoly_scheme.pdb_strand_id 
_pdbx_nonpoly_scheme.pdb_ins_code 
B 2 MG  1   201 139 MG  MG  A . 
C 3 HOH 1   301 66  HOH HOH A . 
C 3 HOH 2   302 97  HOH HOH A . 
C 3 HOH 3   303 12  HOH HOH A . 
C 3 HOH 4   304 77  HOH HOH A . 
C 3 HOH 5   305 111 HOH HOH A . 
C 3 HOH 6   306 120 HOH HOH A . 
C 3 HOH 7   307 110 HOH HOH A . 
C 3 HOH 8   308 117 HOH HOH A . 
C 3 HOH 9   309 125 HOH HOH A . 
C 3 HOH 10  310 57  HOH HOH A . 
C 3 HOH 11  311 119 HOH HOH A . 
C 3 HOH 12  312 58  HOH HOH A . 
C 3 HOH 13  313 36  HOH HOH A . 
C 3 HOH 14  314 69  HOH HOH A . 
C 3 HOH 15  315 1   HOH HOH A . 
C 3 HOH 16  316 44  HOH HOH A . 
C 3 HOH 17  317 20  HOH HOH A . 
C 3 HOH 18  318 39  HOH HOH A . 
C 3 HOH 19  319 10  HOH HOH A . 
C 3 HOH 20  320 4   HOH HOH A . 
C 3 HOH 21  321 46  HOH HOH A . 
C 3 HOH 22  322 3   HOH HOH A . 
C 3 HOH 23  323 31  HOH HOH A . 
C 3 HOH 24  324 133 HOH HOH A . 
C 3 HOH 25  325 102 HOH HOH A . 
C 3 HOH 26  326 105 HOH HOH A . 
C 3 HOH 27  327 134 HOH HOH A . 
C 3 HOH 28  328 25  HOH HOH A . 
C 3 HOH 29  329 6   HOH HOH A . 
C 3 HOH 30  330 18  HOH HOH A . 
C 3 HOH 31  331 15  HOH HOH A . 
C 3 HOH 32  332 21  HOH HOH A . 
C 3 HOH 33  333 135 HOH HOH A . 
C 3 HOH 34  334 9   HOH HOH A . 
C 3 HOH 35  335 38  HOH HOH A . 
C 3 HOH 36  336 26  HOH HOH A . 
C 3 HOH 37  337 37  HOH HOH A . 
C 3 HOH 38  338 7   HOH HOH A . 
C 3 HOH 39  339 113 HOH HOH A . 
C 3 HOH 40  340 29  HOH HOH A . 
C 3 HOH 41  341 32  HOH HOH A . 
C 3 HOH 42  342 8   HOH HOH A . 
C 3 HOH 43  343 13  HOH HOH A . 
C 3 HOH 44  344 35  HOH HOH A . 
C 3 HOH 45  345 78  HOH HOH A . 
C 3 HOH 46  346 124 HOH HOH A . 
C 3 HOH 47  347 86  HOH HOH A . 
C 3 HOH 48  348 54  HOH HOH A . 
C 3 HOH 49  349 27  HOH HOH A . 
C 3 HOH 50  350 51  HOH HOH A . 
C 3 HOH 51  351 130 HOH HOH A . 
C 3 HOH 52  352 127 HOH HOH A . 
C 3 HOH 53  353 16  HOH HOH A . 
C 3 HOH 54  354 49  HOH HOH A . 
C 3 HOH 55  355 17  HOH HOH A . 
C 3 HOH 56  356 11  HOH HOH A . 
C 3 HOH 57  357 100 HOH HOH A . 
C 3 HOH 58  358 5   HOH HOH A . 
C 3 HOH 59  359 71  HOH HOH A . 
C 3 HOH 60  360 47  HOH HOH A . 
C 3 HOH 61  361 56  HOH HOH A . 
C 3 HOH 62  362 23  HOH HOH A . 
C 3 HOH 63  363 19  HOH HOH A . 
C 3 HOH 64  364 42  HOH HOH A . 
C 3 HOH 65  365 22  HOH HOH A . 
C 3 HOH 66  366 64  HOH HOH A . 
C 3 HOH 67  367 132 HOH HOH A . 
C 3 HOH 68  368 52  HOH HOH A . 
C 3 HOH 69  369 50  HOH HOH A . 
C 3 HOH 70  370 128 HOH HOH A . 
C 3 HOH 71  371 53  HOH HOH A . 
C 3 HOH 72  372 63  HOH HOH A . 
C 3 HOH 73  373 123 HOH HOH A . 
C 3 HOH 74  374 43  HOH HOH A . 
C 3 HOH 75  375 94  HOH HOH A . 
C 3 HOH 76  376 28  HOH HOH A . 
C 3 HOH 77  377 88  HOH HOH A . 
C 3 HOH 78  378 55  HOH HOH A . 
C 3 HOH 79  379 34  HOH HOH A . 
C 3 HOH 80  380 14  HOH HOH A . 
C 3 HOH 81  381 122 HOH HOH A . 
C 3 HOH 82  382 116 HOH HOH A . 
C 3 HOH 83  383 131 HOH HOH A . 
C 3 HOH 84  384 99  HOH HOH A . 
C 3 HOH 85  385 93  HOH HOH A . 
C 3 HOH 86  386 30  HOH HOH A . 
C 3 HOH 87  387 108 HOH HOH A . 
C 3 HOH 88  388 61  HOH HOH A . 
C 3 HOH 89  389 62  HOH HOH A . 
C 3 HOH 90  390 101 HOH HOH A . 
C 3 HOH 91  391 87  HOH HOH A . 
C 3 HOH 92  392 70  HOH HOH A . 
C 3 HOH 93  393 60  HOH HOH A . 
C 3 HOH 94  394 114 HOH HOH A . 
C 3 HOH 95  395 45  HOH HOH A . 
C 3 HOH 96  396 98  HOH HOH A . 
C 3 HOH 97  397 33  HOH HOH A . 
C 3 HOH 98  398 129 HOH HOH A . 
C 3 HOH 99  399 115 HOH HOH A . 
C 3 HOH 100 400 79  HOH HOH A . 
C 3 HOH 101 401 103 HOH HOH A . 
C 3 HOH 102 402 81  HOH HOH A . 
C 3 HOH 103 403 83  HOH HOH A . 
C 3 HOH 104 404 85  HOH HOH A . 
C 3 HOH 105 405 74  HOH HOH A . 
C 3 HOH 106 406 126 HOH HOH A . 
C 3 HOH 107 407 67  HOH HOH A . 
C 3 HOH 108 408 91  HOH HOH A . 
C 3 HOH 109 409 76  HOH HOH A . 
C 3 HOH 110 410 65  HOH HOH A . 
C 3 HOH 111 411 80  HOH HOH A . 
C 3 HOH 112 412 90  HOH HOH A . 
C 3 HOH 113 413 59  HOH HOH A . 
C 3 HOH 114 414 84  HOH HOH A . 
C 3 HOH 115 415 24  HOH HOH A . 
C 3 HOH 116 416 40  HOH HOH A . 
C 3 HOH 117 417 109 HOH HOH A . 
C 3 HOH 118 418 118 HOH HOH A . 
C 3 HOH 119 419 41  HOH HOH A . 
C 3 HOH 120 420 106 HOH HOH A . 
C 3 HOH 121 421 89  HOH HOH A . 
C 3 HOH 122 422 92  HOH HOH A . 
C 3 HOH 123 423 112 HOH HOH A . 
C 3 HOH 124 424 75  HOH HOH A . 
C 3 HOH 125 425 72  HOH HOH A . 
C 3 HOH 126 426 73  HOH HOH A . 
C 3 HOH 127 427 96  HOH HOH A . 
C 3 HOH 128 428 104 HOH HOH A . 
C 3 HOH 129 429 68  HOH HOH A . 
C 3 HOH 130 430 48  HOH HOH A . 
C 3 HOH 131 431 2   HOH HOH A . 
C 3 HOH 132 432 95  HOH HOH A . 
C 3 HOH 133 433 82  HOH HOH A . 
C 3 HOH 134 434 121 HOH HOH A . 
C 3 HOH 135 435 107 HOH HOH A . 
# 
loop_
_pdbx_unobs_or_zero_occ_atoms.id 
_pdbx_unobs_or_zero_occ_atoms.PDB_model_num 
_pdbx_unobs_or_zero_occ_atoms.polymer_flag 
_pdbx_unobs_or_zero_occ_atoms.occupancy_flag 
_pdbx_unobs_or_zero_occ_atoms.auth_asym_id 
_pdbx_unobs_or_zero_occ_atoms.auth_comp_id 
_pdbx_unobs_or_zero_occ_atoms.auth_seq_id 
_pdbx_unobs_or_zero_occ_atoms.PDB_ins_code 
_pdbx_unobs_or_zero_occ_atoms.auth_atom_id 
_pdbx_unobs_or_zero_occ_atoms.label_alt_id 
_pdbx_unobs_or_zero_occ_atoms.label_asym_id 
_pdbx_unobs_or_zero_occ_atoms.label_comp_id 
_pdbx_unobs_or_zero_occ_atoms.label_seq_id 
_pdbx_unobs_or_zero_occ_atoms.label_atom_id 
1 1 Y 1 A ASN 53 ? CG  ? A ASN 54 CG  
2 1 Y 1 A ASN 53 ? OD1 ? A ASN 54 OD1 
3 1 Y 1 A ASN 53 ? ND2 ? A ASN 54 ND2 
4 1 Y 1 A ARG 98 ? CG  ? A ARG 99 CG  
5 1 Y 1 A ARG 98 ? CD  ? A ARG 99 CD  
6 1 Y 1 A ARG 98 ? NE  ? A ARG 99 NE  
7 1 Y 1 A ARG 98 ? CZ  ? A ARG 99 CZ  
8 1 Y 1 A ARG 98 ? NH1 ? A ARG 99 NH1 
9 1 Y 1 A ARG 98 ? NH2 ? A ARG 99 NH2 
# 
loop_
_software.citation_id 
_software.classification 
_software.compiler_name 
_software.compiler_version 
_software.contact_author 
_software.contact_author_email 
_software.date 
_software.description 
_software.dependencies 
_software.hardware 
_software.language 
_software.location 
_software.mods 
_software.name 
_software.os 
_software.os_version 
_software.type 
_software.version 
_software.pdbx_ordinal 
? phasing    ? ? ? ? ? ? ? ? ? ? ? PHENIX ? ? ? 1.9_1692 1 
? refinement ? ? ? ? ? ? ? ? ? ? ? PHENIX ? ? ? 1.9_1692 2 
# 
_cell.angle_alpha                  90.00 
_cell.angle_alpha_esd              ? 
_cell.angle_beta                   90.00 
_cell.angle_beta_esd               ? 
_cell.angle_gamma                  90.00 
_cell.angle_gamma_esd              ? 
_cell.entry_id                     5BRJ 
_cell.details                      ? 
_cell.formula_units_Z              ? 
_cell.length_a                     41.046 
_cell.length_a_esd                 ? 
_cell.length_b                     41.046 
_cell.length_b_esd                 ? 
_cell.length_c                     187.713 
_cell.length_c_esd                 ? 
_cell.volume                       ? 
_cell.volume_esd                   ? 
_cell.Z_PDB                        8 
_cell.reciprocal_angle_alpha       ? 
_cell.reciprocal_angle_beta        ? 
_cell.reciprocal_angle_gamma       ? 
_cell.reciprocal_angle_alpha_esd   ? 
_cell.reciprocal_angle_beta_esd    ? 
_cell.reciprocal_angle_gamma_esd   ? 
_cell.reciprocal_length_a          ? 
_cell.reciprocal_length_b          ? 
_cell.reciprocal_length_c          ? 
_cell.reciprocal_length_a_esd      ? 
_cell.reciprocal_length_b_esd      ? 
_cell.reciprocal_length_c_esd      ? 
_cell.pdbx_unique_axis             ? 
# 
_symmetry.entry_id                         5BRJ 
_symmetry.cell_setting                     ? 
_symmetry.Int_Tables_number                91 
_symmetry.space_group_name_Hall            ? 
_symmetry.space_group_name_H-M             'P 41 2 2' 
_symmetry.pdbx_full_space_group_name_H-M   ? 
# 
_exptl.absorpt_coefficient_mu     ? 
_exptl.absorpt_correction_T_max   ? 
_exptl.absorpt_correction_T_min   ? 
_exptl.absorpt_correction_type    ? 
_exptl.absorpt_process_details    ? 
_exptl.entry_id                   5BRJ 
_exptl.crystals_number            1 
_exptl.details                    ? 
_exptl.method                     'X-RAY DIFFRACTION' 
_exptl.method_details             ? 
# 
_exptl_crystal.colour                      ? 
_exptl_crystal.density_diffrn              ? 
_exptl_crystal.density_Matthews            2.50 
_exptl_crystal.density_method              ? 
_exptl_crystal.density_percent_sol         50.85 
_exptl_crystal.description                 ? 
_exptl_crystal.F_000                       ? 
_exptl_crystal.id                          1 
_exptl_crystal.preparation                 ? 
_exptl_crystal.size_max                    ? 
_exptl_crystal.size_mid                    ? 
_exptl_crystal.size_min                    ? 
_exptl_crystal.size_rad                    ? 
_exptl_crystal.colour_lustre               ? 
_exptl_crystal.colour_modifier             ? 
_exptl_crystal.colour_primary              ? 
_exptl_crystal.density_meas                ? 
_exptl_crystal.density_meas_esd            ? 
_exptl_crystal.density_meas_gt             ? 
_exptl_crystal.density_meas_lt             ? 
_exptl_crystal.density_meas_temp           ? 
_exptl_crystal.density_meas_temp_esd       ? 
_exptl_crystal.density_meas_temp_gt        ? 
_exptl_crystal.density_meas_temp_lt        ? 
_exptl_crystal.pdbx_crystal_image_url      ? 
_exptl_crystal.pdbx_crystal_image_format   ? 
_exptl_crystal.pdbx_mosaicity              ? 
_exptl_crystal.pdbx_mosaicity_esd          ? 
# 
_exptl_crystal_grow.apparatus       ? 
_exptl_crystal_grow.atmosphere      ? 
_exptl_crystal_grow.crystal_id      1 
_exptl_crystal_grow.details         ? 
_exptl_crystal_grow.method          'VAPOR DIFFUSION, HANGING DROP' 
_exptl_crystal_grow.method_ref      ? 
_exptl_crystal_grow.pH              8.5 
_exptl_crystal_grow.pressure        ? 
_exptl_crystal_grow.pressure_esd    ? 
_exptl_crystal_grow.seeding         ? 
_exptl_crystal_grow.seeding_ref     ? 
_exptl_crystal_grow.temp            293 
_exptl_crystal_grow.temp_details    ? 
_exptl_crystal_grow.temp_esd        ? 
_exptl_crystal_grow.time            ? 
_exptl_crystal_grow.pdbx_details    '200 mM magnesium chloride, 100 mM tris pH 8.5, 20% PEG 8000' 
_exptl_crystal_grow.pdbx_pH_range   ? 
# 
_diffrn.ambient_environment    ? 
_diffrn.ambient_temp           100 
_diffrn.ambient_temp_details   ? 
_diffrn.ambient_temp_esd       ? 
_diffrn.crystal_id             1 
_diffrn.crystal_support        ? 
_diffrn.crystal_treatment      ? 
_diffrn.details                ? 
_diffrn.id                     1 
_diffrn.ambient_pressure       ? 
_diffrn.ambient_pressure_esd   ? 
_diffrn.ambient_pressure_gt    ? 
_diffrn.ambient_pressure_lt    ? 
_diffrn.ambient_temp_gt        ? 
_diffrn.ambient_temp_lt        ? 
# 
_diffrn_detector.details                      ? 
_diffrn_detector.detector                     CCD 
_diffrn_detector.diffrn_id                    1 
_diffrn_detector.type                         'RAYONIX MX-225' 
_diffrn_detector.area_resol_mean              ? 
_diffrn_detector.dtime                        ? 
_diffrn_detector.pdbx_frames_total            ? 
_diffrn_detector.pdbx_collection_time_total   ? 
_diffrn_detector.pdbx_collection_date         2014-08-18 
# 
_diffrn_radiation.collimation                      ? 
_diffrn_radiation.diffrn_id                        1 
_diffrn_radiation.filter_edge                      ? 
_diffrn_radiation.inhomogeneity                    ? 
_diffrn_radiation.monochromator                    ? 
_diffrn_radiation.polarisn_norm                    ? 
_diffrn_radiation.polarisn_ratio                   ? 
_diffrn_radiation.probe                            ? 
_diffrn_radiation.type                             ? 
_diffrn_radiation.xray_symbol                      ? 
_diffrn_radiation.wavelength_id                    1 
_diffrn_radiation.pdbx_monochromatic_or_laue_m_l   M 
_diffrn_radiation.pdbx_wavelength_list             ? 
_diffrn_radiation.pdbx_wavelength                  ? 
_diffrn_radiation.pdbx_diffrn_protocol             'SINGLE WAVELENGTH' 
_diffrn_radiation.pdbx_analyzer                    ? 
_diffrn_radiation.pdbx_scattering_type             x-ray 
# 
_diffrn_radiation_wavelength.id           1 
_diffrn_radiation_wavelength.wavelength   0.97872 
_diffrn_radiation_wavelength.wt           1.0 
# 
_diffrn_source.current                     ? 
_diffrn_source.details                     ? 
_diffrn_source.diffrn_id                   1 
_diffrn_source.power                       ? 
_diffrn_source.size                        ? 
_diffrn_source.source                      SYNCHROTRON 
_diffrn_source.target                      ? 
_diffrn_source.type                        'APS BEAMLINE 21-ID-F' 
_diffrn_source.voltage                     ? 
_diffrn_source.take-off_angle              ? 
_diffrn_source.pdbx_wavelength_list        0.97872 
_diffrn_source.pdbx_wavelength             ? 
_diffrn_source.pdbx_synchrotron_beamline   21-ID-F 
_diffrn_source.pdbx_synchrotron_site       APS 
# 
_reflns.B_iso_Wilson_estimate            23.7 
_reflns.entry_id                         5BRJ 
_reflns.data_reduction_details           ? 
_reflns.data_reduction_method            ? 
_reflns.d_resolution_high                1.92 
_reflns.d_resolution_low                 35 
_reflns.details                          ? 
_reflns.limit_h_max                      ? 
_reflns.limit_h_min                      ? 
_reflns.limit_k_max                      ? 
_reflns.limit_k_min                      ? 
_reflns.limit_l_max                      ? 
_reflns.limit_l_min                      ? 
_reflns.number_all                       ? 
_reflns.number_obs                       13163 
_reflns.observed_criterion               ? 
_reflns.observed_criterion_F_max         ? 
_reflns.observed_criterion_F_min         ? 
_reflns.observed_criterion_I_max         ? 
_reflns.observed_criterion_I_min         ? 
_reflns.observed_criterion_sigma_F       ? 
_reflns.observed_criterion_sigma_I       ? 
_reflns.percent_possible_obs             98.7 
_reflns.R_free_details                   ? 
_reflns.Rmerge_F_all                     ? 
_reflns.Rmerge_F_obs                     ? 
_reflns.Friedel_coverage                 ? 
_reflns.number_gt                        ? 
_reflns.threshold_expression             ? 
_reflns.pdbx_redundancy                  27.2 
_reflns.pdbx_Rmerge_I_obs                0.051 
_reflns.pdbx_Rmerge_I_all                ? 
_reflns.pdbx_Rsym_value                  0.072 
_reflns.pdbx_netI_over_av_sigmaI         ? 
_reflns.pdbx_netI_over_sigmaI            53.2 
_reflns.pdbx_res_netI_over_av_sigmaI_2   ? 
_reflns.pdbx_res_netI_over_sigmaI_2      ? 
_reflns.pdbx_chi_squared                 ? 
_reflns.pdbx_scaling_rejects             ? 
_reflns.pdbx_d_res_high_opt              ? 
_reflns.pdbx_d_res_low_opt               ? 
_reflns.pdbx_d_res_opt_method            ? 
_reflns.phase_calculation_details        ? 
_reflns.pdbx_Rrim_I_all                  ? 
_reflns.pdbx_Rpim_I_all                  ? 
_reflns.pdbx_d_opt                       ? 
_reflns.pdbx_number_measured_all         ? 
_reflns.pdbx_diffrn_id                   1 
_reflns.pdbx_ordinal                     1 
_reflns.pdbx_CC_half                     ? 
_reflns.pdbx_R_split                     ? 
# 
_reflns_shell.d_res_high                  1.92 
_reflns_shell.d_res_low                   1.95 
_reflns_shell.meanI_over_sigI_all         ? 
_reflns_shell.meanI_over_sigI_obs         23.0 
_reflns_shell.number_measured_all         ? 
_reflns_shell.number_measured_obs         ? 
_reflns_shell.number_possible             ? 
_reflns_shell.number_unique_all           ? 
_reflns_shell.number_unique_obs           ? 
_reflns_shell.percent_possible_all        97 
_reflns_shell.percent_possible_obs        ? 
_reflns_shell.Rmerge_F_all                ? 
_reflns_shell.Rmerge_F_obs                ? 
_reflns_shell.Rmerge_I_all                ? 
_reflns_shell.Rmerge_I_obs                0.155 
_reflns_shell.meanI_over_sigI_gt          ? 
_reflns_shell.meanI_over_uI_all           ? 
_reflns_shell.meanI_over_uI_gt            ? 
_reflns_shell.number_measured_gt          ? 
_reflns_shell.number_unique_gt            ? 
_reflns_shell.percent_possible_gt         ? 
_reflns_shell.Rmerge_F_gt                 ? 
_reflns_shell.Rmerge_I_gt                 ? 
_reflns_shell.pdbx_redundancy             26.4 
_reflns_shell.pdbx_Rsym_value             ? 
_reflns_shell.pdbx_chi_squared            ? 
_reflns_shell.pdbx_netI_over_sigmaI_all   ? 
_reflns_shell.pdbx_netI_over_sigmaI_obs   ? 
_reflns_shell.pdbx_Rrim_I_all             ? 
_reflns_shell.pdbx_Rpim_I_all             ? 
_reflns_shell.pdbx_rejects                ? 
_reflns_shell.pdbx_ordinal                1 
_reflns_shell.pdbx_diffrn_id              1 
_reflns_shell.pdbx_CC_half                ? 
_reflns_shell.pdbx_R_split                ? 
# 
_refine.aniso_B[1][1]                            ? 
_refine.aniso_B[1][2]                            ? 
_refine.aniso_B[1][3]                            ? 
_refine.aniso_B[2][2]                            ? 
_refine.aniso_B[2][3]                            ? 
_refine.aniso_B[3][3]                            ? 
_refine.B_iso_max                                ? 
_refine.B_iso_mean                               ? 
_refine.B_iso_min                                ? 
_refine.correlation_coeff_Fo_to_Fc               ? 
_refine.correlation_coeff_Fo_to_Fc_free          ? 
_refine.details                                  ? 
_refine.diff_density_max                         ? 
_refine.diff_density_max_esd                     ? 
_refine.diff_density_min                         ? 
_refine.diff_density_min_esd                     ? 
_refine.diff_density_rms                         ? 
_refine.diff_density_rms_esd                     ? 
_refine.entry_id                                 5BRJ 
_refine.pdbx_refine_id                           'X-RAY DIFFRACTION' 
_refine.ls_abs_structure_details                 ? 
_refine.ls_abs_structure_Flack                   ? 
_refine.ls_abs_structure_Flack_esd               ? 
_refine.ls_abs_structure_Rogers                  ? 
_refine.ls_abs_structure_Rogers_esd              ? 
_refine.ls_d_res_high                            1.922 
_refine.ls_d_res_low                             30.896 
_refine.ls_extinction_coef                       ? 
_refine.ls_extinction_coef_esd                   ? 
_refine.ls_extinction_expression                 ? 
_refine.ls_extinction_method                     ? 
_refine.ls_goodness_of_fit_all                   ? 
_refine.ls_goodness_of_fit_all_esd               ? 
_refine.ls_goodness_of_fit_obs                   ? 
_refine.ls_goodness_of_fit_obs_esd               ? 
_refine.ls_hydrogen_treatment                    ? 
_refine.ls_matrix_type                           ? 
_refine.ls_number_constraints                    ? 
_refine.ls_number_parameters                     ? 
_refine.ls_number_reflns_all                     ? 
_refine.ls_number_reflns_obs                     12959 
_refine.ls_number_reflns_R_free                  1296 
_refine.ls_number_reflns_R_work                  ? 
_refine.ls_number_restraints                     ? 
_refine.ls_percent_reflns_obs                    98.74 
_refine.ls_percent_reflns_R_free                 10.00 
_refine.ls_R_factor_all                          ? 
_refine.ls_R_factor_obs                          0.2002 
_refine.ls_R_factor_R_free                       0.2404 
_refine.ls_R_factor_R_free_error                 ? 
_refine.ls_R_factor_R_free_error_details         ? 
_refine.ls_R_factor_R_work                       0.1956 
_refine.ls_R_Fsqd_factor_obs                     ? 
_refine.ls_R_I_factor_obs                        ? 
_refine.ls_redundancy_reflns_all                 ? 
_refine.ls_redundancy_reflns_obs                 ? 
_refine.ls_restrained_S_all                      ? 
_refine.ls_restrained_S_obs                      ? 
_refine.ls_shift_over_esd_max                    ? 
_refine.ls_shift_over_esd_mean                   ? 
_refine.ls_structure_factor_coef                 ? 
_refine.ls_weighting_details                     ? 
_refine.ls_weighting_scheme                      ? 
_refine.ls_wR_factor_all                         ? 
_refine.ls_wR_factor_obs                         ? 
_refine.ls_wR_factor_R_free                      ? 
_refine.ls_wR_factor_R_work                      ? 
_refine.occupancy_max                            ? 
_refine.occupancy_min                            ? 
_refine.solvent_model_details                    'FLAT BULK SOLVENT MODEL' 
_refine.solvent_model_param_bsol                 ? 
_refine.solvent_model_param_ksol                 ? 
_refine.ls_R_factor_gt                           ? 
_refine.ls_goodness_of_fit_gt                    ? 
_refine.ls_goodness_of_fit_ref                   ? 
_refine.ls_shift_over_su_max                     ? 
_refine.ls_shift_over_su_max_lt                  ? 
_refine.ls_shift_over_su_mean                    ? 
_refine.ls_shift_over_su_mean_lt                 ? 
_refine.pdbx_ls_sigma_I                          ? 
_refine.pdbx_ls_sigma_F                          0.41 
_refine.pdbx_ls_sigma_Fsqd                       ? 
_refine.pdbx_data_cutoff_high_absF               ? 
_refine.pdbx_data_cutoff_high_rms_absF           ? 
_refine.pdbx_data_cutoff_low_absF                ? 
_refine.pdbx_isotropic_thermal_model             ? 
_refine.pdbx_ls_cross_valid_method               'FREE R-VALUE' 
_refine.pdbx_method_to_determine_struct          'MOLECULAR REPLACEMENT' 
_refine.pdbx_starting_model                      RtBRR 
_refine.pdbx_stereochemistry_target_values       ML 
_refine.pdbx_R_Free_selection_details            random 
_refine.pdbx_stereochem_target_val_spec_case     ? 
_refine.pdbx_overall_ESU_R                       ? 
_refine.pdbx_overall_ESU_R_Free                  ? 
_refine.pdbx_solvent_vdw_probe_radii             1.11 
_refine.pdbx_solvent_ion_probe_radii             ? 
_refine.pdbx_solvent_shrinkage_radii             0.90 
_refine.pdbx_real_space_R                        ? 
_refine.pdbx_density_correlation                 ? 
_refine.pdbx_pd_number_of_powder_patterns        ? 
_refine.pdbx_pd_number_of_points                 ? 
_refine.pdbx_pd_meas_number_of_points            ? 
_refine.pdbx_pd_proc_ls_prof_R_factor            ? 
_refine.pdbx_pd_proc_ls_prof_wR_factor           ? 
_refine.pdbx_pd_Marquardt_correlation_coeff      ? 
_refine.pdbx_pd_Fsqrd_R_factor                   ? 
_refine.pdbx_pd_ls_matrix_band_width             ? 
_refine.pdbx_overall_phase_error                 24.12 
_refine.pdbx_overall_SU_R_free_Cruickshank_DPI   ? 
_refine.pdbx_overall_SU_R_free_Blow_DPI          ? 
_refine.pdbx_overall_SU_R_Blow_DPI               ? 
_refine.pdbx_TLS_residual_ADP_flag               ? 
_refine.pdbx_diffrn_id                           1 
_refine.overall_SU_B                             ? 
_refine.overall_SU_ML                            0.19 
_refine.overall_SU_R_Cruickshank_DPI             ? 
_refine.overall_SU_R_free                        ? 
_refine.overall_FOM_free_R_set                   ? 
_refine.overall_FOM_work_R_set                   ? 
_refine.pdbx_average_fsc_overall                 ? 
_refine.pdbx_average_fsc_work                    ? 
_refine.pdbx_average_fsc_free                    ? 
# 
_refine_hist.pdbx_refine_id                   'X-RAY DIFFRACTION' 
_refine_hist.cycle_id                         LAST 
_refine_hist.pdbx_number_atoms_protein        1094 
_refine_hist.pdbx_number_atoms_nucleic_acid   0 
_refine_hist.pdbx_number_atoms_ligand         1 
_refine_hist.number_atoms_solvent             135 
_refine_hist.number_atoms_total               1230 
_refine_hist.d_res_high                       1.922 
_refine_hist.d_res_low                        30.896 
# 
loop_
_refine_ls_restr.pdbx_refine_id 
_refine_ls_restr.criterion 
_refine_ls_restr.dev_ideal 
_refine_ls_restr.dev_ideal_target 
_refine_ls_restr.number 
_refine_ls_restr.rejects 
_refine_ls_restr.type 
_refine_ls_restr.weight 
_refine_ls_restr.pdbx_restraint_function 
'X-RAY DIFFRACTION' ? 0.007  ? 1130 ? f_bond_d           ? ? 
'X-RAY DIFFRACTION' ? 1.029  ? 1543 ? f_angle_d          ? ? 
'X-RAY DIFFRACTION' ? 12.781 ? 421  ? f_dihedral_angle_d ? ? 
'X-RAY DIFFRACTION' ? 0.042  ? 184  ? f_chiral_restr     ? ? 
'X-RAY DIFFRACTION' ? 0.005  ? 201  ? f_plane_restr      ? ? 
# 
loop_
_refine_ls_shell.pdbx_refine_id 
_refine_ls_shell.d_res_high 
_refine_ls_shell.d_res_low 
_refine_ls_shell.number_reflns_all 
_refine_ls_shell.number_reflns_obs 
_refine_ls_shell.number_reflns_R_free 
_refine_ls_shell.number_reflns_R_work 
_refine_ls_shell.percent_reflns_obs 
_refine_ls_shell.percent_reflns_R_free 
_refine_ls_shell.R_factor_all 
_refine_ls_shell.R_factor_obs 
_refine_ls_shell.R_factor_R_free 
_refine_ls_shell.R_factor_R_free_error 
_refine_ls_shell.R_factor_R_work 
_refine_ls_shell.redundancy_reflns_all 
_refine_ls_shell.redundancy_reflns_obs 
_refine_ls_shell.wR_factor_all 
_refine_ls_shell.wR_factor_obs 
_refine_ls_shell.wR_factor_R_free 
_refine_ls_shell.wR_factor_R_work 
_refine_ls_shell.pdbx_total_number_of_bins_used 
_refine_ls_shell.pdbx_phase_error 
_refine_ls_shell.pdbx_fsc_work 
_refine_ls_shell.pdbx_fsc_free 
'X-RAY DIFFRACTION' 1.9222 1.9992  . . 137 1243 97.00  . . . 0.2743 . 0.2171 . . . . . . . . . . 
'X-RAY DIFFRACTION' 1.9992 2.0901  . . 140 1258 98.00  . . . 0.2895 . 0.2185 . . . . . . . . . . 
'X-RAY DIFFRACTION' 2.0901 2.2003  . . 137 1240 98.00  . . . 0.3091 . 0.2225 . . . . . . . . . . 
'X-RAY DIFFRACTION' 2.2003 2.3381  . . 141 1263 99.00  . . . 0.2803 . 0.2133 . . . . . . . . . . 
'X-RAY DIFFRACTION' 2.3381 2.5186  . . 143 1283 99.00  . . . 0.2911 . 0.2143 . . . . . . . . . . 
'X-RAY DIFFRACTION' 2.5186 2.7719  . . 144 1294 99.00  . . . 0.2700 . 0.2190 . . . . . . . . . . 
'X-RAY DIFFRACTION' 2.7719 3.1726  . . 146 1313 99.00  . . . 0.2470 . 0.2069 . . . . . . . . . . 
'X-RAY DIFFRACTION' 3.1726 3.9958  . . 147 1327 100.00 . . . 0.1926 . 0.1746 . . . . . . . . . . 
'X-RAY DIFFRACTION' 3.9958 30.8995 . . 161 1442 98.00  . . . 0.2071 . 0.1730 . . . . . . . . . . 
# 
_struct.entry_id                     5BRJ 
_struct.title                        'Structure of the bacteriophytochrome response regulator AtBRR' 
_struct.pdbx_model_details           ? 
_struct.pdbx_formula_weight          ? 
_struct.pdbx_formula_weight_method   ? 
_struct.pdbx_model_type_details      ? 
_struct.pdbx_CASP_flag               ? 
# 
_struct_keywords.entry_id        5BRJ 
_struct_keywords.text            'bacteriophytochrome, response regulator, stable dimer, two component system, SIGNALING PROTEIN' 
_struct_keywords.pdbx_keywords   'SIGNALING PROTEIN' 
# 
loop_
_struct_asym.id 
_struct_asym.pdbx_blank_PDB_chainid_flag 
_struct_asym.pdbx_modified 
_struct_asym.entity_id 
_struct_asym.details 
A N N 1 ? 
B N N 2 ? 
C N N 3 ? 
# 
_struct_ref.id                         1 
_struct_ref.db_name                    UNP 
_struct_ref.db_code                    G6XXW5_RHIRD 
_struct_ref.pdbx_db_accession          G6XXW5 
_struct_ref.pdbx_db_isoform            ? 
_struct_ref.entity_id                  1 
_struct_ref.pdbx_seq_one_letter_code   
;MPELRPILLVEDNPRDLELTLTALEKCQLANEVVVARDGTEALDYLNVTGSYHNRPGGDPAVVLLDLKLPKVDGLEVLQT
VKGSDHLRHIPVVMLTSSREEQDLVRSYELGVNAFVVKPVEFNQFFKAIQDLGVFWALLNE
;
_struct_ref.pdbx_align_begin           1 
# 
_struct_ref_seq.align_id                      1 
_struct_ref_seq.ref_id                        1 
_struct_ref_seq.pdbx_PDB_id_code              5BRJ 
_struct_ref_seq.pdbx_strand_id                A 
_struct_ref_seq.seq_align_beg                 1 
_struct_ref_seq.pdbx_seq_align_beg_ins_code   ? 
_struct_ref_seq.seq_align_end                 141 
_struct_ref_seq.pdbx_seq_align_end_ins_code   ? 
_struct_ref_seq.pdbx_db_accession             G6XXW5 
_struct_ref_seq.db_align_beg                  1 
_struct_ref_seq.pdbx_db_align_beg_ins_code    ? 
_struct_ref_seq.db_align_end                  141 
_struct_ref_seq.pdbx_db_align_end_ins_code    ? 
_struct_ref_seq.pdbx_auth_seq_align_beg       0 
_struct_ref_seq.pdbx_auth_seq_align_end       140 
# 
_pdbx_struct_assembly.id                   1 
_pdbx_struct_assembly.details              author_and_software_defined_assembly 
_pdbx_struct_assembly.method_details       PISA 
_pdbx_struct_assembly.oligomeric_details   dimeric 
_pdbx_struct_assembly.oligomeric_count     2 
# 
loop_
_pdbx_struct_assembly_prop.biol_id 
_pdbx_struct_assembly_prop.type 
_pdbx_struct_assembly_prop.value 
_pdbx_struct_assembly_prop.details 
1 'ABSA (A^2)' 3000  ? 
1 MORE         -35   ? 
1 'SSA (A^2)'  13060 ? 
# 
_pdbx_struct_assembly_gen.assembly_id       1 
_pdbx_struct_assembly_gen.oper_expression   1,2 
_pdbx_struct_assembly_gen.asym_id_list      A,B,C 
# 
_pdbx_struct_assembly_auth_evidence.id                     1 
_pdbx_struct_assembly_auth_evidence.assembly_id            1 
_pdbx_struct_assembly_auth_evidence.experimental_support   'gel filtration' 
_pdbx_struct_assembly_auth_evidence.details                ? 
# 
loop_
_pdbx_struct_oper_list.id 
_pdbx_struct_oper_list.type 
_pdbx_struct_oper_list.name 
_pdbx_struct_oper_list.symmetry_operation 
_pdbx_struct_oper_list.matrix[1][1] 
_pdbx_struct_oper_list.matrix[1][2] 
_pdbx_struct_oper_list.matrix[1][3] 
_pdbx_struct_oper_list.vector[1] 
_pdbx_struct_oper_list.matrix[2][1] 
_pdbx_struct_oper_list.matrix[2][2] 
_pdbx_struct_oper_list.matrix[2][3] 
_pdbx_struct_oper_list.vector[2] 
_pdbx_struct_oper_list.matrix[3][1] 
_pdbx_struct_oper_list.matrix[3][2] 
_pdbx_struct_oper_list.matrix[3][3] 
_pdbx_struct_oper_list.vector[3] 
1 'identity operation'         1_555 x,y,z     1.0000000000 0.0000000000 0.0000000000  0.0000000000   0.0000000000 1.0000000000  0.0000000000  0.0000000000  0.0000000000  0.0000000000  1.0000000000  0.0000000000   
2 'crystal symmetry operation' 5_556 -x,y,-z+1 0.7934044760 0.4100459057 -0.4498574137 -10.2677030639 0.4100459057 -0.9062466683 -0.1028558773 20.3871872732 -0.4498574137 -0.1028558773 -0.8871578077 -22.3503306960 
# 
_struct_biol.details                      'Dimer confirmed by size exclusion chromatography and structure packing' 
_struct_biol.id                           1 
_struct_biol.pdbx_parent_biol_id          ? 
_struct_biol.pdbx_formula_weight          ? 
_struct_biol.pdbx_formula_weight_method   ? 
_struct_biol.pdbx_aggregation_state       ? 
_struct_biol.pdbx_assembly_method         ? 
# 
loop_
_struct_conf.conf_type_id 
_struct_conf.id 
_struct_conf.pdbx_PDB_helix_id 
_struct_conf.beg_label_comp_id 
_struct_conf.beg_label_asym_id 
_struct_conf.beg_label_seq_id 
_struct_conf.pdbx_beg_PDB_ins_code 
_struct_conf.end_label_comp_id 
_struct_conf.end_label_asym_id 
_struct_conf.end_label_seq_id 
_struct_conf.pdbx_end_PDB_ins_code 
_struct_conf.beg_auth_comp_id 
_struct_conf.beg_auth_asym_id 
_struct_conf.beg_auth_seq_id 
_struct_conf.end_auth_comp_id 
_struct_conf.end_auth_asym_id 
_struct_conf.end_auth_seq_id 
_struct_conf.pdbx_PDB_helix_class 
_struct_conf.details 
_struct_conf.pdbx_PDB_helix_length 
HELX_P HELX_P1 AA1 ASN A 13  ? CYS A 27  ? ASN A 12  CYS A 26  1 ? 15 
HELX_P HELX_P2 AA2 ASP A 38  ? ASN A 47  ? ASP A 37  ASN A 46  1 ? 10 
HELX_P HELX_P3 AA3 THR A 49  ? HIS A 53  ? THR A 48  HIS A 52  5 ? 5  
HELX_P HELX_P4 AA4 ASP A 73  ? GLY A 83  ? ASP A 72  GLY A 82  1 ? 11 
HELX_P HELX_P5 AA5 SER A 98  ? TYR A 108 ? SER A 97  TYR A 107 1 ? 11 
HELX_P HELX_P6 AA6 GLU A 121 ? GLY A 133 ? GLU A 120 GLY A 132 1 ? 13 
# 
_struct_conf_type.id          HELX_P 
_struct_conf_type.criteria    ? 
_struct_conf_type.reference   ? 
# 
loop_
_struct_conn.id 
_struct_conn.conn_type_id 
_struct_conn.pdbx_leaving_atom_flag 
_struct_conn.pdbx_PDB_id 
_struct_conn.ptnr1_label_asym_id 
_struct_conn.ptnr1_label_comp_id 
_struct_conn.ptnr1_label_seq_id 
_struct_conn.ptnr1_label_atom_id 
_struct_conn.pdbx_ptnr1_label_alt_id 
_struct_conn.pdbx_ptnr1_PDB_ins_code 
_struct_conn.pdbx_ptnr1_standard_comp_id 
_struct_conn.ptnr1_symmetry 
_struct_conn.ptnr2_label_asym_id 
_struct_conn.ptnr2_label_comp_id 
_struct_conn.ptnr2_label_seq_id 
_struct_conn.ptnr2_label_atom_id 
_struct_conn.pdbx_ptnr2_label_alt_id 
_struct_conn.pdbx_ptnr2_PDB_ins_code 
_struct_conn.ptnr1_auth_asym_id 
_struct_conn.ptnr1_auth_comp_id 
_struct_conn.ptnr1_auth_seq_id 
_struct_conn.ptnr2_auth_asym_id 
_struct_conn.ptnr2_auth_comp_id 
_struct_conn.ptnr2_auth_seq_id 
_struct_conn.ptnr2_symmetry 
_struct_conn.pdbx_ptnr3_label_atom_id 
_struct_conn.pdbx_ptnr3_label_seq_id 
_struct_conn.pdbx_ptnr3_label_comp_id 
_struct_conn.pdbx_ptnr3_label_asym_id 
_struct_conn.pdbx_ptnr3_label_alt_id 
_struct_conn.pdbx_ptnr3_PDB_ins_code 
_struct_conn.details 
_struct_conn.pdbx_dist_value 
_struct_conn.pdbx_value_order 
_struct_conn.pdbx_role 
metalc1 metalc ? ? A ASP 12 OD1 ? ? ? 1_555 B MG  . MG ? ? A ASP 11  A MG  201 1_555 ? ? ? ? ? ? ? 1.945 ? ? 
metalc2 metalc ? ? A ASP 66 OD2 ? ? ? 1_555 B MG  . MG ? ? A ASP 65  A MG  201 1_555 ? ? ? ? ? ? ? 1.941 ? ? 
metalc3 metalc ? ? A LYS 68 O   ? ? ? 1_555 B MG  . MG ? ? A LYS 67  A MG  201 1_555 ? ? ? ? ? ? ? 2.186 ? ? 
metalc4 metalc ? ? B MG  .  MG  ? ? ? 1_555 C HOH . O  ? ? A MG  201 A HOH 315 1_555 ? ? ? ? ? ? ? 2.154 ? ? 
metalc5 metalc ? ? B MG  .  MG  ? ? ? 1_555 C HOH . O  ? ? A MG  201 A HOH 320 1_555 ? ? ? ? ? ? ? 2.120 ? ? 
metalc6 metalc ? ? B MG  .  MG  ? ? ? 1_555 C HOH . O  ? ? A MG  201 A HOH 322 1_555 ? ? ? ? ? ? ? 2.134 ? ? 
# 
_struct_conn_type.id          metalc 
_struct_conn_type.criteria    ? 
_struct_conn_type.reference   ? 
# 
loop_
_pdbx_struct_conn_angle.id 
_pdbx_struct_conn_angle.ptnr1_label_atom_id 
_pdbx_struct_conn_angle.ptnr1_label_alt_id 
_pdbx_struct_conn_angle.ptnr1_label_asym_id 
_pdbx_struct_conn_angle.ptnr1_label_comp_id 
_pdbx_struct_conn_angle.ptnr1_label_seq_id 
_pdbx_struct_conn_angle.ptnr1_auth_atom_id 
_pdbx_struct_conn_angle.ptnr1_auth_asym_id 
_pdbx_struct_conn_angle.ptnr1_auth_comp_id 
_pdbx_struct_conn_angle.ptnr1_auth_seq_id 
_pdbx_struct_conn_angle.ptnr1_PDB_ins_code 
_pdbx_struct_conn_angle.ptnr1_symmetry 
_pdbx_struct_conn_angle.ptnr2_label_atom_id 
_pdbx_struct_conn_angle.ptnr2_label_alt_id 
_pdbx_struct_conn_angle.ptnr2_label_asym_id 
_pdbx_struct_conn_angle.ptnr2_label_comp_id 
_pdbx_struct_conn_angle.ptnr2_label_seq_id 
_pdbx_struct_conn_angle.ptnr2_auth_atom_id 
_pdbx_struct_conn_angle.ptnr2_auth_asym_id 
_pdbx_struct_conn_angle.ptnr2_auth_comp_id 
_pdbx_struct_conn_angle.ptnr2_auth_seq_id 
_pdbx_struct_conn_angle.ptnr2_PDB_ins_code 
_pdbx_struct_conn_angle.ptnr2_symmetry 
_pdbx_struct_conn_angle.ptnr3_label_atom_id 
_pdbx_struct_conn_angle.ptnr3_label_alt_id 
_pdbx_struct_conn_angle.ptnr3_label_asym_id 
_pdbx_struct_conn_angle.ptnr3_label_comp_id 
_pdbx_struct_conn_angle.ptnr3_label_seq_id 
_pdbx_struct_conn_angle.ptnr3_auth_atom_id 
_pdbx_struct_conn_angle.ptnr3_auth_asym_id 
_pdbx_struct_conn_angle.ptnr3_auth_comp_id 
_pdbx_struct_conn_angle.ptnr3_auth_seq_id 
_pdbx_struct_conn_angle.ptnr3_PDB_ins_code 
_pdbx_struct_conn_angle.ptnr3_symmetry 
_pdbx_struct_conn_angle.value 
_pdbx_struct_conn_angle.value_esd 
1  OD1 ? A ASP 12 ? A ASP 11  ? 1_555 MG ? B MG . ? A MG 201 ? 1_555 OD2 ? A ASP 66 ? A ASP 65  ? 1_555 90.3  ? 
2  OD1 ? A ASP 12 ? A ASP 11  ? 1_555 MG ? B MG . ? A MG 201 ? 1_555 O   ? A LYS 68 ? A LYS 67  ? 1_555 89.5  ? 
3  OD2 ? A ASP 66 ? A ASP 65  ? 1_555 MG ? B MG . ? A MG 201 ? 1_555 O   ? A LYS 68 ? A LYS 67  ? 1_555 85.8  ? 
4  OD1 ? A ASP 12 ? A ASP 11  ? 1_555 MG ? B MG . ? A MG 201 ? 1_555 O   ? C HOH .  ? A HOH 315 ? 1_555 86.3  ? 
5  OD2 ? A ASP 66 ? A ASP 65  ? 1_555 MG ? B MG . ? A MG 201 ? 1_555 O   ? C HOH .  ? A HOH 315 ? 1_555 174.4 ? 
6  O   ? A LYS 68 ? A LYS 67  ? 1_555 MG ? B MG . ? A MG 201 ? 1_555 O   ? C HOH .  ? A HOH 315 ? 1_555 89.7  ? 
7  OD1 ? A ASP 12 ? A ASP 11  ? 1_555 MG ? B MG . ? A MG 201 ? 1_555 O   ? C HOH .  ? A HOH 320 ? 1_555 86.0  ? 
8  OD2 ? A ASP 66 ? A ASP 65  ? 1_555 MG ? B MG . ? A MG 201 ? 1_555 O   ? C HOH .  ? A HOH 320 ? 1_555 90.5  ? 
9  O   ? A LYS 68 ? A LYS 67  ? 1_555 MG ? B MG . ? A MG 201 ? 1_555 O   ? C HOH .  ? A HOH 320 ? 1_555 174.2 ? 
10 O   ? C HOH .  ? A HOH 315 ? 1_555 MG ? B MG . ? A MG 201 ? 1_555 O   ? C HOH .  ? A HOH 320 ? 1_555 93.7  ? 
11 OD1 ? A ASP 12 ? A ASP 11  ? 1_555 MG ? B MG . ? A MG 201 ? 1_555 O   ? C HOH .  ? A HOH 322 ? 1_555 171.0 ? 
12 OD2 ? A ASP 66 ? A ASP 65  ? 1_555 MG ? B MG . ? A MG 201 ? 1_555 O   ? C HOH .  ? A HOH 322 ? 1_555 80.9  ? 
13 O   ? A LYS 68 ? A LYS 67  ? 1_555 MG ? B MG . ? A MG 201 ? 1_555 O   ? C HOH .  ? A HOH 322 ? 1_555 92.0  ? 
14 O   ? C HOH .  ? A HOH 315 ? 1_555 MG ? B MG . ? A MG 201 ? 1_555 O   ? C HOH .  ? A HOH 322 ? 1_555 102.6 ? 
15 O   ? C HOH .  ? A HOH 320 ? 1_555 MG ? B MG . ? A MG 201 ? 1_555 O   ? C HOH .  ? A HOH 322 ? 1_555 91.9  ? 
# 
_struct_mon_prot_cis.pdbx_id                1 
_struct_mon_prot_cis.label_comp_id          LYS 
_struct_mon_prot_cis.label_seq_id           118 
_struct_mon_prot_cis.label_asym_id          A 
_struct_mon_prot_cis.label_alt_id           . 
_struct_mon_prot_cis.pdbx_PDB_ins_code      ? 
_struct_mon_prot_cis.auth_comp_id           LYS 
_struct_mon_prot_cis.auth_seq_id            117 
_struct_mon_prot_cis.auth_asym_id           A 
_struct_mon_prot_cis.pdbx_label_comp_id_2   PRO 
_struct_mon_prot_cis.pdbx_label_seq_id_2    119 
_struct_mon_prot_cis.pdbx_label_asym_id_2   A 
_struct_mon_prot_cis.pdbx_PDB_ins_code_2    ? 
_struct_mon_prot_cis.pdbx_auth_comp_id_2    PRO 
_struct_mon_prot_cis.pdbx_auth_seq_id_2     118 
_struct_mon_prot_cis.pdbx_auth_asym_id_2    A 
_struct_mon_prot_cis.pdbx_PDB_model_num     1 
_struct_mon_prot_cis.pdbx_omega_angle       1.54 
# 
_struct_sheet.id               AA1 
_struct_sheet.type             ? 
_struct_sheet.number_strands   5 
_struct_sheet.details          ? 
# 
loop_
_struct_sheet_order.sheet_id 
_struct_sheet_order.range_id_1 
_struct_sheet_order.range_id_2 
_struct_sheet_order.offset 
_struct_sheet_order.sense 
AA1 1 2 ? parallel 
AA1 2 3 ? parallel 
AA1 3 4 ? parallel 
AA1 4 5 ? parallel 
# 
loop_
_struct_sheet_range.sheet_id 
_struct_sheet_range.id 
_struct_sheet_range.beg_label_comp_id 
_struct_sheet_range.beg_label_asym_id 
_struct_sheet_range.beg_label_seq_id 
_struct_sheet_range.pdbx_beg_PDB_ins_code 
_struct_sheet_range.end_label_comp_id 
_struct_sheet_range.end_label_asym_id 
_struct_sheet_range.end_label_seq_id 
_struct_sheet_range.pdbx_end_PDB_ins_code 
_struct_sheet_range.beg_auth_comp_id 
_struct_sheet_range.beg_auth_asym_id 
_struct_sheet_range.beg_auth_seq_id 
_struct_sheet_range.end_auth_comp_id 
_struct_sheet_range.end_auth_asym_id 
_struct_sheet_range.end_auth_seq_id 
AA1 1 VAL A 33  ? ALA A 36  ? VAL A 32  ALA A 35  
AA1 2 ILE A 7   ? VAL A 10  ? ILE A 6   VAL A 9   
AA1 3 VAL A 62  ? ASP A 66  ? VAL A 61  ASP A 65  
AA1 4 VAL A 92  ? THR A 96  ? VAL A 91  THR A 95  
AA1 5 PHE A 115 ? VAL A 117 ? PHE A 114 VAL A 116 
# 
loop_
_pdbx_struct_sheet_hbond.sheet_id 
_pdbx_struct_sheet_hbond.range_id_1 
_pdbx_struct_sheet_hbond.range_id_2 
_pdbx_struct_sheet_hbond.range_1_label_atom_id 
_pdbx_struct_sheet_hbond.range_1_label_comp_id 
_pdbx_struct_sheet_hbond.range_1_label_asym_id 
_pdbx_struct_sheet_hbond.range_1_label_seq_id 
_pdbx_struct_sheet_hbond.range_1_PDB_ins_code 
_pdbx_struct_sheet_hbond.range_1_auth_atom_id 
_pdbx_struct_sheet_hbond.range_1_auth_comp_id 
_pdbx_struct_sheet_hbond.range_1_auth_asym_id 
_pdbx_struct_sheet_hbond.range_1_auth_seq_id 
_pdbx_struct_sheet_hbond.range_2_label_atom_id 
_pdbx_struct_sheet_hbond.range_2_label_comp_id 
_pdbx_struct_sheet_hbond.range_2_label_asym_id 
_pdbx_struct_sheet_hbond.range_2_label_seq_id 
_pdbx_struct_sheet_hbond.range_2_PDB_ins_code 
_pdbx_struct_sheet_hbond.range_2_auth_atom_id 
_pdbx_struct_sheet_hbond.range_2_auth_comp_id 
_pdbx_struct_sheet_hbond.range_2_auth_asym_id 
_pdbx_struct_sheet_hbond.range_2_auth_seq_id 
AA1 1 2 O VAL A 34 ? O VAL A 33 N ILE A 7   ? N ILE A 6   
AA1 2 3 N LEU A 8  ? N LEU A 7  O LEU A 64  ? O LEU A 63  
AA1 3 4 N LEU A 65 ? N LEU A 64 O VAL A 93  ? O VAL A 92  
AA1 4 5 N THR A 96 ? N THR A 95 O VAL A 116 ? O VAL A 115 
# 
_struct_site.id                   AC1 
_struct_site.pdbx_evidence_code   Software 
_struct_site.pdbx_auth_asym_id    A 
_struct_site.pdbx_auth_comp_id    MG 
_struct_site.pdbx_auth_seq_id     201 
_struct_site.pdbx_auth_ins_code   ? 
_struct_site.pdbx_num_residues    6 
_struct_site.details              'binding site for residue MG A 201' 
# 
loop_
_struct_site_gen.id 
_struct_site_gen.site_id 
_struct_site_gen.pdbx_num_res 
_struct_site_gen.label_comp_id 
_struct_site_gen.label_asym_id 
_struct_site_gen.label_seq_id 
_struct_site_gen.pdbx_auth_ins_code 
_struct_site_gen.auth_comp_id 
_struct_site_gen.auth_asym_id 
_struct_site_gen.auth_seq_id 
_struct_site_gen.label_atom_id 
_struct_site_gen.label_alt_id 
_struct_site_gen.symmetry 
_struct_site_gen.details 
1 AC1 6 ASP A 12 ? ASP A 11  . ? 1_555 ? 
2 AC1 6 ASP A 66 ? ASP A 65  . ? 1_555 ? 
3 AC1 6 LYS A 68 ? LYS A 67  . ? 1_555 ? 
4 AC1 6 HOH C .  ? HOH A 315 . ? 1_555 ? 
5 AC1 6 HOH C .  ? HOH A 320 . ? 1_555 ? 
6 AC1 6 HOH C .  ? HOH A 322 . ? 1_555 ? 
# 
_pdbx_validate_close_contact.id               1 
_pdbx_validate_close_contact.PDB_model_num    1 
_pdbx_validate_close_contact.auth_atom_id_1   NZ 
_pdbx_validate_close_contact.auth_asym_id_1   A 
_pdbx_validate_close_contact.auth_comp_id_1   LYS 
_pdbx_validate_close_contact.auth_seq_id_1    67 
_pdbx_validate_close_contact.PDB_ins_code_1   ? 
_pdbx_validate_close_contact.label_alt_id_1   ? 
_pdbx_validate_close_contact.auth_atom_id_2   O 
_pdbx_validate_close_contact.auth_asym_id_2   A 
_pdbx_validate_close_contact.auth_comp_id_2   HOH 
_pdbx_validate_close_contact.auth_seq_id_2    301 
_pdbx_validate_close_contact.PDB_ins_code_2   ? 
_pdbx_validate_close_contact.label_alt_id_2   ? 
_pdbx_validate_close_contact.dist             2.17 
# 
loop_
_pdbx_validate_torsion.id 
_pdbx_validate_torsion.PDB_model_num 
_pdbx_validate_torsion.auth_comp_id 
_pdbx_validate_torsion.auth_asym_id 
_pdbx_validate_torsion.auth_seq_id 
_pdbx_validate_torsion.PDB_ins_code 
_pdbx_validate_torsion.label_alt_id 
_pdbx_validate_torsion.phi 
_pdbx_validate_torsion.psi 
1 1 ASN A 53 ? ? 46.60  26.03  
2 1 PRO A 55 ? ? -53.10 107.57 
3 1 LYS A 70 ? ? 71.64  -60.58 
# 
loop_
_pdbx_struct_special_symmetry.id 
_pdbx_struct_special_symmetry.PDB_model_num 
_pdbx_struct_special_symmetry.auth_asym_id 
_pdbx_struct_special_symmetry.auth_comp_id 
_pdbx_struct_special_symmetry.auth_seq_id 
_pdbx_struct_special_symmetry.PDB_ins_code 
_pdbx_struct_special_symmetry.label_asym_id 
_pdbx_struct_special_symmetry.label_comp_id 
_pdbx_struct_special_symmetry.label_seq_id 
1 1 A HOH 370 ? C HOH . 
2 1 A HOH 378 ? C HOH . 
# 
_pdbx_unobs_or_zero_occ_residues.id               1 
_pdbx_unobs_or_zero_occ_residues.PDB_model_num    1 
_pdbx_unobs_or_zero_occ_residues.polymer_flag     Y 
_pdbx_unobs_or_zero_occ_residues.occupancy_flag   1 
_pdbx_unobs_or_zero_occ_residues.auth_asym_id     A 
_pdbx_unobs_or_zero_occ_residues.auth_comp_id     MET 
_pdbx_unobs_or_zero_occ_residues.auth_seq_id      0 
_pdbx_unobs_or_zero_occ_residues.PDB_ins_code     ? 
_pdbx_unobs_or_zero_occ_residues.label_asym_id    A 
_pdbx_unobs_or_zero_occ_residues.label_comp_id    MET 
_pdbx_unobs_or_zero_occ_residues.label_seq_id     1 
# 
loop_
_chem_comp_atom.comp_id 
_chem_comp_atom.atom_id 
_chem_comp_atom.type_symbol 
_chem_comp_atom.pdbx_aromatic_flag 
_chem_comp_atom.pdbx_stereo_config 
_chem_comp_atom.pdbx_ordinal 
ALA N    N  N N 1   
ALA CA   C  N S 2   
ALA C    C  N N 3   
ALA O    O  N N 4   
ALA CB   C  N N 5   
ALA OXT  O  N N 6   
ALA H    H  N N 7   
ALA H2   H  N N 8   
ALA HA   H  N N 9   
ALA HB1  H  N N 10  
ALA HB2  H  N N 11  
ALA HB3  H  N N 12  
ALA HXT  H  N N 13  
ARG N    N  N N 14  
ARG CA   C  N S 15  
ARG C    C  N N 16  
ARG O    O  N N 17  
ARG CB   C  N N 18  
ARG CG   C  N N 19  
ARG CD   C  N N 20  
ARG NE   N  N N 21  
ARG CZ   C  N N 22  
ARG NH1  N  N N 23  
ARG NH2  N  N N 24  
ARG OXT  O  N N 25  
ARG H    H  N N 26  
ARG H2   H  N N 27  
ARG HA   H  N N 28  
ARG HB2  H  N N 29  
ARG HB3  H  N N 30  
ARG HG2  H  N N 31  
ARG HG3  H  N N 32  
ARG HD2  H  N N 33  
ARG HD3  H  N N 34  
ARG HE   H  N N 35  
ARG HH11 H  N N 36  
ARG HH12 H  N N 37  
ARG HH21 H  N N 38  
ARG HH22 H  N N 39  
ARG HXT  H  N N 40  
ASN N    N  N N 41  
ASN CA   C  N S 42  
ASN C    C  N N 43  
ASN O    O  N N 44  
ASN CB   C  N N 45  
ASN CG   C  N N 46  
ASN OD1  O  N N 47  
ASN ND2  N  N N 48  
ASN OXT  O  N N 49  
ASN H    H  N N 50  
ASN H2   H  N N 51  
ASN HA   H  N N 52  
ASN HB2  H  N N 53  
ASN HB3  H  N N 54  
ASN HD21 H  N N 55  
ASN HD22 H  N N 56  
ASN HXT  H  N N 57  
ASP N    N  N N 58  
ASP CA   C  N S 59  
ASP C    C  N N 60  
ASP O    O  N N 61  
ASP CB   C  N N 62  
ASP CG   C  N N 63  
ASP OD1  O  N N 64  
ASP OD2  O  N N 65  
ASP OXT  O  N N 66  
ASP H    H  N N 67  
ASP H2   H  N N 68  
ASP HA   H  N N 69  
ASP HB2  H  N N 70  
ASP HB3  H  N N 71  
ASP HD2  H  N N 72  
ASP HXT  H  N N 73  
CYS N    N  N N 74  
CYS CA   C  N R 75  
CYS C    C  N N 76  
CYS O    O  N N 77  
CYS CB   C  N N 78  
CYS SG   S  N N 79  
CYS OXT  O  N N 80  
CYS H    H  N N 81  
CYS H2   H  N N 82  
CYS HA   H  N N 83  
CYS HB2  H  N N 84  
CYS HB3  H  N N 85  
CYS HG   H  N N 86  
CYS HXT  H  N N 87  
GLN N    N  N N 88  
GLN CA   C  N S 89  
GLN C    C  N N 90  
GLN O    O  N N 91  
GLN CB   C  N N 92  
GLN CG   C  N N 93  
GLN CD   C  N N 94  
GLN OE1  O  N N 95  
GLN NE2  N  N N 96  
GLN OXT  O  N N 97  
GLN H    H  N N 98  
GLN H2   H  N N 99  
GLN HA   H  N N 100 
GLN HB2  H  N N 101 
GLN HB3  H  N N 102 
GLN HG2  H  N N 103 
GLN HG3  H  N N 104 
GLN HE21 H  N N 105 
GLN HE22 H  N N 106 
GLN HXT  H  N N 107 
GLU N    N  N N 108 
GLU CA   C  N S 109 
GLU C    C  N N 110 
GLU O    O  N N 111 
GLU CB   C  N N 112 
GLU CG   C  N N 113 
GLU CD   C  N N 114 
GLU OE1  O  N N 115 
GLU OE2  O  N N 116 
GLU OXT  O  N N 117 
GLU H    H  N N 118 
GLU H2   H  N N 119 
GLU HA   H  N N 120 
GLU HB2  H  N N 121 
GLU HB3  H  N N 122 
GLU HG2  H  N N 123 
GLU HG3  H  N N 124 
GLU HE2  H  N N 125 
GLU HXT  H  N N 126 
GLY N    N  N N 127 
GLY CA   C  N N 128 
GLY C    C  N N 129 
GLY O    O  N N 130 
GLY OXT  O  N N 131 
GLY H    H  N N 132 
GLY H2   H  N N 133 
GLY HA2  H  N N 134 
GLY HA3  H  N N 135 
GLY HXT  H  N N 136 
HIS N    N  N N 137 
HIS CA   C  N S 138 
HIS C    C  N N 139 
HIS O    O  N N 140 
HIS CB   C  N N 141 
HIS CG   C  Y N 142 
HIS ND1  N  Y N 143 
HIS CD2  C  Y N 144 
HIS CE1  C  Y N 145 
HIS NE2  N  Y N 146 
HIS OXT  O  N N 147 
HIS H    H  N N 148 
HIS H2   H  N N 149 
HIS HA   H  N N 150 
HIS HB2  H  N N 151 
HIS HB3  H  N N 152 
HIS HD1  H  N N 153 
HIS HD2  H  N N 154 
HIS HE1  H  N N 155 
HIS HE2  H  N N 156 
HIS HXT  H  N N 157 
HOH O    O  N N 158 
HOH H1   H  N N 159 
HOH H2   H  N N 160 
ILE N    N  N N 161 
ILE CA   C  N S 162 
ILE C    C  N N 163 
ILE O    O  N N 164 
ILE CB   C  N S 165 
ILE CG1  C  N N 166 
ILE CG2  C  N N 167 
ILE CD1  C  N N 168 
ILE OXT  O  N N 169 
ILE H    H  N N 170 
ILE H2   H  N N 171 
ILE HA   H  N N 172 
ILE HB   H  N N 173 
ILE HG12 H  N N 174 
ILE HG13 H  N N 175 
ILE HG21 H  N N 176 
ILE HG22 H  N N 177 
ILE HG23 H  N N 178 
ILE HD11 H  N N 179 
ILE HD12 H  N N 180 
ILE HD13 H  N N 181 
ILE HXT  H  N N 182 
LEU N    N  N N 183 
LEU CA   C  N S 184 
LEU C    C  N N 185 
LEU O    O  N N 186 
LEU CB   C  N N 187 
LEU CG   C  N N 188 
LEU CD1  C  N N 189 
LEU CD2  C  N N 190 
LEU OXT  O  N N 191 
LEU H    H  N N 192 
LEU H2   H  N N 193 
LEU HA   H  N N 194 
LEU HB2  H  N N 195 
LEU HB3  H  N N 196 
LEU HG   H  N N 197 
LEU HD11 H  N N 198 
LEU HD12 H  N N 199 
LEU HD13 H  N N 200 
LEU HD21 H  N N 201 
LEU HD22 H  N N 202 
LEU HD23 H  N N 203 
LEU HXT  H  N N 204 
LYS N    N  N N 205 
LYS CA   C  N S 206 
LYS C    C  N N 207 
LYS O    O  N N 208 
LYS CB   C  N N 209 
LYS CG   C  N N 210 
LYS CD   C  N N 211 
LYS CE   C  N N 212 
LYS NZ   N  N N 213 
LYS OXT  O  N N 214 
LYS H    H  N N 215 
LYS H2   H  N N 216 
LYS HA   H  N N 217 
LYS HB2  H  N N 218 
LYS HB3  H  N N 219 
LYS HG2  H  N N 220 
LYS HG3  H  N N 221 
LYS HD2  H  N N 222 
LYS HD3  H  N N 223 
LYS HE2  H  N N 224 
LYS HE3  H  N N 225 
LYS HZ1  H  N N 226 
LYS HZ2  H  N N 227 
LYS HZ3  H  N N 228 
LYS HXT  H  N N 229 
MET N    N  N N 230 
MET CA   C  N S 231 
MET C    C  N N 232 
MET O    O  N N 233 
MET CB   C  N N 234 
MET CG   C  N N 235 
MET SD   S  N N 236 
MET CE   C  N N 237 
MET OXT  O  N N 238 
MET H    H  N N 239 
MET H2   H  N N 240 
MET HA   H  N N 241 
MET HB2  H  N N 242 
MET HB3  H  N N 243 
MET HG2  H  N N 244 
MET HG3  H  N N 245 
MET HE1  H  N N 246 
MET HE2  H  N N 247 
MET HE3  H  N N 248 
MET HXT  H  N N 249 
MG  MG   MG N N 250 
PHE N    N  N N 251 
PHE CA   C  N S 252 
PHE C    C  N N 253 
PHE O    O  N N 254 
PHE CB   C  N N 255 
PHE CG   C  Y N 256 
PHE CD1  C  Y N 257 
PHE CD2  C  Y N 258 
PHE CE1  C  Y N 259 
PHE CE2  C  Y N 260 
PHE CZ   C  Y N 261 
PHE OXT  O  N N 262 
PHE H    H  N N 263 
PHE H2   H  N N 264 
PHE HA   H  N N 265 
PHE HB2  H  N N 266 
PHE HB3  H  N N 267 
PHE HD1  H  N N 268 
PHE HD2  H  N N 269 
PHE HE1  H  N N 270 
PHE HE2  H  N N 271 
PHE HZ   H  N N 272 
PHE HXT  H  N N 273 
PRO N    N  N N 274 
PRO CA   C  N S 275 
PRO C    C  N N 276 
PRO O    O  N N 277 
PRO CB   C  N N 278 
PRO CG   C  N N 279 
PRO CD   C  N N 280 
PRO OXT  O  N N 281 
PRO H    H  N N 282 
PRO HA   H  N N 283 
PRO HB2  H  N N 284 
PRO HB3  H  N N 285 
PRO HG2  H  N N 286 
PRO HG3  H  N N 287 
PRO HD2  H  N N 288 
PRO HD3  H  N N 289 
PRO HXT  H  N N 290 
SER N    N  N N 291 
SER CA   C  N S 292 
SER C    C  N N 293 
SER O    O  N N 294 
SER CB   C  N N 295 
SER OG   O  N N 296 
SER OXT  O  N N 297 
SER H    H  N N 298 
SER H2   H  N N 299 
SER HA   H  N N 300 
SER HB2  H  N N 301 
SER HB3  H  N N 302 
SER HG   H  N N 303 
SER HXT  H  N N 304 
THR N    N  N N 305 
THR CA   C  N S 306 
THR C    C  N N 307 
THR O    O  N N 308 
THR CB   C  N R 309 
THR OG1  O  N N 310 
THR CG2  C  N N 311 
THR OXT  O  N N 312 
THR H    H  N N 313 
THR H2   H  N N 314 
THR HA   H  N N 315 
THR HB   H  N N 316 
THR HG1  H  N N 317 
THR HG21 H  N N 318 
THR HG22 H  N N 319 
THR HG23 H  N N 320 
THR HXT  H  N N 321 
TRP N    N  N N 322 
TRP CA   C  N S 323 
TRP C    C  N N 324 
TRP O    O  N N 325 
TRP CB   C  N N 326 
TRP CG   C  Y N 327 
TRP CD1  C  Y N 328 
TRP CD2  C  Y N 329 
TRP NE1  N  Y N 330 
TRP CE2  C  Y N 331 
TRP CE3  C  Y N 332 
TRP CZ2  C  Y N 333 
TRP CZ3  C  Y N 334 
TRP CH2  C  Y N 335 
TRP OXT  O  N N 336 
TRP H    H  N N 337 
TRP H2   H  N N 338 
TRP HA   H  N N 339 
TRP HB2  H  N N 340 
TRP HB3  H  N N 341 
TRP HD1  H  N N 342 
TRP HE1  H  N N 343 
TRP HE3  H  N N 344 
TRP HZ2  H  N N 345 
TRP HZ3  H  N N 346 
TRP HH2  H  N N 347 
TRP HXT  H  N N 348 
TYR N    N  N N 349 
TYR CA   C  N S 350 
TYR C    C  N N 351 
TYR O    O  N N 352 
TYR CB   C  N N 353 
TYR CG   C  Y N 354 
TYR CD1  C  Y N 355 
TYR CD2  C  Y N 356 
TYR CE1  C  Y N 357 
TYR CE2  C  Y N 358 
TYR CZ   C  Y N 359 
TYR OH   O  N N 360 
TYR OXT  O  N N 361 
TYR H    H  N N 362 
TYR H2   H  N N 363 
TYR HA   H  N N 364 
TYR HB2  H  N N 365 
TYR HB3  H  N N 366 
TYR HD1  H  N N 367 
TYR HD2  H  N N 368 
TYR HE1  H  N N 369 
TYR HE2  H  N N 370 
TYR HH   H  N N 371 
TYR HXT  H  N N 372 
VAL N    N  N N 373 
VAL CA   C  N S 374 
VAL C    C  N N 375 
VAL O    O  N N 376 
VAL CB   C  N N 377 
VAL CG1  C  N N 378 
VAL CG2  C  N N 379 
VAL OXT  O  N N 380 
VAL H    H  N N 381 
VAL H2   H  N N 382 
VAL HA   H  N N 383 
VAL HB   H  N N 384 
VAL HG11 H  N N 385 
VAL HG12 H  N N 386 
VAL HG13 H  N N 387 
VAL HG21 H  N N 388 
VAL HG22 H  N N 389 
VAL HG23 H  N N 390 
VAL HXT  H  N N 391 
# 
loop_
_chem_comp_bond.comp_id 
_chem_comp_bond.atom_id_1 
_chem_comp_bond.atom_id_2 
_chem_comp_bond.value_order 
_chem_comp_bond.pdbx_aromatic_flag 
_chem_comp_bond.pdbx_stereo_config 
_chem_comp_bond.pdbx_ordinal 
ALA N   CA   sing N N 1   
ALA N   H    sing N N 2   
ALA N   H2   sing N N 3   
ALA CA  C    sing N N 4   
ALA CA  CB   sing N N 5   
ALA CA  HA   sing N N 6   
ALA C   O    doub N N 7   
ALA C   OXT  sing N N 8   
ALA CB  HB1  sing N N 9   
ALA CB  HB2  sing N N 10  
ALA CB  HB3  sing N N 11  
ALA OXT HXT  sing N N 12  
ARG N   CA   sing N N 13  
ARG N   H    sing N N 14  
ARG N   H2   sing N N 15  
ARG CA  C    sing N N 16  
ARG CA  CB   sing N N 17  
ARG CA  HA   sing N N 18  
ARG C   O    doub N N 19  
ARG C   OXT  sing N N 20  
ARG CB  CG   sing N N 21  
ARG CB  HB2  sing N N 22  
ARG CB  HB3  sing N N 23  
ARG CG  CD   sing N N 24  
ARG CG  HG2  sing N N 25  
ARG CG  HG3  sing N N 26  
ARG CD  NE   sing N N 27  
ARG CD  HD2  sing N N 28  
ARG CD  HD3  sing N N 29  
ARG NE  CZ   sing N N 30  
ARG NE  HE   sing N N 31  
ARG CZ  NH1  sing N N 32  
ARG CZ  NH2  doub N N 33  
ARG NH1 HH11 sing N N 34  
ARG NH1 HH12 sing N N 35  
ARG NH2 HH21 sing N N 36  
ARG NH2 HH22 sing N N 37  
ARG OXT HXT  sing N N 38  
ASN N   CA   sing N N 39  
ASN N   H    sing N N 40  
ASN N   H2   sing N N 41  
ASN CA  C    sing N N 42  
ASN CA  CB   sing N N 43  
ASN CA  HA   sing N N 44  
ASN C   O    doub N N 45  
ASN C   OXT  sing N N 46  
ASN CB  CG   sing N N 47  
ASN CB  HB2  sing N N 48  
ASN CB  HB3  sing N N 49  
ASN CG  OD1  doub N N 50  
ASN CG  ND2  sing N N 51  
ASN ND2 HD21 sing N N 52  
ASN ND2 HD22 sing N N 53  
ASN OXT HXT  sing N N 54  
ASP N   CA   sing N N 55  
ASP N   H    sing N N 56  
ASP N   H2   sing N N 57  
ASP CA  C    sing N N 58  
ASP CA  CB   sing N N 59  
ASP CA  HA   sing N N 60  
ASP C   O    doub N N 61  
ASP C   OXT  sing N N 62  
ASP CB  CG   sing N N 63  
ASP CB  HB2  sing N N 64  
ASP CB  HB3  sing N N 65  
ASP CG  OD1  doub N N 66  
ASP CG  OD2  sing N N 67  
ASP OD2 HD2  sing N N 68  
ASP OXT HXT  sing N N 69  
CYS N   CA   sing N N 70  
CYS N   H    sing N N 71  
CYS N   H2   sing N N 72  
CYS CA  C    sing N N 73  
CYS CA  CB   sing N N 74  
CYS CA  HA   sing N N 75  
CYS C   O    doub N N 76  
CYS C   OXT  sing N N 77  
CYS CB  SG   sing N N 78  
CYS CB  HB2  sing N N 79  
CYS CB  HB3  sing N N 80  
CYS SG  HG   sing N N 81  
CYS OXT HXT  sing N N 82  
GLN N   CA   sing N N 83  
GLN N   H    sing N N 84  
GLN N   H2   sing N N 85  
GLN CA  C    sing N N 86  
GLN CA  CB   sing N N 87  
GLN CA  HA   sing N N 88  
GLN C   O    doub N N 89  
GLN C   OXT  sing N N 90  
GLN CB  CG   sing N N 91  
GLN CB  HB2  sing N N 92  
GLN CB  HB3  sing N N 93  
GLN CG  CD   sing N N 94  
GLN CG  HG2  sing N N 95  
GLN CG  HG3  sing N N 96  
GLN CD  OE1  doub N N 97  
GLN CD  NE2  sing N N 98  
GLN NE2 HE21 sing N N 99  
GLN NE2 HE22 sing N N 100 
GLN OXT HXT  sing N N 101 
GLU N   CA   sing N N 102 
GLU N   H    sing N N 103 
GLU N   H2   sing N N 104 
GLU CA  C    sing N N 105 
GLU CA  CB   sing N N 106 
GLU CA  HA   sing N N 107 
GLU C   O    doub N N 108 
GLU C   OXT  sing N N 109 
GLU CB  CG   sing N N 110 
GLU CB  HB2  sing N N 111 
GLU CB  HB3  sing N N 112 
GLU CG  CD   sing N N 113 
GLU CG  HG2  sing N N 114 
GLU CG  HG3  sing N N 115 
GLU CD  OE1  doub N N 116 
GLU CD  OE2  sing N N 117 
GLU OE2 HE2  sing N N 118 
GLU OXT HXT  sing N N 119 
GLY N   CA   sing N N 120 
GLY N   H    sing N N 121 
GLY N   H2   sing N N 122 
GLY CA  C    sing N N 123 
GLY CA  HA2  sing N N 124 
GLY CA  HA3  sing N N 125 
GLY C   O    doub N N 126 
GLY C   OXT  sing N N 127 
GLY OXT HXT  sing N N 128 
HIS N   CA   sing N N 129 
HIS N   H    sing N N 130 
HIS N   H2   sing N N 131 
HIS CA  C    sing N N 132 
HIS CA  CB   sing N N 133 
HIS CA  HA   sing N N 134 
HIS C   O    doub N N 135 
HIS C   OXT  sing N N 136 
HIS CB  CG   sing N N 137 
HIS CB  HB2  sing N N 138 
HIS CB  HB3  sing N N 139 
HIS CG  ND1  sing Y N 140 
HIS CG  CD2  doub Y N 141 
HIS ND1 CE1  doub Y N 142 
HIS ND1 HD1  sing N N 143 
HIS CD2 NE2  sing Y N 144 
HIS CD2 HD2  sing N N 145 
HIS CE1 NE2  sing Y N 146 
HIS CE1 HE1  sing N N 147 
HIS NE2 HE2  sing N N 148 
HIS OXT HXT  sing N N 149 
HOH O   H1   sing N N 150 
HOH O   H2   sing N N 151 
ILE N   CA   sing N N 152 
ILE N   H    sing N N 153 
ILE N   H2   sing N N 154 
ILE CA  C    sing N N 155 
ILE CA  CB   sing N N 156 
ILE CA  HA   sing N N 157 
ILE C   O    doub N N 158 
ILE C   OXT  sing N N 159 
ILE CB  CG1  sing N N 160 
ILE CB  CG2  sing N N 161 
ILE CB  HB   sing N N 162 
ILE CG1 CD1  sing N N 163 
ILE CG1 HG12 sing N N 164 
ILE CG1 HG13 sing N N 165 
ILE CG2 HG21 sing N N 166 
ILE CG2 HG22 sing N N 167 
ILE CG2 HG23 sing N N 168 
ILE CD1 HD11 sing N N 169 
ILE CD1 HD12 sing N N 170 
ILE CD1 HD13 sing N N 171 
ILE OXT HXT  sing N N 172 
LEU N   CA   sing N N 173 
LEU N   H    sing N N 174 
LEU N   H2   sing N N 175 
LEU CA  C    sing N N 176 
LEU CA  CB   sing N N 177 
LEU CA  HA   sing N N 178 
LEU C   O    doub N N 179 
LEU C   OXT  sing N N 180 
LEU CB  CG   sing N N 181 
LEU CB  HB2  sing N N 182 
LEU CB  HB3  sing N N 183 
LEU CG  CD1  sing N N 184 
LEU CG  CD2  sing N N 185 
LEU CG  HG   sing N N 186 
LEU CD1 HD11 sing N N 187 
LEU CD1 HD12 sing N N 188 
LEU CD1 HD13 sing N N 189 
LEU CD2 HD21 sing N N 190 
LEU CD2 HD22 sing N N 191 
LEU CD2 HD23 sing N N 192 
LEU OXT HXT  sing N N 193 
LYS N   CA   sing N N 194 
LYS N   H    sing N N 195 
LYS N   H2   sing N N 196 
LYS CA  C    sing N N 197 
LYS CA  CB   sing N N 198 
LYS CA  HA   sing N N 199 
LYS C   O    doub N N 200 
LYS C   OXT  sing N N 201 
LYS CB  CG   sing N N 202 
LYS CB  HB2  sing N N 203 
LYS CB  HB3  sing N N 204 
LYS CG  CD   sing N N 205 
LYS CG  HG2  sing N N 206 
LYS CG  HG3  sing N N 207 
LYS CD  CE   sing N N 208 
LYS CD  HD2  sing N N 209 
LYS CD  HD3  sing N N 210 
LYS CE  NZ   sing N N 211 
LYS CE  HE2  sing N N 212 
LYS CE  HE3  sing N N 213 
LYS NZ  HZ1  sing N N 214 
LYS NZ  HZ2  sing N N 215 
LYS NZ  HZ3  sing N N 216 
LYS OXT HXT  sing N N 217 
MET N   CA   sing N N 218 
MET N   H    sing N N 219 
MET N   H2   sing N N 220 
MET CA  C    sing N N 221 
MET CA  CB   sing N N 222 
MET CA  HA   sing N N 223 
MET C   O    doub N N 224 
MET C   OXT  sing N N 225 
MET CB  CG   sing N N 226 
MET CB  HB2  sing N N 227 
MET CB  HB3  sing N N 228 
MET CG  SD   sing N N 229 
MET CG  HG2  sing N N 230 
MET CG  HG3  sing N N 231 
MET SD  CE   sing N N 232 
MET CE  HE1  sing N N 233 
MET CE  HE2  sing N N 234 
MET CE  HE3  sing N N 235 
MET OXT HXT  sing N N 236 
PHE N   CA   sing N N 237 
PHE N   H    sing N N 238 
PHE N   H2   sing N N 239 
PHE CA  C    sing N N 240 
PHE CA  CB   sing N N 241 
PHE CA  HA   sing N N 242 
PHE C   O    doub N N 243 
PHE C   OXT  sing N N 244 
PHE CB  CG   sing N N 245 
PHE CB  HB2  sing N N 246 
PHE CB  HB3  sing N N 247 
PHE CG  CD1  doub Y N 248 
PHE CG  CD2  sing Y N 249 
PHE CD1 CE1  sing Y N 250 
PHE CD1 HD1  sing N N 251 
PHE CD2 CE2  doub Y N 252 
PHE CD2 HD2  sing N N 253 
PHE CE1 CZ   doub Y N 254 
PHE CE1 HE1  sing N N 255 
PHE CE2 CZ   sing Y N 256 
PHE CE2 HE2  sing N N 257 
PHE CZ  HZ   sing N N 258 
PHE OXT HXT  sing N N 259 
PRO N   CA   sing N N 260 
PRO N   CD   sing N N 261 
PRO N   H    sing N N 262 
PRO CA  C    sing N N 263 
PRO CA  CB   sing N N 264 
PRO CA  HA   sing N N 265 
PRO C   O    doub N N 266 
PRO C   OXT  sing N N 267 
PRO CB  CG   sing N N 268 
PRO CB  HB2  sing N N 269 
PRO CB  HB3  sing N N 270 
PRO CG  CD   sing N N 271 
PRO CG  HG2  sing N N 272 
PRO CG  HG3  sing N N 273 
PRO CD  HD2  sing N N 274 
PRO CD  HD3  sing N N 275 
PRO OXT HXT  sing N N 276 
SER N   CA   sing N N 277 
SER N   H    sing N N 278 
SER N   H2   sing N N 279 
SER CA  C    sing N N 280 
SER CA  CB   sing N N 281 
SER CA  HA   sing N N 282 
SER C   O    doub N N 283 
SER C   OXT  sing N N 284 
SER CB  OG   sing N N 285 
SER CB  HB2  sing N N 286 
SER CB  HB3  sing N N 287 
SER OG  HG   sing N N 288 
SER OXT HXT  sing N N 289 
THR N   CA   sing N N 290 
THR N   H    sing N N 291 
THR N   H2   sing N N 292 
THR CA  C    sing N N 293 
THR CA  CB   sing N N 294 
THR CA  HA   sing N N 295 
THR C   O    doub N N 296 
THR C   OXT  sing N N 297 
THR CB  OG1  sing N N 298 
THR CB  CG2  sing N N 299 
THR CB  HB   sing N N 300 
THR OG1 HG1  sing N N 301 
THR CG2 HG21 sing N N 302 
THR CG2 HG22 sing N N 303 
THR CG2 HG23 sing N N 304 
THR OXT HXT  sing N N 305 
TRP N   CA   sing N N 306 
TRP N   H    sing N N 307 
TRP N   H2   sing N N 308 
TRP CA  C    sing N N 309 
TRP CA  CB   sing N N 310 
TRP CA  HA   sing N N 311 
TRP C   O    doub N N 312 
TRP C   OXT  sing N N 313 
TRP CB  CG   sing N N 314 
TRP CB  HB2  sing N N 315 
TRP CB  HB3  sing N N 316 
TRP CG  CD1  doub Y N 317 
TRP CG  CD2  sing Y N 318 
TRP CD1 NE1  sing Y N 319 
TRP CD1 HD1  sing N N 320 
TRP CD2 CE2  doub Y N 321 
TRP CD2 CE3  sing Y N 322 
TRP NE1 CE2  sing Y N 323 
TRP NE1 HE1  sing N N 324 
TRP CE2 CZ2  sing Y N 325 
TRP CE3 CZ3  doub Y N 326 
TRP CE3 HE3  sing N N 327 
TRP CZ2 CH2  doub Y N 328 
TRP CZ2 HZ2  sing N N 329 
TRP CZ3 CH2  sing Y N 330 
TRP CZ3 HZ3  sing N N 331 
TRP CH2 HH2  sing N N 332 
TRP OXT HXT  sing N N 333 
TYR N   CA   sing N N 334 
TYR N   H    sing N N 335 
TYR N   H2   sing N N 336 
TYR CA  C    sing N N 337 
TYR CA  CB   sing N N 338 
TYR CA  HA   sing N N 339 
TYR C   O    doub N N 340 
TYR C   OXT  sing N N 341 
TYR CB  CG   sing N N 342 
TYR CB  HB2  sing N N 343 
TYR CB  HB3  sing N N 344 
TYR CG  CD1  doub Y N 345 
TYR CG  CD2  sing Y N 346 
TYR CD1 CE1  sing Y N 347 
TYR CD1 HD1  sing N N 348 
TYR CD2 CE2  doub Y N 349 
TYR CD2 HD2  sing N N 350 
TYR CE1 CZ   doub Y N 351 
TYR CE1 HE1  sing N N 352 
TYR CE2 CZ   sing Y N 353 
TYR CE2 HE2  sing N N 354 
TYR CZ  OH   sing N N 355 
TYR OH  HH   sing N N 356 
TYR OXT HXT  sing N N 357 
VAL N   CA   sing N N 358 
VAL N   H    sing N N 359 
VAL N   H2   sing N N 360 
VAL CA  C    sing N N 361 
VAL CA  CB   sing N N 362 
VAL CA  HA   sing N N 363 
VAL C   O    doub N N 364 
VAL C   OXT  sing N N 365 
VAL CB  CG1  sing N N 366 
VAL CB  CG2  sing N N 367 
VAL CB  HB   sing N N 368 
VAL CG1 HG11 sing N N 369 
VAL CG1 HG12 sing N N 370 
VAL CG1 HG13 sing N N 371 
VAL CG2 HG21 sing N N 372 
VAL CG2 HG22 sing N N 373 
VAL CG2 HG23 sing N N 374 
VAL OXT HXT  sing N N 375 
# 
loop_
_pdbx_audit_support.funding_organization 
_pdbx_audit_support.country 
_pdbx_audit_support.grant_number 
_pdbx_audit_support.ordinal 
'National Science Foundation (NSF, United States)'                                         'United States' DGE-1256259     1 
'National Institutes of Health/National Institute of General Medical Sciences (NIH/NIGMS)' 'United States' 5T32GM008349-23 2 
# 
_atom_sites.entry_id                    5BRJ 
_atom_sites.fract_transf_matrix[1][1]   0.00395992 
_atom_sites.fract_transf_matrix[1][2]   0.00767378 
_atom_sites.fract_transf_matrix[1][3]   0.02278131 
_atom_sites.fract_transf_matrix[2][1]   0.02307039 
_atom_sites.fract_transf_matrix[2][2]   0.00527484 
_atom_sites.fract_transf_matrix[2][3]   -0.00578697 
_atom_sites.fract_transf_matrix[3][1]   -0.00147702 
_atom_sites.fract_transf_matrix[3][2]   0.00492254 
_atom_sites.fract_transf_matrix[3][3]   -0.00140140 
_atom_sites.fract_transf_vector[1]      0.196691 
_atom_sites.fract_transf_vector[2]      0.657520 
_atom_sites.fract_transf_vector[3]      0.426552 
# 
loop_
_atom_type.symbol 
C  
MG 
N  
O  
S  
# 
loop_
_atom_site.group_PDB 
_atom_site.id 
_atom_site.type_symbol 
_atom_site.label_atom_id 
_atom_site.label_alt_id 
_atom_site.label_comp_id 
_atom_site.label_asym_id 
_atom_site.label_entity_id 
_atom_site.label_seq_id 
_atom_site.pdbx_PDB_ins_code 
_atom_site.Cartn_x 
_atom_site.Cartn_y 
_atom_site.Cartn_z 
_atom_site.occupancy 
_atom_site.B_iso_or_equiv 
_atom_site.pdbx_formal_charge 
_atom_site.auth_seq_id 
_atom_site.auth_comp_id 
_atom_site.auth_asym_id 
_atom_site.auth_atom_id 
_atom_site.pdbx_PDB_model_num 
ATOM   1    N  N   . PRO A 1 2   ? 11.254  14.460  -12.937 1.00 63.00 ? 1   PRO A N   1 
ATOM   2    C  CA  . PRO A 1 2   ? 11.612  13.566  -11.830 1.00 62.56 ? 1   PRO A CA  1 
ATOM   3    C  C   . PRO A 1 2   ? 11.147  12.135  -12.080 1.00 61.25 ? 1   PRO A C   1 
ATOM   4    O  O   . PRO A 1 2   ? 10.170  11.917  -12.798 1.00 58.15 ? 1   PRO A O   1 
ATOM   5    C  CB  . PRO A 1 2   ? 10.881  14.176  -10.629 1.00 56.98 ? 1   PRO A CB  1 
ATOM   6    C  CG  . PRO A 1 2   ? 10.735  15.615  -10.975 1.00 64.28 ? 1   PRO A CG  1 
ATOM   7    C  CD  . PRO A 1 2   ? 10.542  15.663  -12.469 1.00 67.37 ? 1   PRO A CD  1 
ATOM   8    N  N   . GLU A 1 3   ? 11.849  11.169  -11.496 1.00 56.37 ? 2   GLU A N   1 
ATOM   9    C  CA  . GLU A 1 3   ? 11.524  9.766   -11.715 1.00 55.33 ? 2   GLU A CA  1 
ATOM   10   C  C   . GLU A 1 3   ? 10.309  9.368   -10.882 1.00 40.62 ? 2   GLU A C   1 
ATOM   11   O  O   . GLU A 1 3   ? 10.157  9.801   -9.739  1.00 39.16 ? 2   GLU A O   1 
ATOM   12   C  CB  . GLU A 1 3   ? 12.719  8.870   -11.379 1.00 48.44 ? 2   GLU A CB  1 
ATOM   13   C  CG  . GLU A 1 3   ? 12.622  7.485   -11.991 1.00 50.15 ? 2   GLU A CG  1 
ATOM   14   C  CD  . GLU A 1 3   ? 13.672  6.529   -11.456 1.00 68.09 ? 2   GLU A CD  1 
ATOM   15   O  OE1 . GLU A 1 3   ? 14.573  6.993   -10.724 1.00 69.18 ? 2   GLU A OE1 1 
ATOM   16   O  OE2 . GLU A 1 3   ? 13.592  5.316   -11.763 1.00 65.05 ? 2   GLU A OE2 1 
ATOM   17   N  N   . LEU A 1 4   ? 9.430   8.569   -11.475 1.00 34.58 ? 3   LEU A N   1 
ATOM   18   C  CA  . LEU A 1 4   ? 8.276   8.063   -10.750 1.00 30.00 ? 3   LEU A CA  1 
ATOM   19   C  C   . LEU A 1 4   ? 8.744   7.074   -9.700  1.00 26.10 ? 3   LEU A C   1 
ATOM   20   O  O   . LEU A 1 4   ? 9.624   6.265   -9.971  1.00 29.03 ? 3   LEU A O   1 
ATOM   21   C  CB  . LEU A 1 4   ? 7.295   7.387   -11.692 1.00 27.62 ? 3   LEU A CB  1 
ATOM   22   C  CG  . LEU A 1 4   ? 6.595   8.277   -12.708 1.00 22.76 ? 3   LEU A CG  1 
ATOM   23   C  CD1 . LEU A 1 4   ? 5.519   7.465   -13.421 1.00 20.57 ? 3   LEU A CD1 1 
ATOM   24   C  CD2 . LEU A 1 4   ? 6.008   9.493   -12.013 1.00 25.62 ? 3   LEU A CD2 1 
ATOM   25   N  N   . ARG A 1 5   ? 8.161   7.144   -8.511  1.00 24.32 ? 4   ARG A N   1 
ATOM   26   C  CA  . ARG A 1 5   ? 8.420   6.141   -7.475  1.00 28.09 ? 4   ARG A CA  1 
ATOM   27   C  C   . ARG A 1 5   ? 7.436   4.975   -7.597  1.00 25.11 ? 4   ARG A C   1 
ATOM   28   O  O   . ARG A 1 5   ? 6.315   5.157   -8.092  1.00 25.53 ? 4   ARG A O   1 
ATOM   29   C  CB  . ARG A 1 5   ? 8.327   6.778   -6.088  1.00 26.02 ? 4   ARG A CB  1 
ATOM   30   C  CG  . ARG A 1 5   ? 9.349   7.883   -5.844  1.00 29.06 ? 4   ARG A CG  1 
ATOM   31   C  CD  . ARG A 1 5   ? 10.768  7.355   -5.944  1.00 34.70 ? 4   ARG A CD  1 
ATOM   32   N  NE  . ARG A 1 5   ? 10.939  6.125   -5.173  1.00 35.48 ? 4   ARG A NE  1 
ATOM   33   C  CZ  . ARG A 1 5   ? 11.886  5.227   -5.410  1.00 34.14 ? 4   ARG A CZ  1 
ATOM   34   N  NH1 . ARG A 1 5   ? 12.751  5.423   -6.399  1.00 47.27 ? 4   ARG A NH1 1 
ATOM   35   N  NH2 . ARG A 1 5   ? 11.963  4.127   -4.676  1.00 35.14 ? 4   ARG A NH2 1 
ATOM   36   N  N   . PRO A 1 6   ? 7.848   3.771   -7.151  1.00 26.92 ? 5   PRO A N   1 
ATOM   37   C  CA  . PRO A 1 6   ? 6.999   2.574   -7.206  1.00 21.61 ? 5   PRO A CA  1 
ATOM   38   C  C   . PRO A 1 6   ? 5.810   2.618   -6.253  1.00 16.76 ? 5   PRO A C   1 
ATOM   39   O  O   . PRO A 1 6   ? 5.813   3.342   -5.264  1.00 23.44 ? 5   PRO A O   1 
ATOM   40   C  CB  . PRO A 1 6   ? 7.958   1.434   -6.795  1.00 22.59 ? 5   PRO A CB  1 
ATOM   41   C  CG  . PRO A 1 6   ? 9.320   1.978   -6.985  1.00 34.85 ? 5   PRO A CG  1 
ATOM   42   C  CD  . PRO A 1 6   ? 9.217   3.446   -6.718  1.00 28.41 ? 5   PRO A CD  1 
ATOM   43   N  N   . ILE A 1 7   ? 4.778   1.856   -6.589  1.00 19.17 ? 6   ILE A N   1 
ATOM   44   C  CA  . ILE A 1 7   ? 3.709   1.534   -5.658  1.00 19.73 ? 6   ILE A CA  1 
ATOM   45   C  C   . ILE A 1 7   ? 4.155   0.283   -4.915  1.00 18.35 ? 6   ILE A C   1 
ATOM   46   O  O   . ILE A 1 7   ? 4.628   -0.645  -5.554  1.00 20.01 ? 6   ILE A O   1 
ATOM   47   C  CB  . ILE A 1 7   ? 2.383   1.236   -6.376  1.00 20.29 ? 6   ILE A CB  1 
ATOM   48   C  CG1 . ILE A 1 7   ? 2.029   2.355   -7.359  1.00 24.61 ? 6   ILE A CG1 1 
ATOM   49   C  CG2 . ILE A 1 7   ? 1.263   1.043   -5.382  1.00 29.08 ? 6   ILE A CG2 1 
ATOM   50   C  CD1 . ILE A 1 7   ? 2.135   3.712   -6.739  1.00 24.35 ? 6   ILE A CD1 1 
ATOM   51   N  N   . LEU A 1 8   ? 4.022   0.243   -3.595  1.00 18.15 ? 7   LEU A N   1 
ATOM   52   C  CA  . LEU A 1 8   ? 4.205   -1.032  -2.890  1.00 16.05 ? 7   LEU A CA  1 
ATOM   53   C  C   . LEU A 1 8   ? 2.843   -1.675  -2.611  1.00 14.04 ? 7   LEU A C   1 
ATOM   54   O  O   . LEU A 1 8   ? 2.014   -1.121  -1.889  1.00 16.74 ? 7   LEU A O   1 
ATOM   55   C  CB  . LEU A 1 8   ? 4.983   -0.846  -1.584  1.00 14.08 ? 7   LEU A CB  1 
ATOM   56   C  CG  . LEU A 1 8   ? 5.230   -2.133  -0.760  1.00 15.80 ? 7   LEU A CG  1 
ATOM   57   C  CD1 . LEU A 1 8   ? 6.038   -3.147  -1.532  1.00 15.08 ? 7   LEU A CD1 1 
ATOM   58   C  CD2 . LEU A 1 8   ? 5.932   -1.782  0.547   1.00 15.42 ? 7   LEU A CD2 1 
ATOM   59   N  N   . LEU A 1 9   ? 2.609   -2.834  -3.214  1.00 16.09 ? 8   LEU A N   1 
ATOM   60   C  CA  . LEU A 1 9   ? 1.394   -3.607  -2.964  1.00 15.33 ? 8   LEU A CA  1 
ATOM   61   C  C   . LEU A 1 9   ? 1.703   -4.753  -2.021  1.00 12.87 ? 8   LEU A C   1 
ATOM   62   O  O   . LEU A 1 9   ? 2.538   -5.589  -2.329  1.00 15.74 ? 8   LEU A O   1 
ATOM   63   C  CB  . LEU A 1 9   ? 0.813   -4.151  -4.276  1.00 17.44 ? 8   LEU A CB  1 
ATOM   64   C  CG  . LEU A 1 9   ? -0.382  -5.114  -4.174  1.00 14.74 ? 8   LEU A CG  1 
ATOM   65   C  CD1 . LEU A 1 9   ? -1.514  -4.483  -3.367  1.00 12.87 ? 8   LEU A CD1 1 
ATOM   66   C  CD2 . LEU A 1 9   ? -0.870  -5.510  -5.566  1.00 18.77 ? 8   LEU A CD2 1 
ATOM   67   N  N   . VAL A 1 10  ? 1.047   -4.771  -0.867  1.00 13.69 ? 9   VAL A N   1 
ATOM   68   C  CA  . VAL A 1 10  ? 1.276   -5.818  0.114   1.00 13.58 ? 9   VAL A CA  1 
ATOM   69   C  C   . VAL A 1 10  ? 0.019   -6.674  0.197   1.00 15.68 ? 9   VAL A C   1 
ATOM   70   O  O   . VAL A 1 10  ? -1.026  -6.201  0.622   1.00 12.46 ? 9   VAL A O   1 
ATOM   71   C  CB  . VAL A 1 10  ? 1.605   -5.260  1.504   1.00 16.28 ? 9   VAL A CB  1 
ATOM   72   C  CG1 . VAL A 1 10  ? 2.048   -6.398  2.424   1.00 14.74 ? 9   VAL A CG1 1 
ATOM   73   C  CG2 . VAL A 1 10  ? 2.693   -4.191  1.418   1.00 13.71 ? 9   VAL A CG2 1 
ATOM   74   N  N   . GLU A 1 11  ? 0.129   -7.933  -0.207  1.00 15.13 ? 10  GLU A N   1 
ATOM   75   C  CA  . GLU A 1 11  ? -1.042  -8.781  -0.366  1.00 16.34 ? 10  GLU A CA  1 
ATOM   76   C  C   . GLU A 1 11  ? -0.674  -10.257 -0.255  1.00 14.63 ? 10  GLU A C   1 
ATOM   77   O  O   . GLU A 1 11  ? 0.181   -10.722 -0.999  1.00 15.66 ? 10  GLU A O   1 
ATOM   78   C  CB  . GLU A 1 11  ? -1.686  -8.524  -1.728  1.00 16.18 ? 10  GLU A CB  1 
ATOM   79   C  CG  . GLU A 1 11  ? -2.851  -9.454  -2.063  1.00 20.27 ? 10  GLU A CG  1 
ATOM   80   C  CD  . GLU A 1 11  ? -4.006  -9.313  -1.091  1.00 20.02 ? 10  GLU A CD  1 
ATOM   81   O  OE1 . GLU A 1 11  ? -4.276  -10.281 -0.338  1.00 17.11 ? 10  GLU A OE1 1 
ATOM   82   O  OE2 . GLU A 1 11  ? -4.646  -8.243  -1.078  1.00 18.63 ? 10  GLU A OE2 1 
ATOM   83   N  N   . ASP A 1 12  ? -1.343  -10.988 0.634   1.00 13.63 ? 11  ASP A N   1 
ATOM   84   C  CA  . ASP A 1 12  ? -1.034  -12.417 0.790   1.00 17.87 ? 11  ASP A CA  1 
ATOM   85   C  C   . ASP A 1 12  ? -1.903  -13.339 -0.078  1.00 20.29 ? 11  ASP A C   1 
ATOM   86   O  O   . ASP A 1 12  ? -1.478  -14.426 -0.438  1.00 19.92 ? 11  ASP A O   1 
ATOM   87   C  CB  . ASP A 1 12  ? -1.130  -12.843 2.266   1.00 18.97 ? 11  ASP A CB  1 
ATOM   88   C  CG  . ASP A 1 12  ? -2.519  -12.669 2.880   1.00 22.52 ? 11  ASP A CG  1 
ATOM   89   O  OD1 . ASP A 1 12  ? -3.196  -11.638 2.651   1.00 17.77 ? 11  ASP A OD1 1 
ATOM   90   O  OD2 . ASP A 1 12  ? -2.930  -13.580 3.653   1.00 18.51 ? 11  ASP A OD2 1 
ATOM   91   N  N   . ASN A 1 13  ? -3.115  -12.912 -0.411  1.00 18.12 ? 12  ASN A N   1 
ATOM   92   C  CA  . ASN A 1 13  ? -3.996  -13.751 -1.228  1.00 17.80 ? 12  ASN A CA  1 
ATOM   93   C  C   . ASN A 1 13  ? -3.621  -13.653 -2.707  1.00 19.21 ? 12  ASN A C   1 
ATOM   94   O  O   . ASN A 1 13  ? -3.638  -12.560 -3.274  1.00 18.84 ? 12  ASN A O   1 
ATOM   95   C  CB  . ASN A 1 13  ? -5.452  -13.348 -1.013  1.00 18.28 ? 12  ASN A CB  1 
ATOM   96   C  CG  . ASN A 1 13  ? -6.429  -14.300 -1.679  1.00 24.03 ? 12  ASN A CG  1 
ATOM   97   O  OD1 . ASN A 1 13  ? -6.475  -14.392 -2.900  1.00 20.95 ? 12  ASN A OD1 1 
ATOM   98   N  ND2 . ASN A 1 13  ? -7.214  -15.008 -0.876  1.00 19.40 ? 12  ASN A ND2 1 
ATOM   99   N  N   . PRO A 1 14  ? -3.283  -14.796 -3.332  1.00 22.19 ? 13  PRO A N   1 
ATOM   100  C  CA  . PRO A 1 14  ? -2.778  -14.876 -4.711  1.00 19.02 ? 13  PRO A CA  1 
ATOM   101  C  C   . PRO A 1 14  ? -3.753  -14.306 -5.724  1.00 22.01 ? 13  PRO A C   1 
ATOM   102  O  O   . PRO A 1 14  ? -3.344  -13.681 -6.708  1.00 21.98 ? 13  PRO A O   1 
ATOM   103  C  CB  . PRO A 1 14  ? -2.602  -16.385 -4.946  1.00 21.11 ? 13  PRO A CB  1 
ATOM   104  C  CG  . PRO A 1 14  ? -2.635  -16.999 -3.630  1.00 27.07 ? 13  PRO A CG  1 
ATOM   105  C  CD  . PRO A 1 14  ? -3.422  -16.132 -2.721  1.00 22.48 ? 13  PRO A CD  1 
ATOM   106  N  N   . ARG A 1 15  ? -5.039  -14.535 -5.484  1.00 16.82 ? 14  ARG A N   1 
ATOM   107  C  CA  . ARG A 1 15  ? -6.063  -14.039 -6.393  1.00 19.96 ? 14  ARG A CA  1 
ATOM   108  C  C   . ARG A 1 15  ? -6.273  -12.539 -6.202  1.00 20.64 ? 14  ARG A C   1 
ATOM   109  O  O   . ARG A 1 15  ? -6.372  -11.799 -7.180  1.00 17.90 ? 14  ARG A O   1 
ATOM   110  C  CB  . ARG A 1 15  ? -7.382  -14.786 -6.196  1.00 22.88 ? 14  ARG A CB  1 
ATOM   111  C  CG  . ARG A 1 15  ? -8.558  -14.141 -6.948  1.00 21.67 ? 14  ARG A CG  1 
ATOM   112  C  CD  . ARG A 1 15  ? -9.340  -15.159 -7.758  1.00 28.57 ? 14  ARG A CD  1 
ATOM   113  N  NE  . ARG A 1 15  ? -10.471 -14.539 -8.457  1.00 21.33 ? 14  ARG A NE  1 
ATOM   114  C  CZ  . ARG A 1 15  ? -10.445 -14.130 -9.721  1.00 23.41 ? 14  ARG A CZ  1 
ATOM   115  N  NH1 . ARG A 1 15  ? -9.348  -14.273 -10.454 1.00 28.89 ? 14  ARG A NH1 1 
ATOM   116  N  NH2 . ARG A 1 15  ? -11.529 -13.579 -10.256 1.00 24.56 ? 14  ARG A NH2 1 
ATOM   117  N  N   . ASP A 1 16  ? -6.350  -12.095 -4.949  1.00 19.83 ? 15  ASP A N   1 
ATOM   118  C  CA  . ASP A 1 16  ? -6.441  -10.659 -4.671  1.00 17.98 ? 15  ASP A CA  1 
ATOM   119  C  C   . ASP A 1 16  ? -5.238  -9.920  -5.264  1.00 19.67 ? 15  ASP A C   1 
ATOM   120  O  O   . ASP A 1 16  ? -5.386  -8.817  -5.805  1.00 22.41 ? 15  ASP A O   1 
ATOM   121  C  CB  . ASP A 1 16  ? -6.551  -10.398 -3.163  1.00 18.19 ? 15  ASP A CB  1 
ATOM   122  C  CG  . ASP A 1 16  ? -7.913  -10.771 -2.612  1.00 25.02 ? 15  ASP A CG  1 
ATOM   123  O  OD1 . ASP A 1 16  ? -8.852  -10.949 -3.420  1.00 24.76 ? 15  ASP A OD1 1 
ATOM   124  O  OD2 . ASP A 1 16  ? -8.060  -10.865 -1.379  1.00 23.30 ? 15  ASP A OD2 1 
ATOM   125  N  N   . LEU A 1 17  ? -4.056  -10.528 -5.169  1.00 18.30 ? 16  LEU A N   1 
ATOM   126  C  CA  . LEU A 1 17  ? -2.855  -9.992  -5.803  1.00 17.59 ? 16  LEU A CA  1 
ATOM   127  C  C   . LEU A 1 17  ? -3.087  -9.774  -7.298  1.00 21.72 ? 16  LEU A C   1 
ATOM   128  O  O   . LEU A 1 17  ? -2.962  -8.647  -7.808  1.00 17.85 ? 16  LEU A O   1 
ATOM   129  C  CB  . LEU A 1 17  ? -1.652  -10.931 -5.585  1.00 19.76 ? 16  LEU A CB  1 
ATOM   130  C  CG  . LEU A 1 17  ? -0.359  -10.523 -6.298  1.00 19.00 ? 16  LEU A CG  1 
ATOM   131  C  CD1 . LEU A 1 17  ? 0.048   -9.090  -5.920  1.00 19.49 ? 16  LEU A CD1 1 
ATOM   132  C  CD2 . LEU A 1 17  ? 0.774   -11.513 -6.018  1.00 24.74 ? 16  LEU A CD2 1 
ATOM   133  N  N   . GLU A 1 18  ? -3.479  -10.836 -7.995  1.00 21.76 ? 17  GLU A N   1 
ATOM   134  C  CA  . GLU A 1 18  ? -3.678  -10.740 -9.445  1.00 22.97 ? 17  GLU A CA  1 
ATOM   135  C  C   . GLU A 1 18  ? -4.741  -9.722  -9.833  1.00 20.90 ? 17  GLU A C   1 
ATOM   136  O  O   . GLU A 1 18  ? -4.552  -8.969  -10.787 1.00 25.44 ? 17  GLU A O   1 
ATOM   137  C  CB  . GLU A 1 18  ? -4.038  -12.107 -10.036 1.00 20.46 ? 17  GLU A CB  1 
ATOM   138  C  CG  . GLU A 1 18  ? -2.832  -13.020 -10.205 1.00 36.28 ? 17  GLU A CG  1 
ATOM   139  C  CD  . GLU A 1 18  ? -1.622  -12.288 -10.783 1.00 46.66 ? 17  GLU A CD  1 
ATOM   140  O  OE1 . GLU A 1 18  ? -1.754  -11.680 -11.874 1.00 47.23 ? 17  GLU A OE1 1 
ATOM   141  O  OE2 . GLU A 1 18  ? -0.545  -12.312 -10.138 1.00 42.54 ? 17  GLU A OE2 1 
ATOM   142  N  N   . LEU A 1 19  ? -5.849  -9.701  -9.099  1.00 22.80 ? 18  LEU A N   1 
ATOM   143  C  CA  . LEU A 1 19  ? -6.938  -8.784  -9.388  1.00 21.01 ? 18  LEU A CA  1 
ATOM   144  C  C   . LEU A 1 19  ? -6.486  -7.343  -9.247  1.00 22.39 ? 18  LEU A C   1 
ATOM   145  O  O   . LEU A 1 19  ? -6.756  -6.513  -10.111 1.00 22.39 ? 18  LEU A O   1 
ATOM   146  C  CB  . LEU A 1 19  ? -8.114  -9.033  -8.457  1.00 20.31 ? 18  LEU A CB  1 
ATOM   147  C  CG  . LEU A 1 19  ? -8.784  -10.392 -8.641  1.00 22.38 ? 18  LEU A CG  1 
ATOM   148  C  CD1 . LEU A 1 19  ? -9.861  -10.526 -7.591  1.00 18.74 ? 18  LEU A CD1 1 
ATOM   149  C  CD2 . LEU A 1 19  ? -9.351  -10.476 -10.047 1.00 26.78 ? 18  LEU A CD2 1 
ATOM   150  N  N   . THR A 1 20  ? -5.808  -7.049  -8.146  1.00 18.17 ? 19  THR A N   1 
ATOM   151  C  CA  . THR A 1 20  ? -5.365  -5.675  -7.884  1.00 16.43 ? 19  THR A CA  1 
ATOM   152  C  C   . THR A 1 20  ? -4.337  -5.240  -8.918  1.00 18.25 ? 19  THR A C   1 
ATOM   153  O  O   . THR A 1 20  ? -4.418  -4.121  -9.456  1.00 17.52 ? 19  THR A O   1 
ATOM   154  C  CB  . THR A 1 20  ? -4.780  -5.529  -6.463  1.00 17.00 ? 19  THR A CB  1 
ATOM   155  O  OG1 . THR A 1 20  ? -5.807  -5.787  -5.501  1.00 14.81 ? 19  THR A OG1 1 
ATOM   156  C  CG2 . THR A 1 20  ? -4.279  -4.099  -6.243  1.00 16.28 ? 19  THR A CG2 1 
ATOM   157  N  N   . LEU A 1 21  ? -3.382  -6.120  -9.219  1.00 14.98 ? 20  LEU A N   1 
ATOM   158  C  CA  . LEU A 1 21  ? -2.390  -5.797  -10.237 1.00 22.05 ? 20  LEU A CA  1 
ATOM   159  C  C   . LEU A 1 21  ? -3.068  -5.470  -11.559 1.00 24.28 ? 20  LEU A C   1 
ATOM   160  O  O   . LEU A 1 21  ? -2.700  -4.507  -12.234 1.00 20.11 ? 20  LEU A O   1 
ATOM   161  C  CB  . LEU A 1 21  ? -1.397  -6.942  -10.428 1.00 19.52 ? 20  LEU A CB  1 
ATOM   162  C  CG  . LEU A 1 21  ? -0.379  -7.117  -9.296  1.00 18.45 ? 20  LEU A CG  1 
ATOM   163  C  CD1 . LEU A 1 21  ? 0.451   -8.368  -9.545  1.00 24.44 ? 20  LEU A CD1 1 
ATOM   164  C  CD2 . LEU A 1 21  ? 0.505   -5.877  -9.177  1.00 18.57 ? 20  LEU A CD2 1 
ATOM   165  N  N   . THR A 1 22  ? -4.067  -6.267  -11.919 1.00 19.01 ? 21  THR A N   1 
ATOM   166  C  CA  . THR A 1 22  ? -4.797  -6.033  -13.159 1.00 24.86 ? 21  THR A CA  1 
ATOM   167  C  C   . THR A 1 22  ? -5.551  -4.697  -13.151 1.00 22.52 ? 21  THR A C   1 
ATOM   168  O  O   . THR A 1 22  ? -5.546  -3.975  -14.154 1.00 18.89 ? 21  THR A O   1 
ATOM   169  C  CB  . THR A 1 22  ? -5.776  -7.184  -13.436 1.00 27.20 ? 21  THR A CB  1 
ATOM   170  O  OG1 . THR A 1 22  ? -5.025  -8.370  -13.734 1.00 25.61 ? 21  THR A OG1 1 
ATOM   171  C  CG2 . THR A 1 22  ? -6.669  -6.848  -14.618 1.00 27.64 ? 21  THR A CG2 1 
ATOM   172  N  N   . ALA A 1 23  ? -6.187  -4.373  -12.031 1.00 17.65 ? 22  ALA A N   1 
ATOM   173  C  CA  . ALA A 1 23  ? -6.939  -3.126  -11.908 1.00 19.33 ? 22  ALA A CA  1 
ATOM   174  C  C   . ALA A 1 23  ? -6.027  -1.925  -12.069 1.00 22.27 ? 22  ALA A C   1 
ATOM   175  O  O   . ALA A 1 23  ? -6.385  -0.930  -12.725 1.00 16.87 ? 22  ALA A O   1 
ATOM   176  C  CB  . ALA A 1 23  ? -7.653  -3.059  -10.568 1.00 22.61 ? 22  ALA A CB  1 
ATOM   177  N  N   . LEU A 1 24  ? -4.851  -2.006  -11.459 1.00 16.77 ? 23  LEU A N   1 
ATOM   178  C  CA  . LEU A 1 24  ? -3.893  -0.908  -11.544 1.00 17.39 ? 23  LEU A CA  1 
ATOM   179  C  C   . LEU A 1 24  ? -3.391  -0.746  -12.976 1.00 18.84 ? 23  LEU A C   1 
ATOM   180  O  O   . LEU A 1 24  ? -3.275  0.373   -13.484 1.00 19.32 ? 23  LEU A O   1 
ATOM   181  C  CB  . LEU A 1 24  ? -2.723  -1.135  -10.584 1.00 17.56 ? 23  LEU A CB  1 
ATOM   182  C  CG  . LEU A 1 24  ? -3.098  -1.045  -9.100  1.00 14.49 ? 23  LEU A CG  1 
ATOM   183  C  CD1 . LEU A 1 24  ? -1.886  -1.332  -8.235  1.00 17.49 ? 23  LEU A CD1 1 
ATOM   184  C  CD2 . LEU A 1 24  ? -3.682  0.329   -8.770  1.00 13.50 ? 23  LEU A CD2 1 
ATOM   185  N  N   . GLU A 1 25  ? -3.116  -1.859  -13.638 1.00 20.46 ? 24  GLU A N   1 
ATOM   186  C  CA  . GLU A 1 25  ? -2.689  -1.789  -15.032 1.00 22.74 ? 24  GLU A CA  1 
ATOM   187  C  C   . GLU A 1 25  ? -3.782  -1.205  -15.914 1.00 24.36 ? 24  GLU A C   1 
ATOM   188  O  O   . GLU A 1 25  ? -3.528  -0.339  -16.754 1.00 24.86 ? 24  GLU A O   1 
ATOM   189  C  CB  . GLU A 1 25  ? -2.298  -3.171  -15.554 1.00 25.24 ? 24  GLU A CB  1 
ATOM   190  C  CG  . GLU A 1 25  ? -1.782  -3.121  -16.968 1.00 32.24 ? 24  GLU A CG  1 
ATOM   191  C  CD  . GLU A 1 25  ? -1.208  -4.439  -17.426 1.00 46.59 ? 24  GLU A CD  1 
ATOM   192  O  OE1 . GLU A 1 25  ? -1.621  -5.490  -16.886 1.00 47.50 ? 24  GLU A OE1 1 
ATOM   193  O  OE2 . GLU A 1 25  ? -0.337  -4.419  -18.322 1.00 64.74 ? 24  GLU A OE2 1 
ATOM   194  N  N   . LYS A 1 26  ? -5.006  -1.679  -15.711 1.00 21.51 ? 25  LYS A N   1 
ATOM   195  C  CA  . LYS A 1 26  ? -6.125  -1.286  -16.557 1.00 25.48 ? 25  LYS A CA  1 
ATOM   196  C  C   . LYS A 1 26  ? -6.625  0.133   -16.322 1.00 29.33 ? 25  LYS A C   1 
ATOM   197  O  O   . LYS A 1 26  ? -7.450  0.617   -17.087 1.00 27.17 ? 25  LYS A O   1 
ATOM   198  C  CB  . LYS A 1 26  ? -7.283  -2.267  -16.378 1.00 21.10 ? 25  LYS A CB  1 
ATOM   199  C  CG  . LYS A 1 26  ? -6.998  -3.617  -17.036 1.00 33.16 ? 25  LYS A CG  1 
ATOM   200  C  CD  . LYS A 1 26  ? -8.255  -4.274  -17.617 1.00 44.01 ? 25  LYS A CD  1 
ATOM   201  C  CE  . LYS A 1 26  ? -9.083  -4.987  -16.556 1.00 40.62 ? 25  LYS A CE  1 
ATOM   202  N  NZ  . LYS A 1 26  ? -9.887  -6.108  -17.141 1.00 52.64 ? 25  LYS A NZ  1 
ATOM   203  N  N   . CYS A 1 27  ? -6.154  0.808   -15.278 1.00 19.95 ? 26  CYS A N   1 
ATOM   204  C  CA  . CYS A 1 27  ? -6.536  2.212   -15.115 1.00 22.54 ? 26  CYS A CA  1 
ATOM   205  C  C   . CYS A 1 27  ? -5.390  3.114   -15.544 1.00 20.32 ? 26  CYS A C   1 
ATOM   206  O  O   . CYS A 1 27  ? -5.414  4.319   -15.292 1.00 23.65 ? 26  CYS A O   1 
ATOM   207  C  CB  . CYS A 1 27  ? -6.973  2.524   -13.679 1.00 21.55 ? 26  CYS A CB  1 
ATOM   208  S  SG  . CYS A 1 27  ? -5.651  2.676   -12.478 1.00 20.46 ? 26  CYS A SG  1 
ATOM   209  N  N   . GLN A 1 28  ? -4.400  2.516   -16.205 1.00 17.35 ? 27  GLN A N   1 
ATOM   210  C  CA  . GLN A 1 28  ? -3.281  3.244   -16.811 1.00 19.09 ? 27  GLN A CA  1 
ATOM   211  C  C   . GLN A 1 28  ? -2.472  4.039   -15.795 1.00 21.56 ? 27  GLN A C   1 
ATOM   212  O  O   . GLN A 1 28  ? -1.998  5.135   -16.096 1.00 17.46 ? 27  GLN A O   1 
ATOM   213  C  CB  . GLN A 1 28  ? -3.774  4.199   -17.915 1.00 23.52 ? 27  GLN A CB  1 
ATOM   214  C  CG  . GLN A 1 28  ? -4.276  3.517   -19.188 1.00 26.96 ? 27  GLN A CG  1 
ATOM   215  C  CD  . GLN A 1 28  ? -5.608  2.824   -18.992 1.00 27.33 ? 27  GLN A CD  1 
ATOM   216  O  OE1 . GLN A 1 28  ? -6.594  3.438   -18.559 1.00 36.35 ? 27  GLN A OE1 1 
ATOM   217  N  NE2 . GLN A 1 28  ? -5.648  1.537   -19.301 1.00 35.48 ? 27  GLN A NE2 1 
ATOM   218  N  N   . LEU A 1 29  ? -2.332  3.498   -14.592 1.00 19.26 ? 28  LEU A N   1 
ATOM   219  C  CA  . LEU A 1 29  ? -1.401  4.047   -13.615 1.00 21.18 ? 28  LEU A CA  1 
ATOM   220  C  C   . LEU A 1 29  ? 0.028   3.731   -14.046 1.00 20.66 ? 28  LEU A C   1 
ATOM   221  O  O   . LEU A 1 29  ? 0.396   2.565   -14.244 1.00 19.70 ? 28  LEU A O   1 
ATOM   222  C  CB  . LEU A 1 29  ? -1.675  3.476   -12.219 1.00 23.53 ? 28  LEU A CB  1 
ATOM   223  C  CG  . LEU A 1 29  ? -0.740  3.976   -11.117 1.00 21.64 ? 28  LEU A CG  1 
ATOM   224  C  CD1 . LEU A 1 29  ? -0.924  5.478   -10.906 1.00 17.01 ? 28  LEU A CD1 1 
ATOM   225  C  CD2 . LEU A 1 29  ? -1.012  3.202   -9.830  1.00 25.28 ? 28  LEU A CD2 1 
ATOM   226  N  N   . ALA A 1 30  ? 0.841   4.767   -14.189 1.00 19.79 ? 29  ALA A N   1 
ATOM   227  C  CA  . ALA A 1 30  ? 2.169   4.596   -14.765 1.00 22.33 ? 29  ALA A CA  1 
ATOM   228  C  C   . ALA A 1 30  ? 3.219   4.056   -13.786 1.00 21.71 ? 29  ALA A C   1 
ATOM   229  O  O   . ALA A 1 30  ? 4.138   3.363   -14.212 1.00 23.00 ? 29  ALA A O   1 
ATOM   230  C  CB  . ALA A 1 30  ? 2.641   5.911   -15.348 1.00 22.42 ? 29  ALA A CB  1 
ATOM   231  N  N   . ASN A 1 31  ? 3.108   4.396   -12.501 1.00 18.00 ? 30  ASN A N   1 
ATOM   232  C  CA  . ASN A 1 31  ? 4.066   3.922   -11.497 1.00 19.07 ? 30  ASN A CA  1 
ATOM   233  C  C   . ASN A 1 31  ? 4.198   2.406   -11.510 1.00 20.31 ? 30  ASN A C   1 
ATOM   234  O  O   . ASN A 1 31  ? 3.197   1.704   -11.539 1.00 21.11 ? 30  ASN A O   1 
ATOM   235  C  CB  . ASN A 1 31  ? 3.652   4.346   -10.090 1.00 18.23 ? 30  ASN A CB  1 
ATOM   236  C  CG  . ASN A 1 31  ? 3.346   5.814   -9.993  1.00 19.32 ? 30  ASN A CG  1 
ATOM   237  O  OD1 . ASN A 1 31  ? 2.402   6.297   -10.612 1.00 20.55 ? 30  ASN A OD1 1 
ATOM   238  N  ND2 . ASN A 1 31  ? 4.132   6.534   -9.203  1.00 17.73 ? 30  ASN A ND2 1 
ATOM   239  N  N   . GLU A 1 32  ? 5.432   1.910   -11.483 1.00 21.36 ? 31  GLU A N   1 
ATOM   240  C  CA  . GLU A 1 32  ? 5.667   0.473   -11.377 1.00 21.82 ? 31  GLU A CA  1 
ATOM   241  C  C   . GLU A 1 32  ? 5.170   -0.033  -10.012 1.00 23.55 ? 31  GLU A C   1 
ATOM   242  O  O   . GLU A 1 32  ? 5.211   0.699   -9.025  1.00 17.78 ? 31  GLU A O   1 
ATOM   243  C  CB  . GLU A 1 32  ? 7.157   0.179   -11.588 1.00 26.89 ? 31  GLU A CB  1 
ATOM   244  C  CG  . GLU A 1 32  ? 7.775   -0.848  -10.649 1.00 42.74 ? 31  GLU A CG  1 
ATOM   245  C  CD  . GLU A 1 32  ? 9.276   -1.027  -10.874 1.00 42.26 ? 31  GLU A CD  1 
ATOM   246  O  OE1 . GLU A 1 32  ? 9.794   -0.548  -11.911 1.00 44.50 ? 31  GLU A OE1 1 
ATOM   247  O  OE2 . GLU A 1 32  ? 9.931   -1.648  -10.009 1.00 40.05 ? 31  GLU A OE2 1 
ATOM   248  N  N   . VAL A 1 33  ? 4.672   -1.267  -9.976  1.00 19.73 ? 32  VAL A N   1 
ATOM   249  C  CA  . VAL A 1 33  ? 4.220   -1.876  -8.734  1.00 20.49 ? 32  VAL A CA  1 
ATOM   250  C  C   . VAL A 1 33  ? 5.199   -2.945  -8.259  1.00 21.46 ? 32  VAL A C   1 
ATOM   251  O  O   . VAL A 1 33  ? 5.556   -3.855  -9.015  1.00 20.17 ? 32  VAL A O   1 
ATOM   252  C  CB  . VAL A 1 33  ? 2.826   -2.524  -8.881  1.00 20.07 ? 32  VAL A CB  1 
ATOM   253  C  CG1 . VAL A 1 33  ? 2.354   -3.034  -7.527  1.00 19.64 ? 32  VAL A CG1 1 
ATOM   254  C  CG2 . VAL A 1 33  ? 1.813   -1.527  -9.465  1.00 16.32 ? 32  VAL A CG2 1 
ATOM   255  N  N   . VAL A 1 34  ? 5.640   -2.813  -7.012  1.00 18.29 ? 33  VAL A N   1 
ATOM   256  C  CA  . VAL A 1 34  ? 6.449   -3.838  -6.351  1.00 16.34 ? 33  VAL A CA  1 
ATOM   257  C  C   . VAL A 1 34  ? 5.564   -4.624  -5.390  1.00 17.82 ? 33  VAL A C   1 
ATOM   258  O  O   . VAL A 1 34  ? 4.757   -4.045  -4.666  1.00 17.14 ? 33  VAL A O   1 
ATOM   259  C  CB  . VAL A 1 34  ? 7.632   -3.214  -5.579  1.00 20.23 ? 33  VAL A CB  1 
ATOM   260  C  CG1 . VAL A 1 34  ? 8.408   -4.297  -4.779  1.00 21.90 ? 33  VAL A CG1 1 
ATOM   261  C  CG2 . VAL A 1 34  ? 8.545   -2.465  -6.525  1.00 21.19 ? 33  VAL A CG2 1 
ATOM   262  N  N   . VAL A 1 35  ? 5.718   -5.943  -5.372  1.00 16.37 ? 34  VAL A N   1 
ATOM   263  C  CA  . VAL A 1 35  ? 4.826   -6.782  -4.581  1.00 14.97 ? 34  VAL A CA  1 
ATOM   264  C  C   . VAL A 1 35  ? 5.506   -7.390  -3.357  1.00 17.06 ? 34  VAL A C   1 
ATOM   265  O  O   . VAL A 1 35  ? 6.579   -7.985  -3.471  1.00 16.82 ? 34  VAL A O   1 
ATOM   266  C  CB  . VAL A 1 35  ? 4.251   -7.922  -5.446  1.00 20.07 ? 34  VAL A CB  1 
ATOM   267  C  CG1 . VAL A 1 35  ? 3.429   -8.863  -4.594  1.00 17.75 ? 34  VAL A CG1 1 
ATOM   268  C  CG2 . VAL A 1 35  ? 3.412   -7.341  -6.598  1.00 18.31 ? 34  VAL A CG2 1 
ATOM   269  N  N   . ALA A 1 36  ? 4.884   -7.224  -2.193  1.00 16.00 ? 35  ALA A N   1 
ATOM   270  C  CA  . ALA A 1 36  ? 5.248   -7.968  -0.993  1.00 16.89 ? 35  ALA A CA  1 
ATOM   271  C  C   . ALA A 1 36  ? 4.093   -8.895  -0.621  1.00 17.28 ? 35  ALA A C   1 
ATOM   272  O  O   . ALA A 1 36  ? 2.926   -8.522  -0.736  1.00 15.44 ? 35  ALA A O   1 
ATOM   273  C  CB  . ALA A 1 36  ? 5.586   -7.019  0.173   1.00 14.65 ? 35  ALA A CB  1 
ATOM   274  N  N   . ARG A 1 37  ? 4.410   -10.104 -0.175  1.00 18.02 ? 36  ARG A N   1 
ATOM   275  C  CA  . ARG A 1 37  ? 3.371   -11.093 0.072   1.00 17.07 ? 36  ARG A CA  1 
ATOM   276  C  C   . ARG A 1 37  ? 3.050   -11.292 1.552   1.00 19.76 ? 36  ARG A C   1 
ATOM   277  O  O   . ARG A 1 37  ? 2.088   -11.993 1.894   1.00 17.42 ? 36  ARG A O   1 
ATOM   278  C  CB  . ARG A 1 37  ? 3.772   -12.434 -0.564  1.00 20.42 ? 36  ARG A CB  1 
ATOM   279  C  CG  . ARG A 1 37  ? 3.977   -12.355 -2.073  1.00 20.00 ? 36  ARG A CG  1 
ATOM   280  C  CD  . ARG A 1 37  ? 2.707   -11.880 -2.808  1.00 18.20 ? 36  ARG A CD  1 
ATOM   281  N  NE  . ARG A 1 37  ? 1.554   -12.755 -2.561  1.00 23.49 ? 36  ARG A NE  1 
ATOM   282  C  CZ  . ARG A 1 37  ? 1.330   -13.903 -3.200  1.00 29.01 ? 36  ARG A CZ  1 
ATOM   283  N  NH1 . ARG A 1 37  ? 2.180   -14.330 -4.124  1.00 25.18 ? 36  ARG A NH1 1 
ATOM   284  N  NH2 . ARG A 1 37  ? 0.257   -14.631 -2.911  1.00 26.21 ? 36  ARG A NH2 1 
ATOM   285  N  N   . ASP A 1 38  ? 3.852   -10.700 2.434   1.00 17.35 ? 37  ASP A N   1 
ATOM   286  C  CA  . ASP A 1 38  ? 3.507   -10.680 3.853   1.00 16.92 ? 37  ASP A CA  1 
ATOM   287  C  C   . ASP A 1 38  ? 4.174   -9.494  4.546   1.00 17.12 ? 37  ASP A C   1 
ATOM   288  O  O   . ASP A 1 38  ? 4.923   -8.743  3.917   1.00 19.62 ? 37  ASP A O   1 
ATOM   289  C  CB  . ASP A 1 38  ? 3.887   -12.009 4.545   1.00 18.19 ? 37  ASP A CB  1 
ATOM   290  C  CG  . ASP A 1 38  ? 5.370   -12.307 4.488   1.00 22.55 ? 37  ASP A CG  1 
ATOM   291  O  OD1 . ASP A 1 38  ? 6.190   -11.379 4.661   1.00 18.54 ? 37  ASP A OD1 1 
ATOM   292  O  OD2 . ASP A 1 38  ? 5.731   -13.486 4.286   1.00 22.44 ? 37  ASP A OD2 1 
ATOM   293  N  N   . GLY A 1 39  ? 3.907   -9.339  5.837   1.00 15.19 ? 38  GLY A N   1 
ATOM   294  C  CA  . GLY A 1 39  ? 4.348   -8.158  6.561   1.00 19.10 ? 38  GLY A CA  1 
ATOM   295  C  C   . GLY A 1 39  ? 5.852   -8.082  6.669   1.00 23.24 ? 38  GLY A C   1 
ATOM   296  O  O   . GLY A 1 39  ? 6.423   -6.997  6.772   1.00 18.87 ? 38  GLY A O   1 
ATOM   297  N  N   . THR A 1 40  ? 6.485   -9.251  6.652   1.00 20.27 ? 39  THR A N   1 
ATOM   298  C  CA  . THR A 1 40  ? 7.932   -9.364  6.702   1.00 21.27 ? 39  THR A CA  1 
ATOM   299  C  C   . THR A 1 40  ? 8.545   -8.813  5.434   1.00 23.62 ? 39  THR A C   1 
ATOM   300  O  O   . THR A 1 40  ? 9.501   -8.021  5.479   1.00 21.75 ? 39  THR A O   1 
ATOM   301  C  CB  . THR A 1 40  ? 8.379   -10.842 6.877   1.00 23.14 ? 39  THR A CB  1 
ATOM   302  O  OG1 . THR A 1 40  ? 8.027   -11.286 8.189   1.00 23.06 ? 39  THR A OG1 1 
ATOM   303  C  CG2 . THR A 1 40  ? 9.871   -10.973 6.675   1.00 27.74 ? 39  THR A CG2 1 
ATOM   304  N  N   . GLU A 1 41  ? 8.000   -9.240  4.298   1.00 21.66 ? 40  GLU A N   1 
ATOM   305  C  CA  . GLU A 1 41  ? 8.464   -8.752  3.007   1.00 19.49 ? 40  GLU A CA  1 
ATOM   306  C  C   . GLU A 1 41  ? 8.219   -7.263  2.872   1.00 20.55 ? 40  GLU A C   1 
ATOM   307  O  O   . GLU A 1 41  ? 9.051   -6.546  2.309   1.00 18.59 ? 40  GLU A O   1 
ATOM   308  C  CB  . GLU A 1 41  ? 7.778   -9.495  1.857   1.00 22.51 ? 40  GLU A CB  1 
ATOM   309  C  CG  . GLU A 1 41  ? 8.236   -10.950 1.737   1.00 22.49 ? 40  GLU A CG  1 
ATOM   310  C  CD  . GLU A 1 41  ? 7.768   -11.646 0.463   1.00 31.58 ? 40  GLU A CD  1 
ATOM   311  O  OE1 . GLU A 1 41  ? 7.099   -11.018 -0.401  1.00 23.23 ? 40  GLU A OE1 1 
ATOM   312  O  OE2 . GLU A 1 41  ? 8.094   -12.842 0.324   1.00 31.00 ? 40  GLU A OE2 1 
ATOM   313  N  N   . ALA A 1 42  ? 7.085   -6.799  3.383   1.00 19.53 ? 41  ALA A N   1 
ATOM   314  C  CA  . ALA A 1 42  ? 6.748   -5.380  3.277   1.00 15.46 ? 41  ALA A CA  1 
ATOM   315  C  C   . ALA A 1 42  ? 7.753   -4.521  4.042   1.00 20.74 ? 41  ALA A C   1 
ATOM   316  O  O   . ALA A 1 42  ? 8.243   -3.513  3.532   1.00 18.37 ? 41  ALA A O   1 
ATOM   317  C  CB  . ALA A 1 42  ? 5.340   -5.119  3.792   1.00 17.02 ? 41  ALA A CB  1 
ATOM   318  N  N   . LEU A 1 43  ? 8.066   -4.919  5.270   1.00 20.95 ? 42  LEU A N   1 
ATOM   319  C  CA  . LEU A 1 43  ? 8.937   -4.091  6.094   1.00 19.99 ? 42  LEU A CA  1 
ATOM   320  C  C   . LEU A 1 43  ? 10.380  -4.169  5.618   1.00 20.16 ? 42  LEU A C   1 
ATOM   321  O  O   . LEU A 1 43  ? 11.141  -3.195  5.756   1.00 22.38 ? 42  LEU A O   1 
ATOM   322  C  CB  . LEU A 1 43  ? 8.813   -4.492  7.559   1.00 24.77 ? 42  LEU A CB  1 
ATOM   323  C  CG  . LEU A 1 43  ? 7.482   -4.099  8.200   1.00 22.60 ? 42  LEU A CG  1 
ATOM   324  C  CD1 . LEU A 1 43  ? 7.328   -4.784  9.553   1.00 23.02 ? 42  LEU A CD1 1 
ATOM   325  C  CD2 . LEU A 1 43  ? 7.384   -2.590  8.354   1.00 27.43 ? 42  LEU A CD2 1 
ATOM   326  N  N   . ASP A 1 44  ? 10.766  -5.317  5.061   1.00 21.69 ? 43  ASP A N   1 
ATOM   327  C  CA  . ASP A 1 44  ? 12.087  -5.439  4.467   1.00 19.06 ? 43  ASP A CA  1 
ATOM   328  C  C   . ASP A 1 44  ? 12.217  -4.456  3.304   1.00 25.94 ? 43  ASP A C   1 
ATOM   329  O  O   . ASP A 1 44  ? 13.244  -3.780  3.155   1.00 23.05 ? 43  ASP A O   1 
ATOM   330  C  CB  . ASP A 1 44  ? 12.358  -6.855  3.977   1.00 22.56 ? 43  ASP A CB  1 
ATOM   331  C  CG  . ASP A 1 44  ? 12.733  -7.811  5.098   1.00 25.75 ? 43  ASP A CG  1 
ATOM   332  O  OD1 . ASP A 1 44  ? 12.877  -7.369  6.259   1.00 26.34 ? 43  ASP A OD1 1 
ATOM   333  O  OD2 . ASP A 1 44  ? 12.883  -9.014  4.804   1.00 29.76 ? 43  ASP A OD2 1 
ATOM   334  N  N   . TYR A 1 45  ? 11.181  -4.373  2.471   1.00 20.92 ? 44  TYR A N   1 
ATOM   335  C  CA  . TYR A 1 45  ? 11.219  -3.456  1.332   1.00 21.58 ? 44  TYR A CA  1 
ATOM   336  C  C   . TYR A 1 45  ? 11.357  -2.014  1.807   1.00 16.89 ? 44  TYR A C   1 
ATOM   337  O  O   . TYR A 1 45  ? 12.189  -1.251  1.303   1.00 24.34 ? 44  TYR A O   1 
ATOM   338  C  CB  . TYR A 1 45  ? 9.963   -3.586  0.451   1.00 20.45 ? 44  TYR A CB  1 
ATOM   339  C  CG  . TYR A 1 45  ? 9.987   -2.627  -0.729  1.00 19.45 ? 44  TYR A CG  1 
ATOM   340  C  CD1 . TYR A 1 45  ? 9.467   -1.341  -0.625  1.00 21.71 ? 44  TYR A CD1 1 
ATOM   341  C  CD2 . TYR A 1 45  ? 10.575  -3.001  -1.934  1.00 24.25 ? 44  TYR A CD2 1 
ATOM   342  C  CE1 . TYR A 1 45  ? 9.513   -0.459  -1.699  1.00 20.89 ? 44  TYR A CE1 1 
ATOM   343  C  CE2 . TYR A 1 45  ? 10.630  -2.130  -3.007  1.00 21.74 ? 44  TYR A CE2 1 
ATOM   344  C  CZ  . TYR A 1 45  ? 10.098  -0.862  -2.884  1.00 21.89 ? 44  TYR A CZ  1 
ATOM   345  O  OH  . TYR A 1 45  ? 10.166  0.001   -3.962  1.00 23.25 ? 44  TYR A OH  1 
ATOM   346  N  N   . LEU A 1 46  ? 10.524  -1.643  2.772   1.00 18.59 ? 45  LEU A N   1 
ATOM   347  C  CA  . LEU A 1 46  ? 10.446  -0.260  3.213   1.00 20.78 ? 45  LEU A CA  1 
ATOM   348  C  C   . LEU A 1 46  ? 11.749  0.173   3.878   1.00 26.15 ? 45  LEU A C   1 
ATOM   349  O  O   . LEU A 1 46  ? 12.134  1.339   3.796   1.00 20.33 ? 45  LEU A O   1 
ATOM   350  C  CB  . LEU A 1 46  ? 9.261   -0.076  4.163   1.00 16.18 ? 45  LEU A CB  1 
ATOM   351  C  CG  . LEU A 1 46  ? 7.899   -0.081  3.456   1.00 22.67 ? 45  LEU A CG  1 
ATOM   352  C  CD1 . LEU A 1 46  ? 6.792   -0.325  4.446   1.00 19.44 ? 45  LEU A CD1 1 
ATOM   353  C  CD2 . LEU A 1 46  ? 7.670   1.254   2.704   1.00 19.66 ? 45  LEU A CD2 1 
ATOM   354  N  N   . ASN A 1 47  ? 12.433  -0.779  4.514   1.00 21.05 ? 46  ASN A N   1 
ATOM   355  C  CA  . ASN A 1 47  ? 13.694  -0.496  5.198   1.00 20.28 ? 46  ASN A CA  1 
ATOM   356  C  C   . ASN A 1 47  ? 14.924  -0.884  4.386   1.00 20.49 ? 46  ASN A C   1 
ATOM   357  O  O   . ASN A 1 47  ? 16.043  -0.868  4.907   1.00 23.03 ? 46  ASN A O   1 
ATOM   358  C  CB  . ASN A 1 47  ? 13.731  -1.212  6.553   1.00 20.81 ? 46  ASN A CB  1 
ATOM   359  C  CG  . ASN A 1 47  ? 12.802  -0.580  7.567   1.00 19.89 ? 46  ASN A CG  1 
ATOM   360  O  OD1 . ASN A 1 47  ? 13.126  0.438   8.172   1.00 22.67 ? 46  ASN A OD1 1 
ATOM   361  N  ND2 . ASN A 1 47  ? 11.644  -1.178  7.756   1.00 21.38 ? 46  ASN A ND2 1 
ATOM   362  N  N   . VAL A 1 48  ? 14.716  -1.239  3.117   1.00 20.57 ? 47  VAL A N   1 
ATOM   363  C  CA  . VAL A 1 48  ? 15.813  -1.593  2.209   1.00 21.06 ? 47  VAL A CA  1 
ATOM   364  C  C   . VAL A 1 48  ? 16.733  -2.671  2.813   1.00 28.55 ? 47  VAL A C   1 
ATOM   365  O  O   . VAL A 1 48  ? 17.953  -2.507  2.885   1.00 24.41 ? 47  VAL A O   1 
ATOM   366  C  CB  . VAL A 1 48  ? 16.645  -0.339  1.830   1.00 23.28 ? 47  VAL A CB  1 
ATOM   367  C  CG1 . VAL A 1 48  ? 17.474  -0.591  0.584   1.00 32.81 ? 47  VAL A CG1 1 
ATOM   368  C  CG2 . VAL A 1 48  ? 15.727  0.845   1.593   1.00 27.35 ? 47  VAL A CG2 1 
ATOM   369  N  N   . THR A 1 49  ? 16.139  -3.774  3.249   1.00 22.58 ? 48  THR A N   1 
ATOM   370  C  CA  . THR A 1 49  ? 16.930  -4.876  3.779   1.00 26.45 ? 48  THR A CA  1 
ATOM   371  C  C   . THR A 1 49  ? 16.265  -6.208  3.429   1.00 32.76 ? 48  THR A C   1 
ATOM   372  O  O   . THR A 1 49  ? 15.349  -6.243  2.617   1.00 24.16 ? 48  THR A O   1 
ATOM   373  C  CB  . THR A 1 49  ? 17.145  -4.750  5.301   1.00 26.61 ? 48  THR A CB  1 
ATOM   374  O  OG1 . THR A 1 49  ? 18.055  -5.769  5.735   1.00 31.57 ? 48  THR A OG1 1 
ATOM   375  C  CG2 . THR A 1 49  ? 15.833  -4.874  6.072   1.00 19.96 ? 48  THR A CG2 1 
ATOM   376  N  N   . GLY A 1 50  ? 16.741  -7.305  4.013   1.00 31.44 ? 49  GLY A N   1 
ATOM   377  C  CA  . GLY A 1 50  ? 16.328  -8.621  3.554   1.00 33.46 ? 49  GLY A CA  1 
ATOM   378  C  C   . GLY A 1 50  ? 16.660  -8.745  2.077   1.00 26.34 ? 49  GLY A C   1 
ATOM   379  O  O   . GLY A 1 50  ? 17.706  -8.278  1.634   1.00 26.13 ? 49  GLY A O   1 
ATOM   380  N  N   . SER A 1 51  ? 15.753  -9.336  1.305   1.00 37.06 ? 50  SER A N   1 
ATOM   381  C  CA  . SER A 1 51  ? 15.925  -9.454  -0.150  1.00 38.20 ? 50  SER A CA  1 
ATOM   382  C  C   . SER A 1 51  ? 16.213  -8.115  -0.833  1.00 39.51 ? 50  SER A C   1 
ATOM   383  O  O   . SER A 1 51  ? 16.816  -8.066  -1.910  1.00 41.08 ? 50  SER A O   1 
ATOM   384  C  CB  . SER A 1 51  ? 14.675  -10.077 -0.783  1.00 40.99 ? 50  SER A CB  1 
ATOM   385  O  OG  . SER A 1 51  ? 14.095  -11.045 0.074   1.00 44.73 ? 50  SER A OG  1 
ATOM   386  N  N   . TYR A 1 52  ? 15.796  -7.031  -0.189  1.00 33.63 ? 51  TYR A N   1 
ATOM   387  C  CA  . TYR A 1 52  ? 15.835  -5.724  -0.813  1.00 29.60 ? 51  TYR A CA  1 
ATOM   388  C  C   . TYR A 1 52  ? 17.044  -4.880  -0.411  1.00 32.56 ? 51  TYR A C   1 
ATOM   389  O  O   . TYR A 1 52  ? 17.007  -3.669  -0.574  1.00 31.15 ? 51  TYR A O   1 
ATOM   390  C  CB  . TYR A 1 52  ? 14.535  -4.967  -0.492  1.00 30.84 ? 51  TYR A CB  1 
ATOM   391  C  CG  . TYR A 1 52  ? 13.275  -5.721  -0.892  1.00 31.71 ? 51  TYR A CG  1 
ATOM   392  C  CD1 . TYR A 1 52  ? 12.760  -5.625  -2.182  1.00 36.73 ? 51  TYR A CD1 1 
ATOM   393  C  CD2 . TYR A 1 52  ? 12.597  -6.519  0.020   1.00 38.06 ? 51  TYR A CD2 1 
ATOM   394  C  CE1 . TYR A 1 52  ? 11.612  -6.312  -2.551  1.00 34.99 ? 51  TYR A CE1 1 
ATOM   395  C  CE2 . TYR A 1 52  ? 11.452  -7.212  -0.339  1.00 41.42 ? 51  TYR A CE2 1 
ATOM   396  C  CZ  . TYR A 1 52  ? 10.963  -7.103  -1.627  1.00 45.58 ? 51  TYR A CZ  1 
ATOM   397  O  OH  . TYR A 1 52  ? 9.819   -7.788  -1.990  1.00 52.22 ? 51  TYR A OH  1 
ATOM   398  N  N   . HIS A 1 53  ? 18.121  -5.493  0.090   1.00 31.10 ? 52  HIS A N   1 
ATOM   399  C  CA  A HIS A 1 53  ? 19.330  -4.747  0.454   0.47 31.79 ? 52  HIS A CA  1 
ATOM   400  C  CA  B HIS A 1 53  ? 19.280  -4.700  0.477   0.53 31.81 ? 52  HIS A CA  1 
ATOM   401  C  C   . HIS A 1 53  ? 19.843  -3.928  -0.723  1.00 30.76 ? 52  HIS A C   1 
ATOM   402  O  O   . HIS A 1 53  ? 19.907  -4.437  -1.852  1.00 33.61 ? 52  HIS A O   1 
ATOM   403  C  CB  A HIS A 1 53  ? 20.435  -5.692  0.934   0.47 30.25 ? 52  HIS A CB  1 
ATOM   404  C  CB  B HIS A 1 53  ? 20.368  -5.568  1.144   0.53 30.21 ? 52  HIS A CB  1 
ATOM   405  C  CG  A HIS A 1 53  ? 21.807  -5.087  0.899   0.47 30.16 ? 52  HIS A CG  1 
ATOM   406  C  CG  B HIS A 1 53  ? 20.862  -6.712  0.310   0.53 30.64 ? 52  HIS A CG  1 
ATOM   407  N  ND1 A HIS A 1 53  ? 22.206  -4.085  1.758   0.47 32.41 ? 52  HIS A ND1 1 
ATOM   408  N  ND1 B HIS A 1 53  ? 20.370  -7.993  0.439   0.53 32.93 ? 52  HIS A ND1 1 
ATOM   409  C  CD2 A HIS A 1 53  ? 22.867  -5.332  0.093   0.47 32.27 ? 52  HIS A CD2 1 
ATOM   410  C  CD2 B HIS A 1 53  ? 21.845  -6.780  -0.620  0.53 32.44 ? 52  HIS A CD2 1 
ATOM   411  C  CE1 A HIS A 1 53  ? 23.456  -3.749  1.492   0.47 32.20 ? 52  HIS A CE1 1 
ATOM   412  C  CE1 B HIS A 1 53  ? 21.006  -8.795  -0.397  0.53 28.69 ? 52  HIS A CE1 1 
ATOM   413  N  NE2 A HIS A 1 53  ? 23.880  -4.491  0.485   0.47 30.67 ? 52  HIS A NE2 1 
ATOM   414  N  NE2 B HIS A 1 53  ? 21.907  -8.084  -1.050  0.53 31.10 ? 52  HIS A NE2 1 
ATOM   415  N  N   . ASN A 1 54  ? 20.204  -2.673  -0.459  1.00 39.22 ? 53  ASN A N   1 
ATOM   416  C  CA  . ASN A 1 54  ? 20.688  -1.716  -1.471  1.00 45.12 ? 53  ASN A CA  1 
ATOM   417  C  C   . ASN A 1 54  ? 19.841  -1.662  -2.757  1.00 50.59 ? 53  ASN A C   1 
ATOM   418  O  O   . ASN A 1 54  ? 20.361  -1.296  -3.814  1.00 55.23 ? 53  ASN A O   1 
ATOM   419  C  CB  . ASN A 1 54  ? 22.160  -2.016  -1.827  1.00 42.43 ? 53  ASN A CB  1 
ATOM   420  N  N   . ARG A 1 55  ? 18.549  -2.014  -2.663  1.00 49.69 ? 54  ARG A N   1 
ATOM   421  C  CA  . ARG A 1 55  ? 17.604  -1.936  -3.794  1.00 43.30 ? 54  ARG A CA  1 
ATOM   422  C  C   . ARG A 1 55  ? 17.606  -0.540  -4.338  1.00 46.10 ? 54  ARG A C   1 
ATOM   423  O  O   . ARG A 1 55  ? 18.105  0.363   -3.663  1.00 53.96 ? 54  ARG A O   1 
ATOM   424  C  CB  . ARG A 1 55  ? 16.176  -2.307  -3.374  1.00 35.46 ? 54  ARG A CB  1 
ATOM   425  C  CG  . ARG A 1 55  ? 15.495  -1.259  -2.483  1.00 33.30 ? 54  ARG A CG  1 
ATOM   426  C  CD  . ARG A 1 55  ? 13.971  -1.441  -2.456  1.00 28.60 ? 54  ARG A CD  1 
ATOM   427  N  NE  . ARG A 1 55  ? 13.330  -0.741  -1.346  1.00 23.74 ? 54  ARG A NE  1 
ATOM   428  C  CZ  . ARG A 1 55  ? 13.047  0.559   -1.339  1.00 26.42 ? 54  ARG A CZ  1 
ATOM   429  N  NH1 . ARG A 1 55  ? 13.360  1.319   -2.380  1.00 28.96 ? 54  ARG A NH1 1 
ATOM   430  N  NH2 . ARG A 1 55  ? 12.463  1.105   -0.277  1.00 24.55 ? 54  ARG A NH2 1 
ATOM   431  N  N   . PRO A 1 56  ? 17.075  -0.349  -5.558  1.00 41.88 ? 55  PRO A N   1 
ATOM   432  C  CA  . PRO A 1 56  ? 16.934  1.047   -5.962  1.00 40.22 ? 55  PRO A CA  1 
ATOM   433  C  C   . PRO A 1 56  ? 16.173  1.786   -4.876  1.00 48.07 ? 55  PRO A C   1 
ATOM   434  O  O   . PRO A 1 56  ? 14.984  1.546   -4.671  1.00 46.45 ? 55  PRO A O   1 
ATOM   435  C  CB  . PRO A 1 56  ? 16.148  0.965   -7.267  1.00 42.22 ? 55  PRO A CB  1 
ATOM   436  C  CG  . PRO A 1 56  ? 16.514  -0.382  -7.834  1.00 42.97 ? 55  PRO A CG  1 
ATOM   437  C  CD  . PRO A 1 56  ? 16.739  -1.287  -6.644  1.00 39.97 ? 55  PRO A CD  1 
ATOM   438  N  N   . GLY A 1 57  ? 16.905  2.620   -4.142  1.00 40.51 ? 56  GLY A N   1 
ATOM   439  C  CA  . GLY A 1 57  ? 16.379  3.326   -2.992  1.00 36.97 ? 56  GLY A CA  1 
ATOM   440  C  C   . GLY A 1 57  ? 15.232  4.272   -3.300  1.00 43.78 ? 56  GLY A C   1 
ATOM   441  O  O   . GLY A 1 57  ? 14.810  4.430   -4.454  1.00 49.03 ? 56  GLY A O   1 
ATOM   442  N  N   . GLY A 1 58  ? 14.721  4.912   -2.257  1.00 42.78 ? 57  GLY A N   1 
ATOM   443  C  CA  . GLY A 1 58  ? 13.569  5.776   -2.407  1.00 34.30 ? 57  GLY A CA  1 
ATOM   444  C  C   . GLY A 1 58  ? 12.349  5.159   -1.764  1.00 30.59 ? 57  GLY A C   1 
ATOM   445  O  O   . GLY A 1 58  ? 12.219  3.933   -1.684  1.00 33.43 ? 57  GLY A O   1 
ATOM   446  N  N   . ASP A 1 59  ? 11.462  6.017   -1.284  1.00 28.90 ? 58  ASP A N   1 
ATOM   447  C  CA  . ASP A 1 59  ? 10.223  5.576   -0.671  1.00 25.48 ? 58  ASP A CA  1 
ATOM   448  C  C   . ASP A 1 59  ? 9.175   5.395   -1.748  1.00 26.51 ? 58  ASP A C   1 
ATOM   449  O  O   . ASP A 1 59  ? 9.254   6.027   -2.797  1.00 26.12 ? 58  ASP A O   1 
ATOM   450  C  CB  . ASP A 1 59  ? 9.771   6.587   0.375   1.00 27.79 ? 58  ASP A CB  1 
ATOM   451  C  CG  . ASP A 1 59  ? 10.811  6.805   1.446   1.00 33.53 ? 58  ASP A CG  1 
ATOM   452  O  OD1 . ASP A 1 59  ? 11.487  5.824   1.805   1.00 25.01 ? 58  ASP A OD1 1 
ATOM   453  O  OD2 . ASP A 1 59  ? 10.952  7.945   1.932   1.00 32.28 ? 58  ASP A OD2 1 
ATOM   454  N  N   . PRO A 1 60  ? 8.211   4.500   -1.519  1.00 19.12 ? 59  PRO A N   1 
ATOM   455  C  CA  . PRO A 1 60  ? 7.150   4.367   -2.519  1.00 20.90 ? 59  PRO A CA  1 
ATOM   456  C  C   . PRO A 1 60  ? 6.214   5.568   -2.528  1.00 21.46 ? 59  PRO A C   1 
ATOM   457  O  O   . PRO A 1 60  ? 6.122   6.292   -1.538  1.00 23.25 ? 59  PRO A O   1 
ATOM   458  C  CB  . PRO A 1 60  ? 6.409   3.094   -2.093  1.00 18.22 ? 59  PRO A CB  1 
ATOM   459  C  CG  . PRO A 1 60  ? 6.800   2.872   -0.658  1.00 21.92 ? 59  PRO A CG  1 
ATOM   460  C  CD  . PRO A 1 60  ? 8.163   3.451   -0.487  1.00 24.31 ? 59  PRO A CD  1 
ATOM   461  N  N   . ALA A 1 61  ? 5.540   5.781   -3.656  1.00 22.03 ? 60  ALA A N   1 
ATOM   462  C  CA  . ALA A 1 61  ? 4.542   6.838   -3.780  1.00 19.90 ? 60  ALA A CA  1 
ATOM   463  C  C   . ALA A 1 61  ? 3.371   6.555   -2.858  1.00 20.14 ? 60  ALA A C   1 
ATOM   464  O  O   . ALA A 1 61  ? 2.781   7.449   -2.282  1.00 17.00 ? 60  ALA A O   1 
ATOM   465  C  CB  . ALA A 1 61  ? 4.066   6.951   -5.222  1.00 20.54 ? 60  ALA A CB  1 
ATOM   466  N  N   . VAL A 1 62  ? 3.048   5.282   -2.702  1.00 18.26 ? 61  VAL A N   1 
ATOM   467  C  CA  . VAL A 1 62  ? 1.965   4.910   -1.817  1.00 15.69 ? 61  VAL A CA  1 
ATOM   468  C  C   . VAL A 1 62  ? 2.184   3.444   -1.488  1.00 15.25 ? 61  VAL A C   1 
ATOM   469  O  O   . VAL A 1 62  ? 2.771   2.713   -2.276  1.00 15.40 ? 61  VAL A O   1 
ATOM   470  C  CB  . VAL A 1 62  ? 0.579   5.140   -2.473  1.00 17.02 ? 61  VAL A CB  1 
ATOM   471  C  CG1 . VAL A 1 62  ? 0.380   4.202   -3.648  1.00 18.50 ? 61  VAL A CG1 1 
ATOM   472  C  CG2 . VAL A 1 62  ? -0.557  4.978   -1.464  1.00 15.23 ? 61  VAL A CG2 1 
ATOM   473  N  N   . VAL A 1 63  ? 1.737   3.036   -0.313  1.00 14.97 ? 62  VAL A N   1 
ATOM   474  C  CA  . VAL A 1 63  ? 1.674   1.625   0.026   1.00 14.29 ? 62  VAL A CA  1 
ATOM   475  C  C   . VAL A 1 63  ? 0.209   1.197   0.047   1.00 14.05 ? 62  VAL A C   1 
ATOM   476  O  O   . VAL A 1 63  ? -0.613  1.809   0.736   1.00 17.69 ? 62  VAL A O   1 
ATOM   477  C  CB  . VAL A 1 63  ? 2.309   1.322   1.401   1.00 16.62 ? 62  VAL A CB  1 
ATOM   478  C  CG1 . VAL A 1 63  ? 2.272   -0.196  1.675   1.00 11.94 ? 62  VAL A CG1 1 
ATOM   479  C  CG2 . VAL A 1 63  ? 3.737   1.868   1.467   1.00 14.13 ? 62  VAL A CG2 1 
ATOM   480  N  N   . LEU A 1 64  ? -0.110  0.159   -0.716  1.00 12.73 ? 63  LEU A N   1 
ATOM   481  C  CA  . LEU A 1 64  ? -1.432  -0.457  -0.689  1.00 13.26 ? 63  LEU A CA  1 
ATOM   482  C  C   . LEU A 1 64  ? -1.330  -1.653  0.254   1.00 13.79 ? 63  LEU A C   1 
ATOM   483  O  O   . LEU A 1 64  ? -0.676  -2.631  -0.085  1.00 13.80 ? 63  LEU A O   1 
ATOM   484  C  CB  . LEU A 1 64  ? -1.854  -0.919  -2.079  1.00 14.87 ? 63  LEU A CB  1 
ATOM   485  C  CG  . LEU A 1 64  ? -1.855  0.169   -3.156  1.00 22.91 ? 63  LEU A CG  1 
ATOM   486  C  CD1 . LEU A 1 64  ? -2.452  -0.372  -4.449  1.00 20.74 ? 63  LEU A CD1 1 
ATOM   487  C  CD2 . LEU A 1 64  ? -2.652  1.327   -2.657  1.00 18.12 ? 63  LEU A CD2 1 
ATOM   488  N  N   . LEU A 1 65  ? -1.933  -1.561  1.433   1.00 14.88 ? 64  LEU A N   1 
ATOM   489  C  CA  . LEU A 1 65  ? -1.616  -2.524  2.506   1.00 15.46 ? 64  LEU A CA  1 
ATOM   490  C  C   . LEU A 1 65  ? -2.828  -3.365  2.877   1.00 12.96 ? 64  LEU A C   1 
ATOM   491  O  O   . LEU A 1 65  ? -3.751  -2.892  3.534   1.00 16.03 ? 64  LEU A O   1 
ATOM   492  C  CB  . LEU A 1 65  ? -1.086  -1.776  3.742   1.00 16.84 ? 64  LEU A CB  1 
ATOM   493  C  CG  . LEU A 1 65  ? -0.698  -2.607  4.977   1.00 19.45 ? 64  LEU A CG  1 
ATOM   494  C  CD1 . LEU A 1 65  ? 0.274   -3.715  4.604   1.00 13.60 ? 64  LEU A CD1 1 
ATOM   495  C  CD2 . LEU A 1 65  ? -0.079  -1.701  6.033   1.00 19.14 ? 64  LEU A CD2 1 
ATOM   496  N  N   . ASP A 1 66  ? -2.824  -4.612  2.432   1.00 14.09 ? 65  ASP A N   1 
ATOM   497  C  CA  . ASP A 1 66  ? -3.856  -5.567  2.805   1.00 14.42 ? 65  ASP A CA  1 
ATOM   498  C  C   . ASP A 1 66  ? -3.794  -5.760  4.317   1.00 21.43 ? 65  ASP A C   1 
ATOM   499  O  O   . ASP A 1 66  ? -2.708  -5.851  4.877   1.00 19.25 ? 65  ASP A O   1 
ATOM   500  C  CB  . ASP A 1 66  ? -3.640  -6.884  2.062   1.00 17.02 ? 65  ASP A CB  1 
ATOM   501  C  CG  . ASP A 1 66  ? -4.583  -7.969  2.512   1.00 20.25 ? 65  ASP A CG  1 
ATOM   502  O  OD1 . ASP A 1 66  ? -5.811  -7.752  2.485   1.00 17.46 ? 65  ASP A OD1 1 
ATOM   503  O  OD2 . ASP A 1 66  ? -4.082  -9.041  2.900   1.00 18.59 ? 65  ASP A OD2 1 
ATOM   504  N  N   . LEU A 1 67  ? -4.955  -5.807  4.970   1.00 15.72 ? 66  LEU A N   1 
ATOM   505  C  CA  . LEU A 1 67  ? -5.031  -5.756  6.426   1.00 19.73 ? 66  LEU A CA  1 
ATOM   506  C  C   . LEU A 1 67  ? -4.555  -7.035  7.141   1.00 22.00 ? 66  LEU A C   1 
ATOM   507  O  O   . LEU A 1 67  ? -3.924  -6.961  8.188   1.00 17.49 ? 66  LEU A O   1 
ATOM   508  C  CB  . LEU A 1 67  ? -6.460  -5.456  6.839   1.00 17.93 ? 66  LEU A CB  1 
ATOM   509  C  CG  . LEU A 1 67  ? -6.741  -5.389  8.336   1.00 25.30 ? 66  LEU A CG  1 
ATOM   510  C  CD1 . LEU A 1 67  ? -5.893  -4.286  8.982   1.00 22.76 ? 66  LEU A CD1 1 
ATOM   511  C  CD2 . LEU A 1 67  ? -8.228  -5.153  8.565   1.00 26.07 ? 66  LEU A CD2 1 
ATOM   512  N  N   . LYS A 1 68  ? -4.880  -8.197  6.588   1.00 22.67 ? 67  LYS A N   1 
ATOM   513  C  CA  . LYS A 1 68  ? -4.521  -9.462  7.225   1.00 21.35 ? 67  LYS A CA  1 
ATOM   514  C  C   . LYS A 1 68  ? -3.393  -10.139 6.467   1.00 19.81 ? 67  LYS A C   1 
ATOM   515  O  O   . LYS A 1 68  ? -3.528  -10.432 5.282   1.00 23.70 ? 67  LYS A O   1 
ATOM   516  C  CB  . LYS A 1 68  ? -5.737  -10.392 7.308   1.00 23.53 ? 67  LYS A CB  1 
ATOM   517  C  CG  . LYS A 1 68  ? -6.949  -9.822  8.046   1.00 23.23 ? 67  LYS A CG  1 
ATOM   518  C  CD  . LYS A 1 68  ? -6.610  -9.439  9.486   1.00 34.03 ? 67  LYS A CD  1 
ATOM   519  C  CE  . LYS A 1 68  ? -5.988  -10.609 10.245  1.00 36.58 ? 67  LYS A CE  1 
ATOM   520  N  NZ  . LYS A 1 68  ? -5.484  -10.201 11.582  1.00 43.66 ? 67  LYS A NZ  1 
ATOM   521  N  N   . LEU A 1 69  ? -2.270  -10.374 7.141   1.00 15.78 ? 68  LEU A N   1 
ATOM   522  C  CA  . LEU A 1 69  ? -1.118  -10.992 6.509   1.00 16.50 ? 68  LEU A CA  1 
ATOM   523  C  C   . LEU A 1 69  ? -0.510  -12.037 7.450   1.00 19.93 ? 68  LEU A C   1 
ATOM   524  O  O   . LEU A 1 69  ? -0.623  -11.910 8.665   1.00 20.22 ? 68  LEU A O   1 
ATOM   525  C  CB  . LEU A 1 69  ? -0.060  -9.939  6.156   1.00 17.96 ? 68  LEU A CB  1 
ATOM   526  C  CG  . LEU A 1 69  ? -0.427  -8.710  5.314   1.00 15.86 ? 68  LEU A CG  1 
ATOM   527  C  CD1 . LEU A 1 69  ? 0.696   -7.696  5.441   1.00 12.56 ? 68  LEU A CD1 1 
ATOM   528  C  CD2 . LEU A 1 69  ? -0.598  -9.117  3.860   1.00 17.49 ? 68  LEU A CD2 1 
ATOM   529  N  N   . PRO A 1 70  ? 0.160   -13.049 6.894   1.00 20.02 ? 69  PRO A N   1 
ATOM   530  C  CA  . PRO A 1 70  ? 0.863   -13.985 7.779   1.00 20.81 ? 69  PRO A CA  1 
ATOM   531  C  C   . PRO A 1 70  ? 2.206   -13.414 8.254   1.00 22.58 ? 69  PRO A C   1 
ATOM   532  O  O   . PRO A 1 70  ? 2.679   -12.445 7.656   1.00 19.47 ? 69  PRO A O   1 
ATOM   533  C  CB  . PRO A 1 70  ? 1.059   -15.220 6.894   1.00 16.42 ? 69  PRO A CB  1 
ATOM   534  C  CG  . PRO A 1 70  ? 1.113   -14.687 5.511   1.00 24.31 ? 69  PRO A CG  1 
ATOM   535  C  CD  . PRO A 1 70  ? 0.196   -13.479 5.488   1.00 15.80 ? 69  PRO A CD  1 
ATOM   536  N  N   . LYS A 1 71  ? 2.779   -14.009 9.307   1.00 22.36 ? 70  LYS A N   1 
ATOM   537  C  CA  . LYS A 1 71  ? 4.116   -13.694 9.856   1.00 19.45 ? 70  LYS A CA  1 
ATOM   538  C  C   . LYS A 1 71  ? 4.186   -12.368 10.573  1.00 28.15 ? 70  LYS A C   1 
ATOM   539  O  O   . LYS A 1 71  ? 4.518   -12.301 11.765  1.00 20.17 ? 70  LYS A O   1 
ATOM   540  C  CB  . LYS A 1 71  ? 5.180   -13.735 8.759   1.00 22.59 ? 70  LYS A CB  1 
ATOM   541  C  CG  . LYS A 1 71  ? 5.272   -15.078 8.052   1.00 22.48 ? 70  LYS A CG  1 
ATOM   542  C  CD  . LYS A 1 71  ? 6.488   -15.166 7.163   1.00 26.69 ? 70  LYS A CD  1 
ATOM   543  C  CE  . LYS A 1 71  ? 6.534   -16.496 6.441   1.00 38.60 ? 70  LYS A CE  1 
ATOM   544  N  NZ  . LYS A 1 71  ? 7.693   -16.566 5.500   1.00 46.25 ? 70  LYS A NZ  1 
ATOM   545  N  N   . VAL A 1 72  ? 3.899   -11.307 9.832   1.00 20.49 ? 71  VAL A N   1 
ATOM   546  C  CA  . VAL A 1 72  ? 3.758   -9.988  10.401  1.00 20.52 ? 71  VAL A CA  1 
ATOM   547  C  C   . VAL A 1 72  ? 2.453   -9.452  9.840   1.00 23.83 ? 71  VAL A C   1 
ATOM   548  O  O   . VAL A 1 72  ? 2.300   -9.351  8.633   1.00 25.65 ? 71  VAL A O   1 
ATOM   549  C  CB  . VAL A 1 72  ? 4.948   -9.072  10.052  1.00 23.32 ? 71  VAL A CB  1 
ATOM   550  C  CG1 . VAL A 1 72  ? 4.621   -7.620  10.373  1.00 22.78 ? 71  VAL A CG1 1 
ATOM   551  C  CG2 . VAL A 1 72  ? 6.186   -9.507  10.822  1.00 29.45 ? 71  VAL A CG2 1 
ATOM   552  N  N   . ASP A 1 73  ? 1.509   -9.148  10.716  1.00 22.14 ? 72  ASP A N   1 
ATOM   553  C  CA  . ASP A 1 73  ? 0.164   -8.792  10.297  1.00 25.55 ? 72  ASP A CA  1 
ATOM   554  C  C   . ASP A 1 73  ? 0.142   -7.403  9.661   1.00 25.38 ? 72  ASP A C   1 
ATOM   555  O  O   . ASP A 1 73  ? 1.048   -6.598  9.880   1.00 26.89 ? 72  ASP A O   1 
ATOM   556  C  CB  . ASP A 1 73  ? -0.785  -8.848  11.486  1.00 27.20 ? 72  ASP A CB  1 
ATOM   557  C  CG  . ASP A 1 73  ? -2.226  -8.999  11.074  1.00 27.57 ? 72  ASP A CG  1 
ATOM   558  O  OD1 . ASP A 1 73  ? -2.471  -9.351  9.899   1.00 23.88 ? 72  ASP A OD1 1 
ATOM   559  O  OD2 . ASP A 1 73  ? -3.104  -8.785  11.933  1.00 24.15 ? 72  ASP A OD2 1 
ATOM   560  N  N   . GLY A 1 74  ? -0.893  -7.120  8.873   1.00 26.75 ? 73  GLY A N   1 
ATOM   561  C  CA  . GLY A 1 74  ? -0.988  -5.826  8.213   1.00 21.73 ? 73  GLY A CA  1 
ATOM   562  C  C   . GLY A 1 74  ? -1.019  -4.686  9.210   1.00 27.29 ? 73  GLY A C   1 
ATOM   563  O  O   . GLY A 1 74  ? -0.375  -3.660  9.000   1.00 27.18 ? 73  GLY A O   1 
ATOM   564  N  N   . LEU A 1 75  ? -1.761  -4.876  10.301  1.00 24.83 ? 74  LEU A N   1 
ATOM   565  C  CA  . LEU A 1 75  ? -1.865  -3.879  11.359  1.00 32.35 ? 74  LEU A CA  1 
ATOM   566  C  C   . LEU A 1 75  ? -0.493  -3.561  11.970  1.00 31.46 ? 74  LEU A C   1 
ATOM   567  O  O   . LEU A 1 75  ? -0.211  -2.414  12.326  1.00 30.52 ? 74  LEU A O   1 
ATOM   568  C  CB  . LEU A 1 75  ? -2.831  -4.356  12.443  1.00 35.77 ? 74  LEU A CB  1 
ATOM   569  C  CG  . LEU A 1 75  ? -3.144  -3.360  13.564  1.00 39.18 ? 74  LEU A CG  1 
ATOM   570  C  CD1 . LEU A 1 75  ? -3.856  -2.146  12.999  1.00 36.99 ? 74  LEU A CD1 1 
ATOM   571  C  CD2 . LEU A 1 75  ? -3.971  -4.008  14.677  1.00 39.06 ? 74  LEU A CD2 1 
ATOM   572  N  N   . GLU A 1 76  ? 0.353   -4.584  12.083  1.00 32.37 ? 75  GLU A N   1 
ATOM   573  C  CA  . GLU A 1 76  ? 1.719   -4.408  12.558  1.00 31.22 ? 75  GLU A CA  1 
ATOM   574  C  C   . GLU A 1 76  ? 2.536   -3.554  11.590  1.00 32.17 ? 75  GLU A C   1 
ATOM   575  O  O   . GLU A 1 76  ? 3.286   -2.667  12.011  1.00 29.56 ? 75  GLU A O   1 
ATOM   576  C  CB  . GLU A 1 76  ? 2.410   -5.759  12.740  1.00 26.38 ? 75  GLU A CB  1 
ATOM   577  C  CG  . GLU A 1 76  ? 1.809   -6.679  13.769  1.00 39.58 ? 75  GLU A CG  1 
ATOM   578  C  CD  . GLU A 1 76  ? 2.631   -7.958  13.911  1.00 46.21 ? 75  GLU A CD  1 
ATOM   579  O  OE1 . GLU A 1 76  ? 3.859   -7.856  14.167  1.00 40.84 ? 75  GLU A OE1 1 
ATOM   580  O  OE2 . GLU A 1 76  ? 2.059   -9.055  13.725  1.00 35.13 ? 75  GLU A OE2 1 
ATOM   581  N  N   . VAL A 1 77  ? 2.410   -3.850  10.297  1.00 27.56 ? 76  VAL A N   1 
ATOM   582  C  CA  . VAL A 1 77  ? 3.094   -3.075  9.279   1.00 26.24 ? 76  VAL A CA  1 
ATOM   583  C  C   . VAL A 1 77  ? 2.636   -1.627  9.383   1.00 21.65 ? 76  VAL A C   1 
ATOM   584  O  O   . VAL A 1 77  ? 3.453   -0.705  9.356   1.00 22.37 ? 76  VAL A O   1 
ATOM   585  C  CB  . VAL A 1 77  ? 2.822   -3.598  7.852   1.00 24.55 ? 76  VAL A CB  1 
ATOM   586  C  CG1 . VAL A 1 77  ? 3.542   -2.724  6.829   1.00 22.47 ? 76  VAL A CG1 1 
ATOM   587  C  CG2 . VAL A 1 77  ? 3.268   -5.041  7.717   1.00 20.03 ? 76  VAL A CG2 1 
ATOM   588  N  N   . LEU A 1 78  ? 1.323   -1.449  9.512   1.00 24.98 ? 77  LEU A N   1 
ATOM   589  C  CA  . LEU A 1 78  ? 0.732   -0.132  9.661   1.00 24.22 ? 77  LEU A CA  1 
ATOM   590  C  C   . LEU A 1 78  ? 1.296   0.556   10.895  1.00 28.63 ? 77  LEU A C   1 
ATOM   591  O  O   . LEU A 1 78  ? 1.726   1.697   10.823  1.00 25.59 ? 77  LEU A O   1 
ATOM   592  C  CB  . LEU A 1 78  ? -0.799  -0.213  9.748   1.00 22.71 ? 77  LEU A CB  1 
ATOM   593  C  CG  . LEU A 1 78  ? -1.553  1.113   9.981   1.00 29.10 ? 77  LEU A CG  1 
ATOM   594  C  CD1 . LEU A 1 78  ? -1.290  2.111   8.866   1.00 19.42 ? 77  LEU A CD1 1 
ATOM   595  C  CD2 . LEU A 1 78  ? -3.064  0.903   10.149  1.00 23.57 ? 77  LEU A CD2 1 
ATOM   596  N  N   . GLN A 1 79  ? 1.303   -0.139  12.030  1.00 26.40 ? 78  GLN A N   1 
ATOM   597  C  CA  . GLN A 1 79  ? 1.796   0.478   13.260  1.00 29.95 ? 78  GLN A CA  1 
ATOM   598  C  C   . GLN A 1 79  ? 3.269   0.866   13.131  1.00 23.12 ? 78  GLN A C   1 
ATOM   599  O  O   . GLN A 1 79  ? 3.669   1.934   13.579  1.00 33.78 ? 78  GLN A O   1 
ATOM   600  C  CB  . GLN A 1 79  ? 1.559   -0.456  14.455  1.00 32.65 ? 78  GLN A CB  1 
ATOM   601  C  CG  . GLN A 1 79  ? 0.123   -0.347  14.974  1.00 34.91 ? 78  GLN A CG  1 
ATOM   602  C  CD  . GLN A 1 79  ? -0.269  -1.453  15.937  1.00 45.97 ? 78  GLN A CD  1 
ATOM   603  O  OE1 . GLN A 1 79  ? 0.292   -2.551  15.906  1.00 43.03 ? 78  GLN A OE1 1 
ATOM   604  N  NE2 . GLN A 1 79  ? -1.255  -1.172  16.789  1.00 42.88 ? 78  GLN A NE2 1 
ATOM   605  N  N   . THR A 1 80  ? 4.065   0.016   12.491  1.00 26.41 ? 79  THR A N   1 
ATOM   606  C  CA  . THR A 1 80  ? 5.493   0.280   12.306  1.00 29.68 ? 79  THR A CA  1 
ATOM   607  C  C   . THR A 1 80  ? 5.759   1.475   11.384  1.00 33.73 ? 79  THR A C   1 
ATOM   608  O  O   . THR A 1 80  ? 6.614   2.318   11.675  1.00 29.83 ? 79  THR A O   1 
ATOM   609  C  CB  . THR A 1 80  ? 6.223   -0.956  11.745  1.00 32.83 ? 79  THR A CB  1 
ATOM   610  O  OG1 . THR A 1 80  ? 6.091   -2.047  12.661  1.00 31.90 ? 79  THR A OG1 1 
ATOM   611  C  CG2 . THR A 1 80  ? 7.701   -0.666  11.535  1.00 33.15 ? 79  THR A CG2 1 
ATOM   612  N  N   . VAL A 1 81  ? 5.037   1.555   10.270  1.00 29.39 ? 80  VAL A N   1 
ATOM   613  C  CA  . VAL A 1 81  ? 5.154   2.729   9.398   1.00 26.08 ? 80  VAL A CA  1 
ATOM   614  C  C   . VAL A 1 81  ? 4.756   3.999   10.145  1.00 29.14 ? 80  VAL A C   1 
ATOM   615  O  O   . VAL A 1 81  ? 5.478   4.993   10.120  1.00 31.85 ? 80  VAL A O   1 
ATOM   616  C  CB  . VAL A 1 81  ? 4.283   2.598   8.130   1.00 21.50 ? 80  VAL A CB  1 
ATOM   617  C  CG1 . VAL A 1 81  ? 4.248   3.922   7.363   1.00 24.26 ? 80  VAL A CG1 1 
ATOM   618  C  CG2 . VAL A 1 81  ? 4.804   1.477   7.242   1.00 17.07 ? 80  VAL A CG2 1 
ATOM   619  N  N   . LYS A 1 82  ? 3.613   3.958   10.824  1.00 29.72 ? 81  LYS A N   1 
ATOM   620  C  CA  . LYS A 1 82  ? 3.088   5.149   11.500  1.00 34.09 ? 81  LYS A CA  1 
ATOM   621  C  C   . LYS A 1 82  ? 3.938   5.581   12.699  1.00 34.39 ? 81  LYS A C   1 
ATOM   622  O  O   . LYS A 1 82  ? 4.060   6.774   12.985  1.00 36.60 ? 81  LYS A O   1 
ATOM   623  C  CB  . LYS A 1 82  ? 1.650   4.912   11.967  1.00 29.07 ? 81  LYS A CB  1 
ATOM   624  C  CG  . LYS A 1 82  ? 0.653   4.724   10.844  1.00 32.20 ? 81  LYS A CG  1 
ATOM   625  C  CD  . LYS A 1 82  ? 0.506   5.991   10.016  1.00 28.48 ? 81  LYS A CD  1 
ATOM   626  C  CE  . LYS A 1 82  ? -0.390  5.747   8.814   1.00 32.49 ? 81  LYS A CE  1 
ATOM   627  N  NZ  . LYS A 1 82  ? -0.691  7.012   8.104   1.00 34.09 ? 81  LYS A NZ  1 
ATOM   628  N  N   . GLY A 1 83  ? 4.509   4.615   13.407  1.00 30.35 ? 82  GLY A N   1 
ATOM   629  C  CA  . GLY A 1 83  ? 5.300   4.919   14.586  1.00 31.46 ? 82  GLY A CA  1 
ATOM   630  C  C   . GLY A 1 83  ? 6.789   5.098   14.348  1.00 35.23 ? 82  GLY A C   1 
ATOM   631  O  O   . GLY A 1 83  ? 7.550   5.242   15.302  1.00 41.16 ? 82  GLY A O   1 
ATOM   632  N  N   . SER A 1 84  ? 7.221   5.084   13.090  1.00 32.49 ? 83  SER A N   1 
ATOM   633  C  CA  . SER A 1 84  ? 8.646   5.220   12.793  1.00 30.33 ? 83  SER A CA  1 
ATOM   634  C  C   . SER A 1 84  ? 8.963   6.544   12.132  1.00 38.26 ? 83  SER A C   1 
ATOM   635  O  O   . SER A 1 84  ? 8.256   6.983   11.220  1.00 36.07 ? 83  SER A O   1 
ATOM   636  C  CB  . SER A 1 84  ? 9.131   4.082   11.898  1.00 35.67 ? 83  SER A CB  1 
ATOM   637  O  OG  . SER A 1 84  ? 9.048   2.840   12.575  1.00 38.24 ? 83  SER A OG  1 
ATOM   638  N  N   . ASP A 1 85  ? 10.046  7.169   12.584  1.00 37.18 ? 84  ASP A N   1 
ATOM   639  C  CA  . ASP A 1 85  ? 10.385  8.514   12.138  1.00 41.26 ? 84  ASP A CA  1 
ATOM   640  C  C   . ASP A 1 85  ? 10.704  8.538   10.664  1.00 34.63 ? 84  ASP A C   1 
ATOM   641  O  O   . ASP A 1 85  ? 10.379  9.498   9.965   1.00 36.94 ? 84  ASP A O   1 
ATOM   642  C  CB  . ASP A 1 85  ? 11.574  9.070   12.926  1.00 49.15 ? 84  ASP A CB  1 
ATOM   643  C  CG  . ASP A 1 85  ? 11.204  9.470   14.340  1.00 52.56 ? 84  ASP A CG  1 
ATOM   644  O  OD1 . ASP A 1 85  ? 10.074  9.969   14.543  1.00 51.46 ? 84  ASP A OD1 1 
ATOM   645  O  OD2 . ASP A 1 85  ? 12.044  9.284   15.246  1.00 57.80 ? 84  ASP A OD2 1 
ATOM   646  N  N   . HIS A 1 86  ? 11.338  7.480   10.185  1.00 29.05 ? 85  HIS A N   1 
ATOM   647  C  CA  . HIS A 1 86  ? 11.814  7.464   8.814   1.00 28.24 ? 85  HIS A CA  1 
ATOM   648  C  C   . HIS A 1 86  ? 10.757  6.938   7.831   1.00 25.76 ? 85  HIS A C   1 
ATOM   649  O  O   . HIS A 1 86  ? 10.973  6.958   6.625   1.00 29.75 ? 85  HIS A O   1 
ATOM   650  C  CB  . HIS A 1 86  ? 13.107  6.639   8.719   1.00 32.28 ? 85  HIS A CB  1 
ATOM   651  C  CG  . HIS A 1 86  ? 12.936  5.194   9.079   1.00 32.31 ? 85  HIS A CG  1 
ATOM   652  N  ND1 . HIS A 1 86  ? 12.499  4.782   10.318  1.00 32.24 ? 85  HIS A ND1 1 
ATOM   653  C  CD2 . HIS A 1 86  ? 13.144  4.067   8.356   1.00 27.84 ? 85  HIS A CD2 1 
ATOM   654  C  CE1 . HIS A 1 86  ? 12.435  3.460   10.342  1.00 30.06 ? 85  HIS A CE1 1 
ATOM   655  N  NE2 . HIS A 1 86  ? 12.818  3.003   9.164   1.00 28.07 ? 85  HIS A NE2 1 
ATOM   656  N  N   . LEU A 1 87  ? 9.614   6.496   8.343   1.00 29.80 ? 86  LEU A N   1 
ATOM   657  C  CA  . LEU A 1 87  ? 8.592   5.883   7.488   1.00 30.07 ? 86  LEU A CA  1 
ATOM   658  C  C   . LEU A 1 87  ? 7.242   6.617   7.495   1.00 28.18 ? 86  LEU A C   1 
ATOM   659  O  O   . LEU A 1 87  ? 6.472   6.512   6.535   1.00 23.95 ? 86  LEU A O   1 
ATOM   660  C  CB  . LEU A 1 87  ? 8.357   4.421   7.904   1.00 23.41 ? 86  LEU A CB  1 
ATOM   661  C  CG  . LEU A 1 87  ? 9.523   3.435   7.827   1.00 26.66 ? 86  LEU A CG  1 
ATOM   662  C  CD1 . LEU A 1 87  ? 9.065   2.055   8.263   1.00 30.21 ? 86  LEU A CD1 1 
ATOM   663  C  CD2 . LEU A 1 87  ? 10.088  3.395   6.427   1.00 30.05 ? 86  LEU A CD2 1 
ATOM   664  N  N   . ARG A 1 88  ? 6.952   7.350   8.569   1.00 27.67 ? 87  ARG A N   1 
ATOM   665  C  CA  . ARG A 1 88  ? 5.593   7.835   8.815   1.00 27.30 ? 87  ARG A CA  1 
ATOM   666  C  C   . ARG A 1 88  ? 5.037   8.755   7.713   1.00 28.00 ? 87  ARG A C   1 
ATOM   667  O  O   . ARG A 1 88  ? 3.818   8.912   7.593   1.00 27.47 ? 87  ARG A O   1 
ATOM   668  C  CB  . ARG A 1 88  ? 5.528   8.557   10.166  1.00 34.88 ? 87  ARG A CB  1 
ATOM   669  C  CG  . ARG A 1 88  ? 6.327   9.849   10.213  1.00 35.40 ? 87  ARG A CG  1 
ATOM   670  C  CD  . ARG A 1 88  ? 6.004   10.678  11.452  1.00 45.54 ? 87  ARG A CD  1 
ATOM   671  N  NE  . ARG A 1 88  ? 6.619   10.138  12.660  1.00 57.66 ? 87  ARG A NE  1 
ATOM   672  C  CZ  . ARG A 1 88  ? 5.945   9.531   13.633  1.00 57.52 ? 87  ARG A CZ  1 
ATOM   673  N  NH1 . ARG A 1 88  ? 4.626   9.396   13.537  1.00 55.34 ? 87  ARG A NH1 1 
ATOM   674  N  NH2 . ARG A 1 88  ? 6.587   9.065   14.697  1.00 52.11 ? 87  ARG A NH2 1 
ATOM   675  N  N   . HIS A 1 89  ? 5.920   9.346   6.909   1.00 26.05 ? 88  HIS A N   1 
ATOM   676  C  CA  . HIS A 1 89  ? 5.493   10.232  5.820   1.00 28.16 ? 88  HIS A CA  1 
ATOM   677  C  C   . HIS A 1 89  ? 4.933   9.464   4.617   1.00 30.33 ? 88  HIS A C   1 
ATOM   678  O  O   . HIS A 1 89  ? 4.297   10.040  3.739   1.00 24.04 ? 88  HIS A O   1 
ATOM   679  C  CB  . HIS A 1 89  ? 6.656   11.113  5.355   1.00 21.79 ? 88  HIS A CB  1 
ATOM   680  C  CG  . HIS A 1 89  ? 7.751   10.351  4.678   1.00 29.13 ? 88  HIS A CG  1 
ATOM   681  N  ND1 . HIS A 1 89  ? 8.582   9.485   5.356   1.00 28.33 ? 88  HIS A ND1 1 
ATOM   682  C  CD2 . HIS A 1 89  ? 8.140   10.309  3.382   1.00 28.89 ? 88  HIS A CD2 1 
ATOM   683  C  CE1 . HIS A 1 89  ? 9.439   8.947   4.507   1.00 28.10 ? 88  HIS A CE1 1 
ATOM   684  N  NE2 . HIS A 1 89  ? 9.195   9.435   3.304   1.00 25.72 ? 88  HIS A NE2 1 
ATOM   685  N  N   . ILE A 1 90  ? 5.177   8.163   4.566   1.00 22.36 ? 89  ILE A N   1 
ATOM   686  C  CA  . ILE A 1 90  ? 4.766   7.371   3.413   1.00 21.21 ? 89  ILE A CA  1 
ATOM   687  C  C   . ILE A 1 90  ? 3.249   7.123   3.453   1.00 21.89 ? 89  ILE A C   1 
ATOM   688  O  O   . ILE A 1 90  ? 2.722   6.572   4.424   1.00 20.12 ? 89  ILE A O   1 
ATOM   689  C  CB  . ILE A 1 90  ? 5.556   6.023   3.366   1.00 21.52 ? 89  ILE A CB  1 
ATOM   690  C  CG1 . ILE A 1 90  ? 7.060   6.303   3.430   1.00 27.06 ? 89  ILE A CG1 1 
ATOM   691  C  CG2 . ILE A 1 90  ? 5.202   5.212   2.106   1.00 18.86 ? 89  ILE A CG2 1 
ATOM   692  C  CD1 . ILE A 1 90  ? 7.941   5.065   3.359   1.00 21.39 ? 89  ILE A CD1 1 
ATOM   693  N  N   . PRO A 1 91  ? 2.531   7.532   2.392   1.00 19.76 ? 90  PRO A N   1 
ATOM   694  C  CA  . PRO A 1 91  ? 1.076   7.380   2.400   1.00 24.12 ? 90  PRO A CA  1 
ATOM   695  C  C   . PRO A 1 91  ? 0.661   5.916   2.334   1.00 17.83 ? 90  PRO A C   1 
ATOM   696  O  O   . PRO A 1 91  ? 1.229   5.177   1.535   1.00 16.45 ? 90  PRO A O   1 
ATOM   697  C  CB  . PRO A 1 91  ? 0.629   8.126   1.131   1.00 24.23 ? 90  PRO A CB  1 
ATOM   698  C  CG  . PRO A 1 91  ? 1.798   8.943   0.715   1.00 23.90 ? 90  PRO A CG  1 
ATOM   699  C  CD  . PRO A 1 91  ? 3.002   8.160   1.147   1.00 24.72 ? 90  PRO A CD  1 
ATOM   700  N  N   . VAL A 1 92  ? -0.323  5.531   3.142   1.00 15.92 ? 91  VAL A N   1 
ATOM   701  C  CA  . VAL A 1 92  ? -0.799  4.139   3.191   1.00 18.26 ? 91  VAL A CA  1 
ATOM   702  C  C   . VAL A 1 92  ? -2.310  4.050   2.975   1.00 18.83 ? 91  VAL A C   1 
ATOM   703  O  O   . VAL A 1 92  ? -3.089  4.717   3.648   1.00 18.15 ? 91  VAL A O   1 
ATOM   704  C  CB  . VAL A 1 92  ? -0.464  3.471   4.527   1.00 19.29 ? 91  VAL A CB  1 
ATOM   705  C  CG1 . VAL A 1 92  ? -1.074  2.053   4.583   1.00 15.36 ? 91  VAL A CG1 1 
ATOM   706  C  CG2 . VAL A 1 92  ? 1.040   3.396   4.708   1.00 18.05 ? 91  VAL A CG2 1 
ATOM   707  N  N   . VAL A 1 93  ? -2.702  3.236   2.006   1.00 17.73 ? 92  VAL A N   1 
ATOM   708  C  CA  . VAL A 1 93  ? -4.093  2.872   1.779   1.00 18.17 ? 92  VAL A CA  1 
ATOM   709  C  C   . VAL A 1 93  ? -4.301  1.473   2.338   1.00 16.40 ? 92  VAL A C   1 
ATOM   710  O  O   . VAL A 1 93  ? -3.597  0.561   1.931   1.00 17.08 ? 92  VAL A O   1 
ATOM   711  C  CB  . VAL A 1 93  ? -4.452  2.855   0.283   1.00 16.30 ? 92  VAL A CB  1 
ATOM   712  C  CG1 . VAL A 1 93  ? -5.921  2.451   0.091   1.00 14.68 ? 92  VAL A CG1 1 
ATOM   713  C  CG2 . VAL A 1 93  ? -4.146  4.214   -0.367  1.00 15.87 ? 92  VAL A CG2 1 
ATOM   714  N  N   . MET A 1 94  ? -5.246  1.302   3.261   1.00 18.29 ? 93  MET A N   1 
ATOM   715  C  CA  . MET A 1 94  ? -5.546  -0.032  3.793   1.00 20.24 ? 93  MET A CA  1 
ATOM   716  C  C   . MET A 1 94  ? -6.517  -0.748  2.868   1.00 18.52 ? 93  MET A C   1 
ATOM   717  O  O   . MET A 1 94  ? -7.528  -0.179  2.465   1.00 18.49 ? 93  MET A O   1 
ATOM   718  C  CB  . MET A 1 94  ? -6.145  0.034   5.210   1.00 21.60 ? 93  MET A CB  1 
ATOM   719  C  CG  . MET A 1 94  ? -5.235  0.616   6.296   1.00 17.80 ? 93  MET A CG  1 
ATOM   720  S  SD  . MET A 1 94  ? -3.645  -0.212  6.365   1.00 20.80 ? 93  MET A SD  1 
ATOM   721  C  CE  . MET A 1 94  ? -4.150  -1.879  6.781   1.00 18.64 ? 93  MET A CE  1 
ATOM   722  N  N   . LEU A 1 95  ? -6.211  -1.999  2.539   1.00 20.02 ? 94  LEU A N   1 
ATOM   723  C  CA  . LEU A 1 95  ? -7.131  -2.830  1.769   1.00 20.00 ? 94  LEU A CA  1 
ATOM   724  C  C   . LEU A 1 95  ? -7.848  -3.791  2.700   1.00 21.24 ? 94  LEU A C   1 
ATOM   725  O  O   . LEU A 1 95  ? -7.210  -4.477  3.497   1.00 18.89 ? 94  LEU A O   1 
ATOM   726  C  CB  . LEU A 1 95  ? -6.398  -3.618  0.693   1.00 14.82 ? 94  LEU A CB  1 
ATOM   727  C  CG  . LEU A 1 95  ? -5.446  -2.839  -0.215  1.00 18.60 ? 94  LEU A CG  1 
ATOM   728  C  CD1 . LEU A 1 95  ? -4.846  -3.801  -1.212  1.00 16.27 ? 94  LEU A CD1 1 
ATOM   729  C  CD2 . LEU A 1 95  ? -6.176  -1.711  -0.915  1.00 17.22 ? 94  LEU A CD2 1 
ATOM   730  N  N   . THR A 1 96  ? -9.171  -3.833  2.615   1.00 22.82 ? 95  THR A N   1 
ATOM   731  C  CA  . THR A 1 96  ? -9.934  -4.754  3.445   1.00 23.64 ? 95  THR A CA  1 
ATOM   732  C  C   . THR A 1 96  ? -10.940 -5.546  2.607   1.00 29.19 ? 95  THR A C   1 
ATOM   733  O  O   . THR A 1 96  ? -11.187 -5.225  1.441   1.00 20.81 ? 95  THR A O   1 
ATOM   734  C  CB  . THR A 1 96  ? -10.680 -4.020  4.569   1.00 26.70 ? 95  THR A CB  1 
ATOM   735  O  OG1 . THR A 1 96  ? -11.818 -3.345  4.032   1.00 27.34 ? 95  THR A OG1 1 
ATOM   736  C  CG2 . THR A 1 96  ? -9.769  -3.021  5.279   1.00 26.27 ? 95  THR A CG2 1 
ATOM   737  N  N   . SER A 1 97  ? -11.496 -6.595  3.209   1.00 32.83 ? 96  SER A N   1 
ATOM   738  C  CA  . SER A 1 97  ? -12.528 -7.417  2.578   1.00 31.06 ? 96  SER A CA  1 
ATOM   739  C  C   . SER A 1 97  ? -13.936 -6.907  2.908   1.00 34.54 ? 96  SER A C   1 
ATOM   740  O  O   . SER A 1 97  ? -14.892 -7.182  2.186   1.00 37.58 ? 96  SER A O   1 
ATOM   741  C  CB  . SER A 1 97  ? -12.391 -8.881  3.023   1.00 37.12 ? 96  SER A CB  1 
ATOM   742  O  OG  . SER A 1 97  ? -11.134 -9.433  2.653   1.00 41.53 ? 96  SER A OG  1 
ATOM   743  N  N   . SER A 1 98  ? -14.066 -6.172  4.006   1.00 35.33 ? 97  SER A N   1 
ATOM   744  C  CA  . SER A 1 98  ? -15.371 -5.671  4.427   1.00 41.53 ? 97  SER A CA  1 
ATOM   745  C  C   . SER A 1 98  ? -15.269 -4.256  4.973   1.00 45.99 ? 97  SER A C   1 
ATOM   746  O  O   . SER A 1 98  ? -14.204 -3.829  5.414   1.00 40.82 ? 97  SER A O   1 
ATOM   747  C  CB  . SER A 1 98  ? -15.986 -6.584  5.487   1.00 42.84 ? 97  SER A CB  1 
ATOM   748  O  OG  . SER A 1 98  ? -15.250 -6.518  6.696   1.00 45.57 ? 97  SER A OG  1 
ATOM   749  N  N   . ARG A 1 99  ? -16.386 -3.535  4.958   1.00 42.21 ? 98  ARG A N   1 
ATOM   750  C  CA  . ARG A 1 99  ? -16.419 -2.183  5.494   1.00 42.20 ? 98  ARG A CA  1 
ATOM   751  C  C   . ARG A 1 99  ? -16.273 -2.195  7.010   1.00 47.55 ? 98  ARG A C   1 
ATOM   752  O  O   . ARG A 1 99  ? -15.908 -1.191  7.617   1.00 47.95 ? 98  ARG A O   1 
ATOM   753  C  CB  . ARG A 1 99  ? -17.711 -1.479  5.081   1.00 54.27 ? 98  ARG A CB  1 
ATOM   754  N  N   . GLU A 1 100 ? -16.542 -3.350  7.613   1.00 47.07 ? 99  GLU A N   1 
ATOM   755  C  CA  . GLU A 1 100 ? -16.538 -3.496  9.062   1.00 41.84 ? 99  GLU A CA  1 
ATOM   756  C  C   . GLU A 1 100 ? -15.122 -3.666  9.587   1.00 47.47 ? 99  GLU A C   1 
ATOM   757  O  O   . GLU A 1 100 ? -14.808 -3.275  10.715  1.00 48.13 ? 99  GLU A O   1 
ATOM   758  C  CB  . GLU A 1 100 ? -17.410 -4.686  9.482   1.00 52.52 ? 99  GLU A CB  1 
ATOM   759  C  CG  . GLU A 1 100 ? -18.904 -4.522  9.168   1.00 57.72 ? 99  GLU A CG  1 
ATOM   760  C  CD  . GLU A 1 100 ? -19.206 -4.534  7.675   1.00 58.42 ? 99  GLU A CD  1 
ATOM   761  O  OE1 . GLU A 1 100 ? -18.629 -5.388  6.960   1.00 56.42 ? 99  GLU A OE1 1 
ATOM   762  O  OE2 . GLU A 1 100 ? -20.004 -3.681  7.215   1.00 56.43 ? 99  GLU A OE2 1 
ATOM   763  N  N   . GLU A 1 101 ? -14.266 -4.264  8.767   1.00 43.54 ? 100 GLU A N   1 
ATOM   764  C  CA  . GLU A 1 101 ? -12.850 -4.327  9.089   1.00 39.85 ? 100 GLU A CA  1 
ATOM   765  C  C   . GLU A 1 101 ? -12.294 -2.914  9.198   1.00 35.34 ? 100 GLU A C   1 
ATOM   766  O  O   . GLU A 1 101 ? -11.377 -2.667  9.977   1.00 34.39 ? 100 GLU A O   1 
ATOM   767  C  CB  . GLU A 1 101 ? -12.077 -5.119  8.038   1.00 38.57 ? 100 GLU A CB  1 
ATOM   768  C  CG  . GLU A 1 101 ? -12.313 -6.616  8.042   1.00 39.71 ? 100 GLU A CG  1 
ATOM   769  C  CD  . GLU A 1 101 ? -11.391 -7.317  7.074   1.00 39.19 ? 100 GLU A CD  1 
ATOM   770  O  OE1 . GLU A 1 101 ? -11.165 -6.757  5.981   1.00 42.06 ? 100 GLU A OE1 1 
ATOM   771  O  OE2 . GLU A 1 101 ? -10.884 -8.416  7.389   1.00 42.76 ? 100 GLU A OE2 1 
ATOM   772  N  N   . GLN A 1 102 ? -12.861 -1.989  8.416   1.00 31.82 ? 101 GLN A N   1 
ATOM   773  C  CA  A GLN A 1 102 ? -12.428 -0.597  8.426   0.53 30.93 ? 101 GLN A CA  1 
ATOM   774  C  CA  B GLN A 1 102 ? -12.424 -0.595  8.429   0.47 30.96 ? 101 GLN A CA  1 
ATOM   775  C  C   . GLN A 1 102 ? -12.795 0.082   9.739   1.00 33.22 ? 101 GLN A C   1 
ATOM   776  O  O   . GLN A 1 102 ? -12.057 0.929   10.249  1.00 29.01 ? 101 GLN A O   1 
ATOM   777  C  CB  A GLN A 1 102 ? -13.050 0.161   7.251   0.53 31.87 ? 101 GLN A CB  1 
ATOM   778  C  CB  B GLN A 1 102 ? -13.041 0.182   7.263   0.47 31.88 ? 101 GLN A CB  1 
ATOM   779  C  CG  A GLN A 1 102 ? -12.825 1.650   7.297   0.53 31.01 ? 101 GLN A CG  1 
ATOM   780  C  CG  B GLN A 1 102 ? -12.792 -0.416  5.890   0.47 29.96 ? 101 GLN A CG  1 
ATOM   781  C  CD  A GLN A 1 102 ? -13.593 2.391   6.233   0.53 29.47 ? 101 GLN A CD  1 
ATOM   782  C  CD  B GLN A 1 102 ? -13.419 0.418   4.792   0.47 29.02 ? 101 GLN A CD  1 
ATOM   783  O  OE1 A GLN A 1 102 ? -14.154 3.451   6.491   0.53 29.31 ? 101 GLN A OE1 1 
ATOM   784  O  OE1 B GLN A 1 102 ? -14.226 1.304   5.060   0.47 32.79 ? 101 GLN A OE1 1 
ATOM   785  N  NE2 A GLN A 1 102 ? -13.621 1.839   5.024   0.53 31.68 ? 101 GLN A NE2 1 
ATOM   786  N  NE2 B GLN A 1 102 ? -13.043 0.147   3.555   0.47 27.89 ? 101 GLN A NE2 1 
ATOM   787  N  N   . ASP A 1 103 ? -13.945 -0.290  10.278  1.00 33.69 ? 102 ASP A N   1 
ATOM   788  C  CA  . ASP A 1 103 ? -14.403 0.298   11.518  1.00 35.21 ? 102 ASP A CA  1 
ATOM   789  C  C   . ASP A 1 103 ? -13.453 -0.076  12.638  1.00 28.52 ? 102 ASP A C   1 
ATOM   790  O  O   . ASP A 1 103 ? -13.102 0.773   13.463  1.00 26.91 ? 102 ASP A O   1 
ATOM   791  C  CB  . ASP A 1 103 ? -15.830 -0.145  11.831  1.00 42.38 ? 102 ASP A CB  1 
ATOM   792  C  CG  . ASP A 1 103 ? -16.852 0.524   10.930  1.00 48.75 ? 102 ASP A CG  1 
ATOM   793  O  OD1 . ASP A 1 103 ? -16.700 1.737   10.645  1.00 52.32 ? 102 ASP A OD1 1 
ATOM   794  O  OD2 . ASP A 1 103 ? -17.802 -0.162  10.501  1.00 59.38 ? 102 ASP A OD2 1 
ATOM   795  N  N   . LEU A 1 104 ? -13.012 -1.331  12.646  1.00 27.10 ? 103 LEU A N   1 
ATOM   796  C  CA  . LEU A 1 104 ? -12.030 -1.782  13.633  1.00 27.80 ? 103 LEU A CA  1 
ATOM   797  C  C   . LEU A 1 104 ? -10.722 -1.008  13.501  1.00 26.75 ? 103 LEU A C   1 
ATOM   798  O  O   . LEU A 1 104 ? -10.184 -0.517  14.487  1.00 24.92 ? 103 LEU A O   1 
ATOM   799  C  CB  . LEU A 1 104 ? -11.750 -3.277  13.494  1.00 27.91 ? 103 LEU A CB  1 
ATOM   800  C  CG  . LEU A 1 104 ? -12.754 -4.237  14.133  1.00 33.09 ? 103 LEU A CG  1 
ATOM   801  C  CD1 . LEU A 1 104 ? -12.358 -5.659  13.812  1.00 27.67 ? 103 LEU A CD1 1 
ATOM   802  C  CD2 . LEU A 1 104 ? -12.850 -4.031  15.648  1.00 27.21 ? 103 LEU A CD2 1 
ATOM   803  N  N   . VAL A 1 105 ? -10.216 -0.907  12.278  1.00 25.13 ? 104 VAL A N   1 
ATOM   804  C  CA  . VAL A 1 105 ? -8.978  -0.180  12.041  1.00 21.70 ? 104 VAL A CA  1 
ATOM   805  C  C   . VAL A 1 105 ? -9.112  1.252   12.520  1.00 20.47 ? 104 VAL A C   1 
ATOM   806  O  O   . VAL A 1 105 ? -8.194  1.781   13.144  1.00 24.12 ? 104 VAL A O   1 
ATOM   807  C  CB  . VAL A 1 105 ? -8.574  -0.175  10.548  1.00 27.49 ? 104 VAL A CB  1 
ATOM   808  C  CG1 . VAL A 1 105 ? -7.420  0.797   10.308  1.00 23.13 ? 104 VAL A CG1 1 
ATOM   809  C  CG2 . VAL A 1 105 ? -8.173  -1.562  10.109  1.00 27.04 ? 104 VAL A CG2 1 
ATOM   810  N  N   . ARG A 1 106 ? -10.251 1.881   12.244  1.00 26.55 ? 105 ARG A N   1 
ATOM   811  C  CA  . ARG A 1 106 ? -10.438 3.266   12.670  1.00 28.08 ? 105 ARG A CA  1 
ATOM   812  C  C   . ARG A 1 106 ? -10.396 3.384   14.206  1.00 29.13 ? 105 ARG A C   1 
ATOM   813  O  O   . ARG A 1 106 ? -9.851  4.348   14.739  1.00 21.90 ? 105 ARG A O   1 
ATOM   814  C  CB  . ARG A 1 106 ? -11.748 3.845   12.114  1.00 31.47 ? 105 ARG A CB  1 
ATOM   815  C  CG  . ARG A 1 106 ? -11.734 4.085   10.589  1.00 30.81 ? 105 ARG A CG  1 
ATOM   816  C  CD  . ARG A 1 106 ? -13.029 4.737   10.116  1.00 39.99 ? 105 ARG A CD  1 
ATOM   817  N  NE  . ARG A 1 106 ? -13.163 4.778   8.658   1.00 35.12 ? 105 ARG A NE  1 
ATOM   818  C  CZ  . ARG A 1 106 ? -12.732 5.779   7.889   1.00 43.08 ? 105 ARG A CZ  1 
ATOM   819  N  NH1 . ARG A 1 106 ? -12.123 6.833   8.424   1.00 40.90 ? 105 ARG A NH1 1 
ATOM   820  N  NH2 . ARG A 1 106 ? -12.909 5.726   6.575   1.00 41.18 ? 105 ARG A NH2 1 
ATOM   821  N  N   . SER A 1 107 ? -10.940 2.389   14.907  1.00 24.81 ? 106 SER A N   1 
ATOM   822  C  CA  . SER A 1 107 ? -10.904 2.352   16.381  1.00 25.39 ? 106 SER A CA  1 
ATOM   823  C  C   . SER A 1 107 ? -9.485  2.383   16.969  1.00 21.26 ? 106 SER A C   1 
ATOM   824  O  O   . SER A 1 107 ? -9.298  2.735   18.132  1.00 29.11 ? 106 SER A O   1 
ATOM   825  C  CB  . SER A 1 107 ? -11.615 1.091   16.909  1.00 24.03 ? 106 SER A CB  1 
ATOM   826  O  OG  . SER A 1 107 ? -10.733 -0.026  16.893  1.00 21.30 ? 106 SER A OG  1 
ATOM   827  N  N   . TYR A 1 108 ? -8.487  1.985   16.189  1.00 22.14 ? 107 TYR A N   1 
ATOM   828  C  CA  . TYR A 1 108 ? -7.116  1.935   16.694  1.00 19.14 ? 107 TYR A CA  1 
ATOM   829  C  C   . TYR A 1 108 ? -6.455  3.314   16.680  1.00 25.08 ? 107 TYR A C   1 
ATOM   830  O  O   . TYR A 1 108 ? -5.343  3.469   17.176  1.00 25.21 ? 107 TYR A O   1 
ATOM   831  C  CB  . TYR A 1 108 ? -6.282  0.959   15.880  1.00 21.67 ? 107 TYR A CB  1 
ATOM   832  C  CG  . TYR A 1 108 ? -6.865  -0.445  15.855  1.00 26.23 ? 107 TYR A CG  1 
ATOM   833  C  CD1 . TYR A 1 108 ? -7.490  -0.989  16.980  1.00 25.61 ? 107 TYR A CD1 1 
ATOM   834  C  CD2 . TYR A 1 108 ? -6.818  -1.209  14.703  1.00 23.36 ? 107 TYR A CD2 1 
ATOM   835  C  CE1 . TYR A 1 108 ? -8.036  -2.283  16.949  1.00 25.89 ? 107 TYR A CE1 1 
ATOM   836  C  CE2 . TYR A 1 108 ? -7.356  -2.491  14.660  1.00 28.34 ? 107 TYR A CE2 1 
ATOM   837  C  CZ  . TYR A 1 108 ? -7.962  -3.020  15.781  1.00 27.25 ? 107 TYR A CZ  1 
ATOM   838  O  OH  . TYR A 1 108 ? -8.501  -4.283  15.706  1.00 26.11 ? 107 TYR A OH  1 
ATOM   839  N  N   . GLU A 1 109 ? -7.147  4.291   16.093  1.00 29.28 ? 108 GLU A N   1 
ATOM   840  C  CA  . GLU A 1 109 ? -6.703  5.690   16.070  1.00 29.39 ? 108 GLU A CA  1 
ATOM   841  C  C   . GLU A 1 109 ? -5.277  5.839   15.563  1.00 27.76 ? 108 GLU A C   1 
ATOM   842  O  O   . GLU A 1 109 ? -4.416  6.380   16.250  1.00 29.29 ? 108 GLU A O   1 
ATOM   843  C  CB  . GLU A 1 109 ? -6.823  6.310   17.462  1.00 30.53 ? 108 GLU A CB  1 
ATOM   844  C  CG  . GLU A 1 109 ? -8.251  6.392   17.965  1.00 38.63 ? 108 GLU A CG  1 
ATOM   845  C  CD  . GLU A 1 109 ? -8.349  7.007   19.348  1.00 55.37 ? 108 GLU A CD  1 
ATOM   846  O  OE1 . GLU A 1 109 ? -7.293  7.190   19.999  1.00 50.30 ? 108 GLU A OE1 1 
ATOM   847  O  OE2 . GLU A 1 109 ? -9.485  7.311   19.779  1.00 60.32 ? 108 GLU A OE2 1 
ATOM   848  N  N   . LEU A 1 110 ? -5.035  5.351   14.352  1.00 28.65 ? 109 LEU A N   1 
ATOM   849  C  CA  . LEU A 1 110 ? -3.708  5.374   13.772  1.00 28.26 ? 109 LEU A CA  1 
ATOM   850  C  C   . LEU A 1 110 ? -3.641  6.379   12.620  1.00 30.72 ? 109 LEU A C   1 
ATOM   851  O  O   . LEU A 1 110 ? -2.692  6.376   11.843  1.00 39.47 ? 109 LEU A O   1 
ATOM   852  C  CB  . LEU A 1 110 ? -3.313  3.977   13.297  1.00 29.92 ? 109 LEU A CB  1 
ATOM   853  C  CG  . LEU A 1 110 ? -2.943  3.006   14.428  1.00 26.02 ? 109 LEU A CG  1 
ATOM   854  C  CD1 . LEU A 1 110 ? -2.791  1.589   13.920  1.00 25.10 ? 109 LEU A CD1 1 
ATOM   855  C  CD2 . LEU A 1 110 ? -1.671  3.456   15.124  1.00 33.44 ? 109 LEU A CD2 1 
ATOM   856  N  N   . GLY A 1 111 ? -4.654  7.231   12.520  1.00 32.69 ? 110 GLY A N   1 
ATOM   857  C  CA  . GLY A 1 111 ? -4.664  8.281   11.514  1.00 33.71 ? 110 GLY A CA  1 
ATOM   858  C  C   . GLY A 1 111 ? -4.681  7.746   10.093  1.00 43.24 ? 110 GLY A C   1 
ATOM   859  O  O   . GLY A 1 111 ? -3.961  8.240   9.221   1.00 43.07 ? 110 GLY A O   1 
ATOM   860  N  N   . VAL A 1 112 ? -5.491  6.719   9.860   1.00 36.10 ? 111 VAL A N   1 
ATOM   861  C  CA  . VAL A 1 112 ? -5.686  6.202   8.515   1.00 39.82 ? 111 VAL A CA  1 
ATOM   862  C  C   . VAL A 1 112 ? -6.983  6.763   7.983   1.00 33.26 ? 111 VAL A C   1 
ATOM   863  O  O   . VAL A 1 112 ? -8.033  6.580   8.596   1.00 26.98 ? 111 VAL A O   1 
ATOM   864  C  CB  . VAL A 1 112 ? -5.742  4.656   8.469   1.00 34.95 ? 111 VAL A CB  1 
ATOM   865  C  CG1 . VAL A 1 112 ? -6.034  4.170   7.033   1.00 24.26 ? 111 VAL A CG1 1 
ATOM   866  C  CG2 . VAL A 1 112 ? -4.454  4.073   8.989   1.00 35.33 ? 111 VAL A CG2 1 
ATOM   867  N  N   . ASN A 1 113 ? -6.905  7.447   6.848   1.00 36.98 ? 112 ASN A N   1 
ATOM   868  C  CA  . ASN A 1 113 ? -8.086  8.031   6.221   1.00 38.25 ? 112 ASN A CA  1 
ATOM   869  C  C   . ASN A 1 113 ? -8.427  7.375   4.886   1.00 33.19 ? 112 ASN A C   1 
ATOM   870  O  O   . ASN A 1 113 ? -9.476  7.655   4.309   1.00 37.29 ? 112 ASN A O   1 
ATOM   871  C  CB  . ASN A 1 113 ? -7.886  9.534   6.012   1.00 50.54 ? 112 ASN A CB  1 
ATOM   872  C  CG  . ASN A 1 113 ? -8.544  10.361  7.090   1.00 56.73 ? 112 ASN A CG  1 
ATOM   873  O  OD1 . ASN A 1 113 ? -9.552  9.953   7.670   1.00 61.66 ? 112 ASN A OD1 1 
ATOM   874  N  ND2 . ASN A 1 113 ? -7.980  11.533  7.367   1.00 58.99 ? 112 ASN A ND2 1 
ATOM   875  N  N   . ALA A 1 114 ? -7.537  6.511   4.402   1.00 27.53 ? 113 ALA A N   1 
ATOM   876  C  CA  . ALA A 1 114 ? -7.706  5.894   3.089   1.00 21.03 ? 113 ALA A CA  1 
ATOM   877  C  C   . ALA A 1 114 ? -7.939  4.399   3.177   1.00 19.71 ? 113 ALA A C   1 
ATOM   878  O  O   . ALA A 1 114 ? -7.094  3.646   3.666   1.00 21.37 ? 113 ALA A O   1 
ATOM   879  C  CB  . ALA A 1 114 ? -6.502  6.175   2.217   1.00 20.67 ? 113 ALA A CB  1 
ATOM   880  N  N   . PHE A 1 115 ? -9.094  3.983   2.685   1.00 19.97 ? 114 PHE A N   1 
ATOM   881  C  CA  . PHE A 1 115 ? -9.477  2.587   2.674   1.00 23.05 ? 114 PHE A CA  1 
ATOM   882  C  C   . PHE A 1 115 ? -9.996  2.227   1.299   1.00 23.14 ? 114 PHE A C   1 
ATOM   883  O  O   . PHE A 1 115 ? -10.669 3.033   0.655   1.00 22.60 ? 114 PHE A O   1 
ATOM   884  C  CB  . PHE A 1 115 ? -10.562 2.306   3.711   1.00 26.22 ? 114 PHE A CB  1 
ATOM   885  C  CG  . PHE A 1 115 ? -10.099 2.425   5.126   1.00 26.05 ? 114 PHE A CG  1 
ATOM   886  C  CD1 . PHE A 1 115 ? -10.154 3.640   5.784   1.00 25.24 ? 114 PHE A CD1 1 
ATOM   887  C  CD2 . PHE A 1 115 ? -9.632  1.311   5.815   1.00 25.29 ? 114 PHE A CD2 1 
ATOM   888  C  CE1 . PHE A 1 115 ? -9.734  3.746   7.105   1.00 27.96 ? 114 PHE A CE1 1 
ATOM   889  C  CE2 . PHE A 1 115 ? -9.222  1.414   7.131   1.00 25.24 ? 114 PHE A CE2 1 
ATOM   890  C  CZ  . PHE A 1 115 ? -9.267  2.623   7.776   1.00 25.06 ? 114 PHE A CZ  1 
ATOM   891  N  N   . VAL A 1 116 ? -9.693  1.009   0.868   1.00 20.80 ? 115 VAL A N   1 
ATOM   892  C  CA  . VAL A 1 116 ? -10.344 0.415   -0.286  1.00 22.94 ? 115 VAL A CA  1 
ATOM   893  C  C   . VAL A 1 116 ? -10.880 -0.957  0.111   1.00 26.76 ? 115 VAL A C   1 
ATOM   894  O  O   . VAL A 1 116 ? -10.175 -1.742  0.749   1.00 22.65 ? 115 VAL A O   1 
ATOM   895  C  CB  . VAL A 1 116 ? -9.382  0.294   -1.476  1.00 18.23 ? 115 VAL A CB  1 
ATOM   896  C  CG1 . VAL A 1 116 ? -10.069 -0.342  -2.668  1.00 23.45 ? 115 VAL A CG1 1 
ATOM   897  C  CG2 . VAL A 1 116 ? -8.840  1.678   -1.843  1.00 19.38 ? 115 VAL A CG2 1 
ATOM   898  N  N   . VAL A 1 117 ? -12.138 -1.231  -0.233  1.00 23.97 ? 116 VAL A N   1 
ATOM   899  C  CA  . VAL A 1 117 ? -12.701 -2.567  -0.044  1.00 25.79 ? 116 VAL A CA  1 
ATOM   900  C  C   . VAL A 1 117 ? -12.487 -3.367  -1.308  1.00 28.48 ? 116 VAL A C   1 
ATOM   901  O  O   . VAL A 1 117 ? -12.828 -2.904  -2.390  1.00 31.17 ? 116 VAL A O   1 
ATOM   902  C  CB  . VAL A 1 117 ? -14.203 -2.547  0.270   1.00 23.38 ? 116 VAL A CB  1 
ATOM   903  C  CG1 . VAL A 1 117 ? -14.657 -3.936  0.730   1.00 31.11 ? 116 VAL A CG1 1 
ATOM   904  C  CG2 . VAL A 1 117 ? -14.516 -1.519  1.326   1.00 33.57 ? 116 VAL A CG2 1 
ATOM   905  N  N   . LYS A 1 118 ? -11.920 -4.561  -1.179  1.00 21.92 ? 117 LYS A N   1 
ATOM   906  C  CA  . LYS A 1 118 ? -11.622 -5.386  -2.334  1.00 21.97 ? 117 LYS A CA  1 
ATOM   907  C  C   . LYS A 1 118 ? -12.915 -5.953  -2.927  1.00 31.31 ? 117 LYS A C   1 
ATOM   908  O  O   . LYS A 1 118 ? -13.904 -6.123  -2.213  1.00 29.10 ? 117 LYS A O   1 
ATOM   909  C  CB  . LYS A 1 118 ? -10.638 -6.504  -1.945  1.00 23.83 ? 117 LYS A CB  1 
ATOM   910  C  CG  . LYS A 1 118 ? -9.273  -5.954  -1.518  1.00 23.22 ? 117 LYS A CG  1 
ATOM   911  C  CD  . LYS A 1 118 ? -8.225  -7.051  -1.385  1.00 18.61 ? 117 LYS A CD  1 
ATOM   912  C  CE  . LYS A 1 118 ? -8.028  -7.464  0.064   1.00 23.59 ? 117 LYS A CE  1 
ATOM   913  N  NZ  . LYS A 1 118 ? -7.039  -8.591  0.165   1.00 19.38 ? 117 LYS A NZ  1 
ATOM   914  N  N   . PRO A 1 119 ? -12.932 -6.217  -4.242  1.00 29.01 ? 118 PRO A N   1 
ATOM   915  C  CA  . PRO A 1 119 ? -11.866 -6.076  -5.242  1.00 26.01 ? 118 PRO A CA  1 
ATOM   916  C  C   . PRO A 1 119 ? -11.528 -4.612  -5.525  1.00 24.70 ? 118 PRO A C   1 
ATOM   917  O  O   . PRO A 1 119 ? -12.422 -3.777  -5.534  1.00 24.67 ? 118 PRO A O   1 
ATOM   918  C  CB  . PRO A 1 119 ? -12.470 -6.737  -6.481  1.00 29.79 ? 118 PRO A CB  1 
ATOM   919  C  CG  . PRO A 1 119 ? -13.933 -6.473  -6.334  1.00 32.93 ? 118 PRO A CG  1 
ATOM   920  C  CD  . PRO A 1 119 ? -14.200 -6.641  -4.863  1.00 32.96 ? 118 PRO A CD  1 
ATOM   921  N  N   . VAL A 1 120 ? -10.251 -4.311  -5.724  1.00 18.96 ? 119 VAL A N   1 
ATOM   922  C  CA  . VAL A 1 120 ? -9.833  -2.946  -5.991  1.00 20.40 ? 119 VAL A CA  1 
ATOM   923  C  C   . VAL A 1 120 ? -10.353 -2.530  -7.364  1.00 21.41 ? 119 VAL A C   1 
ATOM   924  O  O   . VAL A 1 120 ? -10.219 -3.277  -8.326  1.00 19.95 ? 119 VAL A O   1 
ATOM   925  C  CB  . VAL A 1 120 ? -8.300  -2.806  -5.930  1.00 19.60 ? 119 VAL A CB  1 
ATOM   926  C  CG1 . VAL A 1 120 ? -7.856  -1.437  -6.438  1.00 20.18 ? 119 VAL A CG1 1 
ATOM   927  C  CG2 . VAL A 1 120 ? -7.822  -3.034  -4.521  1.00 17.85 ? 119 VAL A CG2 1 
ATOM   928  N  N   . GLU A 1 121 ? -10.985 -1.362  -7.437  1.00 25.13 ? 120 GLU A N   1 
ATOM   929  C  CA  . GLU A 1 121 ? -11.400 -0.780  -8.716  1.00 26.49 ? 120 GLU A CA  1 
ATOM   930  C  C   . GLU A 1 121 ? -11.034 0.709   -8.713  1.00 24.85 ? 120 GLU A C   1 
ATOM   931  O  O   . GLU A 1 121 ? -10.817 1.277   -7.648  1.00 19.67 ? 120 GLU A O   1 
ATOM   932  C  CB  . GLU A 1 121 ? -12.899 -1.000  -8.958  1.00 24.30 ? 120 GLU A CB  1 
ATOM   933  C  CG  . GLU A 1 121 ? -13.799 -0.607  -7.807  1.00 32.57 ? 120 GLU A CG  1 
ATOM   934  C  CD  . GLU A 1 121 ? -14.145 0.872   -7.813  1.00 40.85 ? 120 GLU A CD  1 
ATOM   935  O  OE1 . GLU A 1 121 ? -14.451 1.423   -6.735  1.00 41.85 ? 120 GLU A OE1 1 
ATOM   936  O  OE2 . GLU A 1 121 ? -14.121 1.481   -8.904  1.00 42.81 ? 120 GLU A OE2 1 
ATOM   937  N  N   . PHE A 1 122 ? -10.954 1.348   -9.880  1.00 25.03 ? 121 PHE A N   1 
ATOM   938  C  CA  . PHE A 1 122 ? -10.282 2.654   -9.926  1.00 21.61 ? 121 PHE A CA  1 
ATOM   939  C  C   . PHE A 1 122 ? -11.021 3.769   -9.188  1.00 20.95 ? 121 PHE A C   1 
ATOM   940  O  O   . PHE A 1 122 ? -10.374 4.669   -8.651  1.00 18.48 ? 121 PHE A O   1 
ATOM   941  C  CB  . PHE A 1 122 ? -9.977  3.085   -11.381 1.00 26.22 ? 121 PHE A CB  1 
ATOM   942  C  CG  . PHE A 1 122 ? -11.184 3.500   -12.190 1.00 23.99 ? 121 PHE A CG  1 
ATOM   943  C  CD1 . PHE A 1 122 ? -11.799 4.727   -11.989 1.00 26.44 ? 121 PHE A CD1 1 
ATOM   944  C  CD2 . PHE A 1 122 ? -11.648 2.687   -13.212 1.00 33.11 ? 121 PHE A CD2 1 
ATOM   945  C  CE1 . PHE A 1 122 ? -12.900 5.108   -12.746 1.00 29.36 ? 121 PHE A CE1 1 
ATOM   946  C  CE2 . PHE A 1 122 ? -12.742 3.065   -13.978 1.00 32.63 ? 121 PHE A CE2 1 
ATOM   947  C  CZ  . PHE A 1 122 ? -13.369 4.272   -13.741 1.00 30.96 ? 121 PHE A CZ  1 
ATOM   948  N  N   . ASN A 1 123 ? -12.349 3.715   -9.127  1.00 21.09 ? 122 ASN A N   1 
ATOM   949  C  CA  . ASN A 1 123 ? -13.106 4.780   -8.474  1.00 27.07 ? 122 ASN A CA  1 
ATOM   950  C  C   . ASN A 1 123 ? -12.745 4.866   -7.005  1.00 25.23 ? 122 ASN A C   1 
ATOM   951  O  O   . ASN A 1 123 ? -12.414 5.934   -6.501  1.00 17.17 ? 122 ASN A O   1 
ATOM   952  C  CB  . ASN A 1 123 ? -14.613 4.570   -8.624  1.00 28.23 ? 122 ASN A CB  1 
ATOM   953  C  CG  . ASN A 1 123 ? -15.094 4.813   -10.041 1.00 41.82 ? 122 ASN A CG  1 
ATOM   954  O  OD1 . ASN A 1 123 ? -15.569 3.895   -10.713 1.00 46.93 ? 122 ASN A OD1 1 
ATOM   955  N  ND2 . ASN A 1 123 ? -14.973 6.056   -10.505 1.00 39.70 ? 122 ASN A ND2 1 
ATOM   956  N  N   . GLN A 1 124 ? -12.802 3.726   -6.325  1.00 22.87 ? 123 GLN A N   1 
ATOM   957  C  CA  . GLN A 1 124 ? -12.454 3.678   -4.917  1.00 22.59 ? 123 GLN A CA  1 
ATOM   958  C  C   . GLN A 1 124 ? -10.965 3.948   -4.728  1.00 17.37 ? 123 GLN A C   1 
ATOM   959  O  O   . GLN A 1 124 ? -10.570 4.594   -3.760  1.00 21.56 ? 123 GLN A O   1 
ATOM   960  C  CB  . GLN A 1 124 ? -12.843 2.321   -4.321  1.00 24.70 ? 123 GLN A CB  1 
ATOM   961  C  CG  . GLN A 1 124 ? -13.506 2.405   -2.959  1.00 37.76 ? 123 GLN A CG  1 
ATOM   962  C  CD  . GLN A 1 124 ? -13.602 1.046   -2.259  1.00 26.61 ? 123 GLN A CD  1 
ATOM   963  O  OE1 . GLN A 1 124 ? -13.756 0.977   -1.039  1.00 30.17 ? 123 GLN A OE1 1 
ATOM   964  N  NE2 . GLN A 1 124 ? -13.523 -0.032  -3.033  1.00 35.62 ? 123 GLN A NE2 1 
ATOM   965  N  N   . PHE A 1 125 ? -10.139 3.472   -5.659  1.00 19.04 ? 124 PHE A N   1 
ATOM   966  C  CA  . PHE A 1 125 ? -8.696  3.693   -5.563  1.00 20.14 ? 124 PHE A CA  1 
ATOM   967  C  C   . PHE A 1 125 ? -8.378  5.176   -5.640  1.00 21.31 ? 124 PHE A C   1 
ATOM   968  O  O   . PHE A 1 125 ? -7.640  5.705   -4.816  1.00 15.80 ? 124 PHE A O   1 
ATOM   969  C  CB  . PHE A 1 125 ? -7.932  2.937   -6.664  1.00 15.56 ? 124 PHE A CB  1 
ATOM   970  C  CG  . PHE A 1 125 ? -6.440  3.145   -6.610  1.00 22.37 ? 124 PHE A CG  1 
ATOM   971  C  CD1 . PHE A 1 125 ? -5.717  2.778   -5.487  1.00 24.24 ? 124 PHE A CD1 1 
ATOM   972  C  CD2 . PHE A 1 125 ? -5.760  3.712   -7.675  1.00 20.71 ? 124 PHE A CD2 1 
ATOM   973  C  CE1 . PHE A 1 125 ? -4.343  2.976   -5.429  1.00 25.97 ? 124 PHE A CE1 1 
ATOM   974  C  CE2 . PHE A 1 125 ? -4.386  3.910   -7.619  1.00 21.57 ? 124 PHE A CE2 1 
ATOM   975  C  CZ  . PHE A 1 125 ? -3.684  3.547   -6.498  1.00 23.88 ? 124 PHE A CZ  1 
ATOM   976  N  N   . PHE A 1 126 ? -8.947  5.859   -6.625  1.00 18.30 ? 125 PHE A N   1 
ATOM   977  C  CA  . PHE A 1 126 ? -8.658  7.280   -6.777  1.00 16.34 ? 125 PHE A CA  1 
ATOM   978  C  C   . PHE A 1 126 ? -9.179  8.081   -5.589  1.00 14.89 ? 125 PHE A C   1 
ATOM   979  O  O   . PHE A 1 126 ? -8.535  9.019   -5.135  1.00 16.55 ? 125 PHE A O   1 
ATOM   980  C  CB  . PHE A 1 126 ? -9.246  7.821   -8.083  1.00 15.76 ? 125 PHE A CB  1 
ATOM   981  C  CG  . PHE A 1 126 ? -8.798  9.214   -8.398  1.00 15.88 ? 125 PHE A CG  1 
ATOM   982  C  CD1 . PHE A 1 126 ? -7.471  9.466   -8.724  1.00 16.51 ? 125 PHE A CD1 1 
ATOM   983  C  CD2 . PHE A 1 126 ? -9.690  10.271  -8.353  1.00 20.79 ? 125 PHE A CD2 1 
ATOM   984  C  CE1 . PHE A 1 126 ? -7.037  10.753  -9.014  1.00 18.82 ? 125 PHE A CE1 1 
ATOM   985  C  CE2 . PHE A 1 126 ? -9.267  11.576  -8.646  1.00 19.97 ? 125 PHE A CE2 1 
ATOM   986  C  CZ  . PHE A 1 126 ? -7.943  11.813  -8.973  1.00 19.23 ? 125 PHE A CZ  1 
ATOM   987  N  N   . LYS A 1 127 ? -10.321 7.675   -5.050  1.00 17.86 ? 126 LYS A N   1 
ATOM   988  C  CA  . LYS A 1 127 ? -10.878 8.344   -3.878  1.00 18.87 ? 126 LYS A CA  1 
ATOM   989  C  C   . LYS A 1 127 ? -9.912  8.250   -2.695  1.00 19.36 ? 126 LYS A C   1 
ATOM   990  O  O   . LYS A 1 127 ? -9.734  9.207   -1.941  1.00 18.16 ? 126 LYS A O   1 
ATOM   991  C  CB  . LYS A 1 127 ? -12.231 7.731   -3.519  1.00 22.59 ? 126 LYS A CB  1 
ATOM   992  C  CG  . LYS A 1 127 ? -13.022 8.522   -2.506  1.00 36.97 ? 126 LYS A CG  1 
ATOM   993  C  CD  . LYS A 1 127 ? -14.404 7.917   -2.330  1.00 49.43 ? 126 LYS A CD  1 
ATOM   994  C  CE  . LYS A 1 127 ? -15.193 7.946   -3.636  1.00 58.99 ? 126 LYS A CE  1 
ATOM   995  N  NZ  . LYS A 1 127 ? -15.594 9.334   -4.018  1.00 57.15 ? 126 LYS A NZ  1 
ATOM   996  N  N   . ALA A 1 128 ? -9.269  7.092   -2.551  1.00 19.40 ? 127 ALA A N   1 
ATOM   997  C  CA  . ALA A 1 128 ? -8.268  6.901   -1.497  1.00 17.18 ? 127 ALA A CA  1 
ATOM   998  C  C   . ALA A 1 128 ? -7.057  7.800   -1.725  1.00 18.67 ? 127 ALA A C   1 
ATOM   999  O  O   . ALA A 1 128 ? -6.512  8.388   -0.794  1.00 18.63 ? 127 ALA A O   1 
ATOM   1000 C  CB  . ALA A 1 128 ? -7.838  5.446   -1.446  1.00 14.52 ? 127 ALA A CB  1 
ATOM   1001 N  N   . ILE A 1 129 ? -6.621  7.880   -2.977  1.00 19.07 ? 128 ILE A N   1 
ATOM   1002 C  CA  . ILE A 1 129 ? -5.578  8.826   -3.356  1.00 18.53 ? 128 ILE A CA  1 
ATOM   1003 C  C   . ILE A 1 129 ? -5.961  10.239  -2.918  1.00 18.68 ? 128 ILE A C   1 
ATOM   1004 O  O   . ILE A 1 129 ? -5.135  10.980  -2.366  1.00 18.60 ? 128 ILE A O   1 
ATOM   1005 C  CB  . ILE A 1 129 ? -5.328  8.798   -4.882  1.00 17.18 ? 128 ILE A CB  1 
ATOM   1006 C  CG1 . ILE A 1 129 ? -4.749  7.448   -5.302  1.00 24.26 ? 128 ILE A CG1 1 
ATOM   1007 C  CG2 . ILE A 1 129 ? -4.445  9.969   -5.322  1.00 18.54 ? 128 ILE A CG2 1 
ATOM   1008 C  CD1 . ILE A 1 129 ? -3.625  6.958   -4.413  1.00 17.06 ? 128 ILE A CD1 1 
ATOM   1009 N  N   . GLN A 1 130 ? -7.216  10.602  -3.160  1.00 21.50 ? 129 GLN A N   1 
ATOM   1010 C  CA  . GLN A 1 130 ? -7.727  11.914  -2.788  1.00 21.67 ? 129 GLN A CA  1 
ATOM   1011 C  C   . GLN A 1 130 ? -7.752  12.059  -1.268  1.00 24.18 ? 129 GLN A C   1 
ATOM   1012 O  O   . GLN A 1 130 ? -7.347  13.094  -0.721  1.00 18.86 ? 129 GLN A O   1 
ATOM   1013 C  CB  . GLN A 1 130 ? -9.124  12.127  -3.383  1.00 23.95 ? 129 GLN A CB  1 
ATOM   1014 C  CG  . GLN A 1 130 ? -9.092  12.371  -4.900  1.00 17.63 ? 129 GLN A CG  1 
ATOM   1015 C  CD  . GLN A 1 130 ? -8.237  13.569  -5.239  1.00 21.20 ? 129 GLN A CD  1 
ATOM   1016 O  OE1 . GLN A 1 130 ? -8.361  14.611  -4.615  1.00 24.20 ? 129 GLN A OE1 1 
ATOM   1017 N  NE2 . GLN A 1 130 ? -7.345  13.419  -6.206  1.00 20.35 ? 129 GLN A NE2 1 
ATOM   1018 N  N   . ASP A 1 131 ? -8.216  11.016  -0.585  1.00 18.55 ? 130 ASP A N   1 
ATOM   1019 C  CA  . ASP A 1 131 ? -8.251  11.037  0.880   1.00 25.07 ? 130 ASP A CA  1 
ATOM   1020 C  C   . ASP A 1 131 ? -6.852  11.217  1.474   1.00 24.54 ? 130 ASP A C   1 
ATOM   1021 O  O   . ASP A 1 131 ? -6.708  11.768  2.557   1.00 29.93 ? 130 ASP A O   1 
ATOM   1022 C  CB  . ASP A 1 131 ? -8.900  9.755   1.432   1.00 21.12 ? 130 ASP A CB  1 
ATOM   1023 C  CG  . ASP A 1 131 ? -10.414 9.743   1.251   1.00 31.16 ? 130 ASP A CG  1 
ATOM   1024 O  OD1 . ASP A 1 131 ? -10.999 10.839  1.129   1.00 28.75 ? 130 ASP A OD1 1 
ATOM   1025 O  OD2 . ASP A 1 131 ? -11.023 8.645   1.227   1.00 28.51 ? 130 ASP A OD2 1 
ATOM   1026 N  N   . LEU A 1 132 ? -5.820  10.778  0.754   1.00 21.54 ? 131 LEU A N   1 
ATOM   1027 C  CA  . LEU A 1 132 ? -4.441  10.906  1.237   1.00 19.14 ? 131 LEU A CA  1 
ATOM   1028 C  C   . LEU A 1 132 ? -3.762  12.228  0.905   1.00 25.48 ? 131 LEU A C   1 
ATOM   1029 O  O   . LEU A 1 132 ? -2.677  12.520  1.419   1.00 23.40 ? 131 LEU A O   1 
ATOM   1030 C  CB  . LEU A 1 132 ? -3.579  9.776   0.676   1.00 19.85 ? 131 LEU A CB  1 
ATOM   1031 C  CG  . LEU A 1 132 ? -3.850  8.379   1.235   1.00 23.75 ? 131 LEU A CG  1 
ATOM   1032 C  CD1 . LEU A 1 132 ? -2.930  7.400   0.571   1.00 27.80 ? 131 LEU A CD1 1 
ATOM   1033 C  CD2 . LEU A 1 132 ? -3.676  8.349   2.746   1.00 31.51 ? 131 LEU A CD2 1 
ATOM   1034 N  N   . GLY A 1 133 ? -4.368  13.015  0.023   1.00 23.89 ? 132 GLY A N   1 
ATOM   1035 C  CA  . GLY A 1 133 ? -3.763  14.267  -0.387  1.00 23.16 ? 132 GLY A CA  1 
ATOM   1036 C  C   . GLY A 1 133 ? -2.541  14.073  -1.265  1.00 24.62 ? 132 GLY A C   1 
ATOM   1037 O  O   . GLY A 1 133 ? -1.679  14.943  -1.333  1.00 25.69 ? 132 GLY A O   1 
ATOM   1038 N  N   . VAL A 1 134 ? -2.460  12.934  -1.949  1.00 18.37 ? 133 VAL A N   1 
ATOM   1039 C  CA  . VAL A 1 134 ? -1.312  12.645  -2.803  1.00 20.14 ? 133 VAL A CA  1 
ATOM   1040 C  C   . VAL A 1 134 ? -1.449  13.392  -4.126  1.00 24.62 ? 133 VAL A C   1 
ATOM   1041 O  O   . VAL A 1 134 ? -2.541  13.449  -4.682  1.00 20.97 ? 133 VAL A O   1 
ATOM   1042 C  CB  . VAL A 1 134 ? -1.178  11.129  -3.058  1.00 20.69 ? 133 VAL A CB  1 
ATOM   1043 C  CG1 . VAL A 1 134 ? -0.141  10.829  -4.136  1.00 20.53 ? 133 VAL A CG1 1 
ATOM   1044 C  CG2 . VAL A 1 134 ? -0.810  10.410  -1.753  1.00 22.84 ? 133 VAL A CG2 1 
ATOM   1045 N  N   . PHE A 1 135 ? -0.357  13.979  -4.614  1.00 19.65 ? 134 PHE A N   1 
ATOM   1046 C  CA  . PHE A 1 135 ? -0.392  14.663  -5.901  1.00 23.85 ? 134 PHE A CA  1 
ATOM   1047 C  C   . PHE A 1 135 ? -0.351  13.665  -7.053  1.00 23.96 ? 134 PHE A C   1 
ATOM   1048 O  O   . PHE A 1 135 ? 0.265   12.602  -6.960  1.00 19.68 ? 134 PHE A O   1 
ATOM   1049 C  CB  . PHE A 1 135 ? 0.765   15.657  -6.021  1.00 25.34 ? 134 PHE A CB  1 
ATOM   1050 C  CG  . PHE A 1 135 ? 0.537   16.936  -5.262  1.00 28.49 ? 134 PHE A CG  1 
ATOM   1051 C  CD1 . PHE A 1 135 ? 0.786   17.004  -3.902  1.00 31.82 ? 134 PHE A CD1 1 
ATOM   1052 C  CD2 . PHE A 1 135 ? 0.062   18.065  -5.906  1.00 30.58 ? 134 PHE A CD2 1 
ATOM   1053 C  CE1 . PHE A 1 135 ? 0.569   18.175  -3.204  1.00 33.67 ? 134 PHE A CE1 1 
ATOM   1054 C  CE2 . PHE A 1 135 ? -0.151  19.234  -5.211  1.00 29.90 ? 134 PHE A CE2 1 
ATOM   1055 C  CZ  . PHE A 1 135 ? 0.105   19.292  -3.865  1.00 32.51 ? 134 PHE A CZ  1 
ATOM   1056 N  N   . TRP A 1 136 ? -1.010  14.017  -8.149  1.00 18.94 ? 135 TRP A N   1 
ATOM   1057 C  CA  . TRP A 1 136 ? -1.080  13.121  -9.286  1.00 17.41 ? 135 TRP A CA  1 
ATOM   1058 C  C   . TRP A 1 136 ? -0.984  13.932  -10.565 1.00 22.32 ? 135 TRP A C   1 
ATOM   1059 O  O   . TRP A 1 136 ? -1.165  15.153  -10.560 1.00 17.89 ? 135 TRP A O   1 
ATOM   1060 C  CB  . TRP A 1 136 ? -2.363  12.280  -9.247  1.00 19.25 ? 135 TRP A CB  1 
ATOM   1061 C  CG  . TRP A 1 136 ? -3.622  13.066  -9.456  1.00 17.04 ? 135 TRP A CG  1 
ATOM   1062 C  CD1 . TRP A 1 136 ? -4.192  13.946  -8.586  1.00 18.65 ? 135 TRP A CD1 1 
ATOM   1063 C  CD2 . TRP A 1 136 ? -4.466  13.034  -10.612 1.00 14.35 ? 135 TRP A CD2 1 
ATOM   1064 N  NE1 . TRP A 1 136 ? -5.337  14.484  -9.139  1.00 19.59 ? 135 TRP A NE1 1 
ATOM   1065 C  CE2 . TRP A 1 136 ? -5.533  13.929  -10.377 1.00 18.91 ? 135 TRP A CE2 1 
ATOM   1066 C  CE3 . TRP A 1 136 ? -4.423  12.337  -11.822 1.00 19.29 ? 135 TRP A CE3 1 
ATOM   1067 C  CZ2 . TRP A 1 136 ? -6.548  14.144  -11.308 1.00 17.21 ? 135 TRP A CZ2 1 
ATOM   1068 C  CZ3 . TRP A 1 136 ? -5.433  12.543  -12.741 1.00 17.87 ? 135 TRP A CZ3 1 
ATOM   1069 C  CH2 . TRP A 1 136 ? -6.482  13.442  -12.480 1.00 16.71 ? 135 TRP A CH2 1 
ATOM   1070 N  N   . ALA A 1 137 ? -0.671  13.255  -11.656 1.00 18.39 ? 136 ALA A N   1 
ATOM   1071 C  CA  . ALA A 1 137 ? -0.387  13.956  -12.890 1.00 19.98 ? 136 ALA A CA  1 
ATOM   1072 C  C   . ALA A 1 137 ? -0.919  13.191  -14.073 1.00 21.06 ? 136 ALA A C   1 
ATOM   1073 O  O   . ALA A 1 137 ? -0.979  11.968  -14.052 1.00 17.37 ? 136 ALA A O   1 
ATOM   1074 C  CB  . ALA A 1 137 ? 1.108   14.170  -13.041 1.00 22.04 ? 136 ALA A CB  1 
ATOM   1075 N  N   . LEU A 1 138 ? -1.296  13.925  -15.113 1.00 17.80 ? 137 LEU A N   1 
ATOM   1076 C  CA  . LEU A 1 138 ? -1.601  13.316  -16.399 1.00 16.84 ? 137 LEU A CA  1 
ATOM   1077 C  C   . LEU A 1 138 ? -0.336  13.295  -17.258 1.00 21.65 ? 137 LEU A C   1 
ATOM   1078 O  O   . LEU A 1 138 ? 0.383   14.293  -17.339 1.00 22.70 ? 137 LEU A O   1 
ATOM   1079 C  CB  . LEU A 1 138 ? -2.720  14.094  -17.103 1.00 17.84 ? 137 LEU A CB  1 
ATOM   1080 C  CG  . LEU A 1 138 ? -4.061  14.090  -16.372 1.00 19.58 ? 137 LEU A CG  1 
ATOM   1081 C  CD1 . LEU A 1 138 ? -5.032  15.089  -16.992 1.00 22.11 ? 137 LEU A CD1 1 
ATOM   1082 C  CD2 . LEU A 1 138 ? -4.665  12.680  -16.361 1.00 15.53 ? 137 LEU A CD2 1 
ATOM   1083 N  N   . LEU A 1 139 ? -0.060  12.157  -17.886 1.00 24.41 ? 138 LEU A N   1 
ATOM   1084 C  CA  . LEU A 1 139 ? 1.126   12.019  -18.731 1.00 24.38 ? 138 LEU A CA  1 
ATOM   1085 C  C   . LEU A 1 139 ? 0.755   12.072  -20.215 1.00 33.10 ? 138 LEU A C   1 
ATOM   1086 O  O   . LEU A 1 139 ? -0.401  11.848  -20.586 1.00 29.70 ? 138 LEU A O   1 
ATOM   1087 C  CB  . LEU A 1 139 ? 1.852   10.710  -18.421 1.00 24.10 ? 138 LEU A CB  1 
ATOM   1088 C  CG  . LEU A 1 139 ? 2.173   10.481  -16.943 1.00 19.20 ? 138 LEU A CG  1 
ATOM   1089 C  CD1 . LEU A 1 139 ? 2.908   9.159   -16.762 1.00 28.27 ? 138 LEU A CD1 1 
ATOM   1090 C  CD2 . LEU A 1 139 ? 3.002   11.644  -16.410 1.00 22.37 ? 138 LEU A CD2 1 
ATOM   1091 N  N   . ASN A 1 140 ? 1.737   12.396  -21.052 1.00 33.79 ? 139 ASN A N   1 
ATOM   1092 C  CA  . ASN A 1 140 ? 1.556   12.410  -22.502 1.00 37.05 ? 139 ASN A CA  1 
ATOM   1093 C  C   . ASN A 1 140 ? 2.213   11.202  -23.128 1.00 40.59 ? 139 ASN A C   1 
ATOM   1094 O  O   . ASN A 1 140 ? 1.828   10.776  -24.220 1.00 45.71 ? 139 ASN A O   1 
ATOM   1095 C  CB  . ASN A 1 140 ? 2.138   13.678  -23.122 1.00 29.82 ? 139 ASN A CB  1 
ATOM   1096 C  CG  . ASN A 1 140 ? 1.285   14.895  -22.856 1.00 35.40 ? 139 ASN A CG  1 
ATOM   1097 O  OD1 . ASN A 1 140 ? 0.827   15.105  -21.732 1.00 31.08 ? 139 ASN A OD1 1 
ATOM   1098 N  ND2 . ASN A 1 140 ? 1.057   15.708  -23.894 1.00 30.94 ? 139 ASN A ND2 1 
ATOM   1099 N  N   . GLU A 1 141 ? 3.218   10.685  -22.419 1.00 45.15 ? 140 GLU A N   1 
ATOM   1100 C  CA  . GLU A 1 141 ? 3.957   9.464   -22.768 1.00 53.09 ? 140 GLU A CA  1 
ATOM   1101 C  C   . GLU A 1 141 ? 4.453   9.424   -24.212 1.00 62.21 ? 140 GLU A C   1 
ATOM   1102 O  O   . GLU A 1 141 ? 5.522   8.873   -24.495 1.00 61.87 ? 140 GLU A O   1 
ATOM   1103 C  CB  . GLU A 1 141 ? 3.102   8.224   -22.480 1.00 50.10 ? 140 GLU A CB  1 
ATOM   1104 C  CG  . GLU A 1 141 ? 3.197   7.754   -21.039 1.00 45.12 ? 140 GLU A CG  1 
ATOM   1105 C  CD  . GLU A 1 141 ? 3.343   6.240   -20.922 1.00 51.66 ? 140 GLU A CD  1 
ATOM   1106 O  OE1 . GLU A 1 141 ? 3.169   5.536   -21.938 1.00 54.70 ? 140 GLU A OE1 1 
ATOM   1107 O  OE2 . GLU A 1 141 ? 3.634   5.754   -19.809 1.00 53.70 ? 140 GLU A OE2 1 
HETATM 1108 MG MG  . MG  B 2 .   ? -4.726  -10.775 3.486   1.00 20.18 ? 201 MG  A MG  1 
HETATM 1109 O  O   . HOH C 3 .   ? -5.076  -11.021 13.547  1.00 37.40 ? 301 HOH A O   1 
HETATM 1110 O  O   . HOH C 3 .   ? -14.337 1.918   -11.050 1.00 37.40 ? 302 HOH A O   1 
HETATM 1111 O  O   . HOH C 3 .   ? -12.650 -0.880  -4.931  1.00 33.28 ? 303 HOH A O   1 
HETATM 1112 O  O   . HOH C 3 .   ? -14.651 -7.752  -0.005  1.00 38.87 ? 304 HOH A O   1 
HETATM 1113 O  O   . HOH C 3 .   ? 6.925   -14.744 -0.203  1.00 37.50 ? 305 HOH A O   1 
HETATM 1114 O  O   . HOH C 3 .   ? 9.058   -17.122 3.700   1.00 52.56 ? 306 HOH A O   1 
HETATM 1115 O  O   . HOH C 3 .   ? -11.915 9.970   7.832   1.00 62.83 ? 307 HOH A O   1 
HETATM 1116 O  O   . HOH C 3 .   ? -11.630 8.480   5.006   1.00 49.37 ? 308 HOH A O   1 
HETATM 1117 O  O   . HOH C 3 .   ? -9.313  -7.999  5.040   1.00 40.24 ? 309 HOH A O   1 
HETATM 1118 O  O   . HOH C 3 .   ? -2.573  -9.645  -12.947 1.00 38.99 ? 310 HOH A O   1 
HETATM 1119 O  O   . HOH C 3 .   ? 9.225   -0.047  -14.246 1.00 44.55 ? 311 HOH A O   1 
HETATM 1120 O  O   . HOH C 3 .   ? -10.852 4.148   19.450  1.00 35.52 ? 312 HOH A O   1 
HETATM 1121 O  O   . HOH C 3 .   ? -9.544  -8.855  -4.578  1.00 27.64 ? 313 HOH A O   1 
HETATM 1122 O  O   . HOH C 3 .   ? 8.995   10.687  8.214   1.00 37.31 ? 314 HOH A O   1 
HETATM 1123 O  O   . HOH C 3 .   ? -5.250  -12.730 4.222   1.00 20.03 ? 315 HOH A O   1 
HETATM 1124 O  O   . HOH C 3 .   ? -8.109  -12.298 0.720   1.00 35.22 ? 316 HOH A O   1 
HETATM 1125 O  O   . HOH C 3 .   ? -4.679  -6.790  -3.442  1.00 22.04 ? 317 HOH A O   1 
HETATM 1126 O  O   . HOH C 3 .   ? -11.910 -12.388 -12.483 1.00 27.82 ? 318 HOH A O   1 
HETATM 1127 O  O   . HOH C 3 .   ? -4.860  13.827  -3.674  1.00 24.56 ? 319 HOH A O   1 
HETATM 1128 O  O   . HOH C 3 .   ? -5.711  -11.059 1.630   1.00 20.20 ? 320 HOH A O   1 
HETATM 1129 O  O   . HOH C 3 .   ? -7.816  5.576   10.938  1.00 35.92 ? 321 HOH A O   1 
HETATM 1130 O  O   . HOH C 3 .   ? -6.316  -9.558  4.225   1.00 21.63 ? 322 HOH A O   1 
HETATM 1131 O  O   . HOH C 3 .   ? -4.313  -6.684  10.703  1.00 32.69 ? 323 HOH A O   1 
HETATM 1132 O  O   . HOH C 3 .   ? -7.289  -0.280  -20.071 1.00 42.47 ? 324 HOH A O   1 
HETATM 1133 O  O   . HOH C 3 .   ? 14.453  9.139   14.371  1.00 60.11 ? 325 HOH A O   1 
HETATM 1134 O  O   . HOH C 3 .   ? -13.500 8.337   0.626   1.00 45.85 ? 326 HOH A O   1 
HETATM 1135 O  O   . HOH C 3 .   ? 0.644   8.627   -25.020 1.00 47.08 ? 327 HOH A O   1 
HETATM 1136 O  O   . HOH C 3 .   ? 6.725   8.332   -0.063  1.00 25.39 ? 328 HOH A O   1 
HETATM 1137 O  O   . HOH C 3 .   ? 8.214   -14.223 4.192   1.00 24.15 ? 329 HOH A O   1 
HETATM 1138 O  O   . HOH C 3 .   ? -13.613 8.275   -10.516 1.00 24.33 ? 330 HOH A O   1 
HETATM 1139 O  O   . HOH C 3 .   ? -10.606 6.074   1.295   1.00 29.84 ? 331 HOH A O   1 
HETATM 1140 O  O   . HOH C 3 .   ? 11.959  -0.609  -5.759  1.00 28.05 ? 332 HOH A O   1 
HETATM 1141 O  O   . HOH C 3 .   ? 7.961   -3.803  13.150  1.00 38.48 ? 333 HOH A O   1 
HETATM 1142 O  O   . HOH C 3 .   ? 4.373   -15.462 3.242   1.00 24.50 ? 334 HOH A O   1 
HETATM 1143 O  O   . HOH C 3 .   ? 4.125   -11.042 14.030  1.00 33.43 ? 335 HOH A O   1 
HETATM 1144 O  O   . HOH C 3 .   ? -10.032 15.559  -2.812  1.00 29.26 ? 336 HOH A O   1 
HETATM 1145 O  O   . HOH C 3 .   ? -0.135  -3.902  -12.136 1.00 23.66 ? 337 HOH A O   1 
HETATM 1146 O  O   . HOH C 3 .   ? -11.582 4.662   -1.213  1.00 20.98 ? 338 HOH A O   1 
HETATM 1147 O  O   . HOH C 3 .   ? 6.147   -6.612  13.707  1.00 37.24 ? 339 HOH A O   1 
HETATM 1148 O  O   . HOH C 3 .   ? 1.990   7.068   6.973   1.00 30.94 ? 340 HOH A O   1 
HETATM 1149 O  O   . HOH C 3 .   ? -19.095 -5.380  4.329   1.00 42.00 ? 341 HOH A O   1 
HETATM 1150 O  O   . HOH C 3 .   ? -8.889  -0.455  -13.534 1.00 24.90 ? 342 HOH A O   1 
HETATM 1151 O  O   . HOH C 3 .   ? 1.996   15.356  -19.319 1.00 25.43 ? 343 HOH A O   1 
HETATM 1152 O  O   . HOH C 3 .   ? 11.231  3.140   1.853   1.00 29.23 ? 344 HOH A O   1 
HETATM 1153 O  O   . HOH C 3 .   ? 11.010  0.992   12.496  1.00 35.92 ? 345 HOH A O   1 
HETATM 1154 O  O   . HOH C 3 .   ? -6.940  8.023   13.717  1.00 35.38 ? 346 HOH A O   1 
HETATM 1155 O  O   . HOH C 3 .   ? 7.750   -11.762 -2.917  1.00 42.65 ? 347 HOH A O   1 
HETATM 1156 O  O   . HOH C 3 .   ? 13.431  -10.665 6.875   1.00 39.06 ? 348 HOH A O   1 
HETATM 1157 O  O   . HOH C 3 .   ? 8.004   -3.946  -10.168 1.00 34.45 ? 349 HOH A O   1 
HETATM 1158 O  O   . HOH C 3 .   ? -9.078  -6.699  -11.505 1.00 25.13 ? 350 HOH A O   1 
HETATM 1159 O  O   . HOH C 3 .   ? -8.596  -6.468  -5.688  1.00 20.23 ? 351 HOH A O   1 
HETATM 1160 O  O   . HOH C 3 .   ? 3.564   10.031  -2.623  1.00 25.50 ? 352 HOH A O   1 
HETATM 1161 O  O   . HOH C 3 .   ? -6.743  4.077   12.653  1.00 28.03 ? 353 HOH A O   1 
HETATM 1162 O  O   . HOH C 3 .   ? 11.698  8.421   -2.569  1.00 35.81 ? 354 HOH A O   1 
HETATM 1163 O  O   . HOH C 3 .   ? 0.717   0.752   -12.216 1.00 23.31 ? 355 HOH A O   1 
HETATM 1164 O  O   . HOH C 3 .   ? -2.148  -16.199 3.873   1.00 22.55 ? 356 HOH A O   1 
HETATM 1165 O  O   . HOH C 3 .   ? 4.865   11.900  1.803   1.00 36.12 ? 357 HOH A O   1 
HETATM 1166 O  O   . HOH C 3 .   ? 2.035   -14.740 2.038   1.00 18.47 ? 358 HOH A O   1 
HETATM 1167 O  O   . HOH C 3 .   ? -14.591 2.760   14.654  1.00 38.34 ? 359 HOH A O   1 
HETATM 1168 O  O   . HOH C 3 .   ? -15.043 -3.125  -4.975  1.00 38.49 ? 360 HOH A O   1 
HETATM 1169 O  O   . HOH C 3 .   ? -1.097  -14.475 -8.097  1.00 27.31 ? 361 HOH A O   1 
HETATM 1170 O  O   . HOH C 3 .   ? 10.111  2.677   -3.216  1.00 32.40 ? 362 HOH A O   1 
HETATM 1171 O  O   . HOH C 3 .   ? 4.220   -2.556  -12.387 1.00 28.28 ? 363 HOH A O   1 
HETATM 1172 O  O   . HOH C 3 .   ? -12.032 12.035  -1.183  1.00 35.42 ? 364 HOH A O   1 
HETATM 1173 O  O   . HOH C 3 .   ? 4.349   -13.157 -5.458  1.00 31.32 ? 365 HOH A O   1 
HETATM 1174 O  O   . HOH C 3 .   ? 13.930  3.462   4.159   1.00 34.82 ? 366 HOH A O   1 
HETATM 1175 O  O   . HOH C 3 .   ? -9.964  0.221   -15.906 1.00 42.04 ? 367 HOH A O   1 
HETATM 1176 O  O   . HOH C 3 .   ? 12.693  5.953   4.363   1.00 42.35 ? 368 HOH A O   1 
HETATM 1177 O  O   . HOH C 3 .   ? 20.603  -2.821  3.839   1.00 35.53 ? 369 HOH A O   1 
HETATM 1178 O  O   . HOH C 3 .   ? 21.312  -5.271  -4.174  0.50 40.35 ? 370 HOH A O   1 
HETATM 1179 O  O   . HOH C 3 .   ? -10.897 12.570  3.395   1.00 49.63 ? 371 HOH A O   1 
HETATM 1180 O  O   . HOH C 3 .   ? -7.131  -10.273 -13.272 1.00 38.52 ? 372 HOH A O   1 
HETATM 1181 O  O   . HOH C 3 .   ? -1.211  7.241   5.277   1.00 28.83 ? 373 HOH A O   1 
HETATM 1182 O  O   . HOH C 3 .   ? 2.207   -11.642 -9.596  1.00 40.45 ? 374 HOH A O   1 
HETATM 1183 O  O   . HOH C 3 .   ? 4.402   -6.023  -10.544 1.00 37.16 ? 375 HOH A O   1 
HETATM 1184 O  O   . HOH C 3 .   ? 7.492   -7.349  -7.179  1.00 22.01 ? 376 HOH A O   1 
HETATM 1185 O  O   . HOH C 3 .   ? 10.127  -10.679 -1.936  1.00 49.39 ? 377 HOH A O   1 
HETATM 1186 O  O   . HOH C 3 .   ? -3.420  -7.386  14.463  0.50 28.30 ? 378 HOH A O   1 
HETATM 1187 O  O   . HOH C 3 .   ? 7.707   3.731   -11.336 1.00 24.38 ? 379 HOH A O   1 
HETATM 1188 O  O   . HOH C 3 .   ? -1.355  9.357   -21.781 1.00 28.25 ? 380 HOH A O   1 
HETATM 1189 O  O   . HOH C 3 .   ? 11.180  15.649  -15.620 1.00 69.02 ? 381 HOH A O   1 
HETATM 1190 O  O   . HOH C 3 .   ? -0.793  1.009   -16.443 1.00 33.25 ? 382 HOH A O   1 
HETATM 1191 O  O   . HOH C 3 .   ? -3.097  6.423   6.051   1.00 36.98 ? 383 HOH A O   1 
HETATM 1192 O  O   . HOH C 3 .   ? 10.725  -0.779  10.537  1.00 36.91 ? 384 HOH A O   1 
HETATM 1193 O  O   . HOH C 3 .   ? 11.603  6.050   14.834  1.00 42.15 ? 385 HOH A O   1 
HETATM 1194 O  O   . HOH C 3 .   ? -11.022 -0.704  -12.073 1.00 28.21 ? 386 HOH A O   1 
HETATM 1195 O  O   . HOH C 3 .   ? -6.096  -15.423 1.967   1.00 42.04 ? 387 HOH A O   1 
HETATM 1196 O  O   . HOH C 3 .   ? -6.806  -15.923 -9.784  1.00 26.65 ? 388 HOH A O   1 
HETATM 1197 O  O   . HOH C 3 .   ? 17.628  -8.789  6.597   1.00 39.23 ? 389 HOH A O   1 
HETATM 1198 O  O   . HOH C 3 .   ? 14.314  5.541   12.744  1.00 44.08 ? 390 HOH A O   1 
HETATM 1199 O  O   . HOH C 3 .   ? 1.083   -17.402 -4.095  1.00 38.14 ? 391 HOH A O   1 
HETATM 1200 O  O   . HOH C 3 .   ? -9.296  -13.354 -13.453 1.00 41.75 ? 392 HOH A O   1 
HETATM 1201 O  O   . HOH C 3 .   ? 0.953   14.990  -26.946 1.00 33.87 ? 393 HOH A O   1 
HETATM 1202 O  O   . HOH C 3 .   ? 15.384  4.250   0.758   1.00 41.31 ? 394 HOH A O   1 
HETATM 1203 O  O   . HOH C 3 .   ? 1.856   3.335   15.776  1.00 42.24 ? 395 HOH A O   1 
HETATM 1204 O  O   . HOH C 3 .   ? 19.740  -8.560  4.093   1.00 40.03 ? 396 HOH A O   1 
HETATM 1205 O  O   . HOH C 3 .   ? 15.686  1.874   6.885   1.00 30.25 ? 397 HOH A O   1 
HETATM 1206 O  O   . HOH C 3 .   ? 19.451  -4.129  -5.079  1.00 40.23 ? 398 HOH A O   1 
HETATM 1207 O  O   . HOH C 3 .   ? 15.481  -10.797 5.899   1.00 47.43 ? 399 HOH A O   1 
HETATM 1208 O  O   . HOH C 3 .   ? -12.487 5.476   3.138   1.00 36.88 ? 400 HOH A O   1 
HETATM 1209 O  O   . HOH C 3 .   ? -10.416 14.317  1.194   1.00 48.54 ? 401 HOH A O   1 
HETATM 1210 O  O   . HOH C 3 .   ? -16.480 -8.609  -2.252  1.00 46.19 ? 402 HOH A O   1 
HETATM 1211 O  O   . HOH C 3 .   ? -0.771  -7.915  -14.335 1.00 45.22 ? 403 HOH A O   1 
HETATM 1212 O  O   . HOH C 3 .   ? 16.708  -12.244 3.392   1.00 40.37 ? 404 HOH A O   1 
HETATM 1213 O  O   . HOH C 3 .   ? -2.915  -10.795 -15.650 1.00 48.88 ? 405 HOH A O   1 
HETATM 1214 O  O   . HOH C 3 .   ? 7.362   -14.795 11.733  1.00 39.89 ? 406 HOH A O   1 
HETATM 1215 O  O   . HOH C 3 .   ? -9.825  -4.460  -13.085 1.00 32.90 ? 407 HOH A O   1 
HETATM 1216 O  O   . HOH C 3 .   ? -4.269  -16.521 1.098   1.00 36.07 ? 408 HOH A O   1 
HETATM 1217 O  O   . HOH C 3 .   ? -13.687 4.951   15.816  1.00 39.43 ? 409 HOH A O   1 
HETATM 1218 O  O   . HOH C 3 .   ? 11.077  -11.790 10.644  1.00 34.89 ? 410 HOH A O   1 
HETATM 1219 O  O   . HOH C 3 .   ? -5.438  -10.909 -16.797 1.00 58.75 ? 411 HOH A O   1 
HETATM 1220 O  O   . HOH C 3 .   ? -5.435  -14.734 -11.144 1.00 39.96 ? 412 HOH A O   1 
HETATM 1221 O  O   . HOH C 3 .   ? -11.535 14.221  -1.030  1.00 35.80 ? 413 HOH A O   1 
HETATM 1222 O  O   . HOH C 3 .   ? 11.314  12.721  4.373   1.00 43.46 ? 414 HOH A O   1 
HETATM 1223 O  O   . HOH C 3 .   ? 0.929   -1.537  -13.451 1.00 30.71 ? 415 HOH A O   1 
HETATM 1224 O  O   . HOH C 3 .   ? 0.586   -16.180 -7.384  1.00 37.24 ? 416 HOH A O   1 
HETATM 1225 O  O   . HOH C 3 .   ? -6.117  -12.776 -12.501 1.00 41.84 ? 417 HOH A O   1 
HETATM 1226 O  O   . HOH C 3 .   ? -11.595 13.364  6.199   1.00 56.63 ? 418 HOH A O   1 
HETATM 1227 O  O   . HOH C 3 .   ? -11.241 -7.067  -9.966  1.00 33.25 ? 419 HOH A O   1 
HETATM 1228 O  O   . HOH C 3 .   ? 14.585  7.833   4.515   1.00 49.02 ? 420 HOH A O   1 
HETATM 1229 O  O   . HOH C 3 .   ? 16.844  3.926   7.923   1.00 35.05 ? 421 HOH A O   1 
HETATM 1230 O  O   . HOH C 3 .   ? 7.567   12.940  8.818   1.00 46.12 ? 422 HOH A O   1 
HETATM 1231 O  O   . HOH C 3 .   ? -9.464  -8.653  -13.470 1.00 33.69 ? 423 HOH A O   1 
HETATM 1232 O  O   . HOH C 3 .   ? -11.249 -1.521  -18.027 1.00 43.40 ? 424 HOH A O   1 
HETATM 1233 O  O   . HOH C 3 .   ? -13.363 -0.546  -13.133 1.00 42.53 ? 425 HOH A O   1 
HETATM 1234 O  O   . HOH C 3 .   ? -12.949 -9.340  -10.096 1.00 35.34 ? 426 HOH A O   1 
HETATM 1235 O  O   . HOH C 3 .   ? -2.787  10.316  -24.159 1.00 40.20 ? 427 HOH A O   1 
HETATM 1236 O  O   . HOH C 3 .   ? 7.855   -10.136 14.042  1.00 54.92 ? 428 HOH A O   1 
HETATM 1237 O  O   . HOH C 3 .   ? -0.576  -9.999  -16.183 1.00 47.32 ? 429 HOH A O   1 
HETATM 1238 O  O   . HOH C 3 .   ? 12.734  -3.347  -6.003  1.00 34.23 ? 430 HOH A O   1 
HETATM 1239 O  O   . HOH C 3 .   ? -7.367  -14.070 5.281   1.00 41.07 ? 431 HOH A O   1 
HETATM 1240 O  O   . HOH C 3 .   ? 4.879   -8.363  -10.416 1.00 38.11 ? 432 HOH A O   1 
HETATM 1241 O  O   . HOH C 3 .   ? 3.628   -10.464 -8.395  1.00 36.95 ? 433 HOH A O   1 
HETATM 1242 O  O   . HOH C 3 .   ? -17.002 -5.731  -7.445  1.00 42.39 ? 434 HOH A O   1 
HETATM 1243 O  O   . HOH C 3 .   ? -12.479 -0.477  -15.632 1.00 45.48 ? 435 HOH A O   1 
# 
